data_2BE0
# 
_entry.id   2BE0 
# 
_audit_conform.dict_name       mmcif_pdbx.dic 
_audit_conform.dict_version    5.387 
_audit_conform.dict_location   http://mmcif.pdb.org/dictionaries/ascii/mmcif_pdbx.dic 
# 
loop_
_database_2.database_id 
_database_2.database_code 
_database_2.pdbx_database_accession 
_database_2.pdbx_DOI 
PDB   2BE0         pdb_00002be0 10.2210/pdb2be0/pdb 
NDB   DR0019       ?            ?                   
RCSB  RCSB034982   ?            ?                   
WWPDB D_1000034982 ?            ?                   
# 
loop_
_pdbx_audit_revision_history.ordinal 
_pdbx_audit_revision_history.data_content_type 
_pdbx_audit_revision_history.major_revision 
_pdbx_audit_revision_history.minor_revision 
_pdbx_audit_revision_history.revision_date 
1 'Structure model' 1 0 2005-12-20 
2 'Structure model' 1 1 2008-05-01 
3 'Structure model' 1 2 2011-07-13 
4 'Structure model' 1 3 2022-03-09 
5 'Structure model' 1 4 2023-08-23 
6 'Structure model' 1 5 2024-03-13 
# 
_pdbx_audit_revision_details.ordinal             1 
_pdbx_audit_revision_details.revision_ordinal    1 
_pdbx_audit_revision_details.data_content_type   'Structure model' 
_pdbx_audit_revision_details.provider            repository 
_pdbx_audit_revision_details.type                'Initial release' 
_pdbx_audit_revision_details.description         ? 
_pdbx_audit_revision_details.details             ? 
# 
loop_
_pdbx_audit_revision_group.ordinal 
_pdbx_audit_revision_group.revision_ordinal 
_pdbx_audit_revision_group.data_content_type 
_pdbx_audit_revision_group.group 
1 2 'Structure model' 'Version format compliance' 
2 3 'Structure model' 'Version format compliance' 
3 4 'Structure model' 'Database references'       
4 4 'Structure model' 'Derived calculations'      
5 4 'Structure model' 'Structure summary'         
6 5 'Structure model' 'Data collection'           
7 5 'Structure model' 'Refinement description'    
8 6 'Structure model' 'Source and taxonomy'       
# 
loop_
_pdbx_audit_revision_category.ordinal 
_pdbx_audit_revision_category.revision_ordinal 
_pdbx_audit_revision_category.data_content_type 
_pdbx_audit_revision_category.category 
1  4 'Structure model' chem_comp                     
2  4 'Structure model' database_2                    
3  4 'Structure model' entity                        
4  4 'Structure model' pdbx_entity_nonpoly           
5  4 'Structure model' pdbx_molecule_features        
6  4 'Structure model' struct_site                   
7  5 'Structure model' chem_comp_atom                
8  5 'Structure model' chem_comp_bond                
9  5 'Structure model' pdbx_initial_refinement_model 
10 6 'Structure model' pdbx_entity_src_syn           
# 
loop_
_pdbx_audit_revision_item.ordinal 
_pdbx_audit_revision_item.revision_ordinal 
_pdbx_audit_revision_item.data_content_type 
_pdbx_audit_revision_item.item 
1  4 'Structure model' '_chem_comp.name'                     
2  4 'Structure model' '_chem_comp.pdbx_synonyms'            
3  4 'Structure model' '_database_2.pdbx_DOI'                
4  4 'Structure model' '_database_2.pdbx_database_accession' 
5  4 'Structure model' '_entity.pdbx_description'            
6  4 'Structure model' '_pdbx_entity_nonpoly.name'           
7  4 'Structure model' '_struct_site.pdbx_auth_asym_id'      
8  4 'Structure model' '_struct_site.pdbx_auth_comp_id'      
9  4 'Structure model' '_struct_site.pdbx_auth_seq_id'       
10 6 'Structure model' '_pdbx_entity_src_syn.entity_id'      
# 
_pdbx_database_status.status_code                     REL 
_pdbx_database_status.entry_id                        2BE0 
_pdbx_database_status.recvd_initial_deposition_date   2005-10-21 
_pdbx_database_status.deposit_site                    RCSB 
_pdbx_database_status.process_site                    RCSB 
_pdbx_database_status.status_code_sf                  REL 
_pdbx_database_status.status_code_mr                  ? 
_pdbx_database_status.SG_entry                        ? 
_pdbx_database_status.status_code_cs                  ? 
_pdbx_database_status.methods_development_category    ? 
_pdbx_database_status.pdb_format_compatible           Y 
_pdbx_database_status.status_code_nmr_data            ? 
# 
loop_
_pdbx_database_related.db_name 
_pdbx_database_related.db_id 
_pdbx_database_related.details 
_pdbx_database_related.content_type 
PDB 1J7T 'Crystal structure of the Complex Between Paromomycin and the 16S-Rrna A-Site'                unspecified 
PDB 2BEE 'Crystal structure of the Complex Between Paromomycin derivative JS4 and the 16S-Rrna A Site' unspecified 
PDB 2ESI 'Crystal structure of the complex between Kanamycin A and the 16S-Rrna A Site'                unspecified 
PDB 2ESJ 'Crystal structure of the complex between Lividomycin A and the 16S-Rrna A Site'              unspecified 
# 
loop_
_audit_author.name 
_audit_author.pdbx_ordinal 
'Francois, B.' 1 
'Westhof, E.'  2 
# 
_citation.id                        primary 
_citation.title                     
'Antibacterial aminoglycosides with a modified mode of binding to the ribosomal-RNA decoding site' 
_citation.journal_abbrev            ANGEW.CHEM.INT.ED.ENGL. 
_citation.journal_volume            43 
_citation.page_first                6735 
_citation.page_last                 6738 
_citation.year                      2004 
_citation.journal_id_ASTM           ACIEAY 
_citation.country                   GE 
_citation.journal_id_ISSN           0570-0833 
_citation.journal_id_CSD            0179 
_citation.book_publisher            ? 
_citation.pdbx_database_id_PubMed   15593140 
_citation.pdbx_database_id_DOI      10.1002/anie.200462092 
# 
loop_
_citation_author.citation_id 
_citation_author.name 
_citation_author.ordinal 
_citation_author.identifier_ORCID 
primary 'Francois, B.'   1 ? 
primary 'Szychowski, J.' 2 ? 
primary 'Adhikari, S.S.' 3 ? 
primary 'Pachamuthu, K.' 4 ? 
primary 'Swayze, E.E.'   5 ? 
primary 'Griffey, R.H.'  6 ? 
primary 'Migawa, M.T.'   7 ? 
primary 'Westhof, E.'    8 ? 
primary 'Hanessian, S.'  9 ? 
# 
loop_
_entity.id 
_entity.type 
_entity.src_method 
_entity.pdbx_description 
_entity.formula_weight 
_entity.pdbx_number_of_molecules 
_entity.pdbx_ec 
_entity.pdbx_mutation 
_entity.pdbx_fragment 
_entity.details 
1 polymer     syn "5'-R(*CP*GP*CP*GP*UP*CP*AP*CP*AP*CP*CP*GP*GP*UP*GP*AP*AP*GP*UP*CP*GP*C)-3'" 7048.259 2  ? ? ? '16S Rrna A Site' 
2 non-polymer syn 
;(2S,3S,4R,5R,6R)-5-AMINO-2-(AMINOMETHYL)-6-((2R,3R,4R,5S)-5-((1R,2R,3S,5R,6S)-3,5-DIAMINO-2-((2S,3R,4R,5S,6R)-3-AMINO-4 ,5-DIHYDROXY-6-(HYDROXYMETHYL)-TETRAHYDRO-2H-PYRAN-2-YLOXY)-6-HYDROXYCYCLOHEXYLOXY)-2-(HYDROXYMETHYL)-4-(2-((R)-PIPERIDI N-3-YLMETHYLAMINO)ETHOXY)-TETRAHYDROFURAN-3-YLOXY)-TETRAHYDRO-2H-PYRAN-3,4-DIOL
;
755.855  2  ? ? ? ?                 
3 water       nat water 18.015   44 ? ? ? ?                 
# 
_entity_poly.entity_id                      1 
_entity_poly.type                           polyribonucleotide 
_entity_poly.nstd_linkage                   no 
_entity_poly.nstd_monomer                   no 
_entity_poly.pdbx_seq_one_letter_code       CGCGUCACACCGGUGAAGUCGC 
_entity_poly.pdbx_seq_one_letter_code_can   CGCGUCACACCGGUGAAGUCGC 
_entity_poly.pdbx_strand_id                 A,B 
_entity_poly.pdbx_target_identifier         ? 
# 
loop_
_pdbx_entity_nonpoly.entity_id 
_pdbx_entity_nonpoly.name 
_pdbx_entity_nonpoly.comp_id 
2 
;(2S,3S,4R,5R,6R)-5-AMINO-2-(AMINOMETHYL)-6-((2R,3R,4R,5S)-5-((1R,2R,3S,5R,6S)-3,5-DIAMINO-2-((2S,3R,4R,5S,6R)-3-AMINO-4 ,5-DIHYDROXY-6-(HYDROXYMETHYL)-TETRAHYDRO-2H-PYRAN-2-YLOXY)-6-HYDROXYCYCLOHEXYLOXY)-2-(HYDROXYMETHYL)-4-(2-((R)-PIPERIDI N-3-YLMETHYLAMINO)ETHOXY)-TETRAHYDROFURAN-3-YLOXY)-TETRAHYDRO-2H-PYRAN-3,4-DIOL
;
JS5 
3 water HOH 
# 
loop_
_entity_poly_seq.entity_id 
_entity_poly_seq.num 
_entity_poly_seq.mon_id 
_entity_poly_seq.hetero 
1 1  C n 
1 2  G n 
1 3  C n 
1 4  G n 
1 5  U n 
1 6  C n 
1 7  A n 
1 8  C n 
1 9  A n 
1 10 C n 
1 11 C n 
1 12 G n 
1 13 G n 
1 14 U n 
1 15 G n 
1 16 A n 
1 17 A n 
1 18 G n 
1 19 U n 
1 20 C n 
1 21 G n 
1 22 C n 
# 
_pdbx_entity_src_syn.entity_id              1 
_pdbx_entity_src_syn.pdbx_src_id            1 
_pdbx_entity_src_syn.pdbx_alt_source_flag   sample 
_pdbx_entity_src_syn.pdbx_beg_seq_num       ? 
_pdbx_entity_src_syn.pdbx_end_seq_num       ? 
_pdbx_entity_src_syn.organism_scientific    'Streptomyces rimosus subsp. paromomycinus' 
_pdbx_entity_src_syn.organism_common_name   ? 
_pdbx_entity_src_syn.ncbi_taxonomy_id       92743 
_pdbx_entity_src_syn.details                ? 
# 
loop_
_chem_comp.id 
_chem_comp.type 
_chem_comp.mon_nstd_flag 
_chem_comp.name 
_chem_comp.pdbx_synonyms 
_chem_comp.formula 
_chem_comp.formula_weight 
A   'RNA linking' y "ADENOSINE-5'-MONOPHOSPHATE" ? 'C10 H14 N5 O7 P' 347.221 
C   'RNA linking' y "CYTIDINE-5'-MONOPHOSPHATE" ? 'C9 H14 N3 O8 P'  323.197 
G   'RNA linking' y "GUANOSINE-5'-MONOPHOSPHATE" ? 'C10 H14 N5 O8 P' 363.221 
HOH non-polymer   . WATER ? 'H2 O'            18.015  
JS5 non-polymer   . 
;(2S,3S,4R,5R,6R)-5-AMINO-2-(AMINOMETHYL)-6-((2R,3R,4R,5S)-5-((1R,2R,3S,5R,6S)-3,5-DIAMINO-2-((2S,3R,4R,5S,6R)-3-AMINO-4 ,5-DIHYDROXY-6-(HYDROXYMETHYL)-TETRAHYDRO-2H-PYRAN-2-YLOXY)-6-HYDROXYCYCLOHEXYLOXY)-2-(HYDROXYMETHYL)-4-(2-((R)-PIPERIDI N-3-YLMETHYLAMINO)ETHOXY)-TETRAHYDROFURAN-3-YLOXY)-TETRAHYDRO-2H-PYRAN-3,4-DIOL
;
;2"-O-[N-(3-(AMINOMETHYL)-PYRIDINE)-2-AMINOETHYL]PAROMOMYCIN; O-2-AMINO-2-DEOXY-ALPHA-D-GLUCOPYRANOSYL-(1,4)-O-[O-2,6-DIAMINO-2,6-DIDEOXY-BETA-L-IDOPYRANOSYL-(1,3)-BETA-D-2-O-(3-ETHY LAMINOMETHYL)-PYRIDYL-(1,5)]-2-DEOXY-D-STREPTAMINE
;
'C31 H61 N7 O14'  755.855 
U   'RNA linking' y "URIDINE-5'-MONOPHOSPHATE" ? 'C9 H13 N2 O9 P'  324.181 
# 
loop_
_pdbx_poly_seq_scheme.asym_id 
_pdbx_poly_seq_scheme.entity_id 
_pdbx_poly_seq_scheme.seq_id 
_pdbx_poly_seq_scheme.mon_id 
_pdbx_poly_seq_scheme.ndb_seq_num 
_pdbx_poly_seq_scheme.pdb_seq_num 
_pdbx_poly_seq_scheme.auth_seq_num 
_pdbx_poly_seq_scheme.pdb_mon_id 
_pdbx_poly_seq_scheme.auth_mon_id 
_pdbx_poly_seq_scheme.pdb_strand_id 
_pdbx_poly_seq_scheme.pdb_ins_code 
_pdbx_poly_seq_scheme.hetero 
A 1 1  C 1  0  ?  ? ? A . n 
A 1 2  G 2  1  1  G G A . n 
A 1 3  C 3  2  2  C C A . n 
A 1 4  G 4  3  3  G G A . n 
A 1 5  U 5  4  4  U U A . n 
A 1 6  C 6  5  5  C C A . n 
A 1 7  A 7  6  6  A A A . n 
A 1 8  C 8  7  7  C C A . n 
A 1 9  A 9  8  8  A A A . n 
A 1 10 C 10 9  9  C C A . n 
A 1 11 C 11 10 10 C C A . n 
A 1 12 G 12 11 11 G G A . n 
A 1 13 G 13 12 12 G G A . n 
A 1 14 U 14 13 13 U U A . n 
A 1 15 G 15 14 14 G G A . n 
A 1 16 A 16 15 15 A A A . n 
A 1 17 A 17 16 16 A A A . n 
A 1 18 G 18 17 17 G G A . n 
A 1 19 U 19 18 18 U U A . n 
A 1 20 C 20 19 19 C C A . n 
A 1 21 G 21 20 20 G G A . n 
A 1 22 C 22 21 21 C C A . n 
B 1 1  C 1  21 ?  ? ? B . n 
B 1 2  G 2  22 22 G G B . n 
B 1 3  C 3  23 23 C C B . n 
B 1 4  G 4  24 24 G G B . n 
B 1 5  U 5  25 25 U U B . n 
B 1 6  C 6  26 26 C C B . n 
B 1 7  A 7  27 27 A A B . n 
B 1 8  C 8  28 28 C C B . n 
B 1 9  A 9  29 29 A A B . n 
B 1 10 C 10 30 30 C C B . n 
B 1 11 C 11 31 31 C C B . n 
B 1 12 G 12 32 32 G G B . n 
B 1 13 G 13 33 33 G G B . n 
B 1 14 U 14 34 34 U U B . n 
B 1 15 G 15 35 35 G G B . n 
B 1 16 A 16 36 36 A A B . n 
B 1 17 A 17 37 37 A A B . n 
B 1 18 G 18 38 38 G G B . n 
B 1 19 U 19 39 39 U U B . n 
B 1 20 C 20 40 40 C C B . n 
B 1 21 G 21 41 41 G G B . n 
B 1 22 C 22 42 42 C C B . n 
# 
loop_
_pdbx_nonpoly_scheme.asym_id 
_pdbx_nonpoly_scheme.entity_id 
_pdbx_nonpoly_scheme.mon_id 
_pdbx_nonpoly_scheme.ndb_seq_num 
_pdbx_nonpoly_scheme.pdb_seq_num 
_pdbx_nonpoly_scheme.auth_seq_num 
_pdbx_nonpoly_scheme.pdb_mon_id 
_pdbx_nonpoly_scheme.auth_mon_id 
_pdbx_nonpoly_scheme.pdb_strand_id 
_pdbx_nonpoly_scheme.pdb_ins_code 
C 2 JS5 1  50  50  JS5 JS5 A . 
D 2 JS5 1  51  51  JS5 JS5 B . 
E 3 HOH 1  100 100 HOH HOH A . 
E 3 HOH 2  101 101 HOH HOH A . 
E 3 HOH 3  102 102 HOH HOH A . 
E 3 HOH 4  103 103 HOH HOH A . 
E 3 HOH 5  104 104 HOH HOH A . 
E 3 HOH 6  106 106 HOH HOH A . 
E 3 HOH 7  108 108 HOH HOH A . 
E 3 HOH 8  112 112 HOH HOH A . 
E 3 HOH 9  114 114 HOH HOH A . 
E 3 HOH 10 115 115 HOH HOH A . 
E 3 HOH 11 116 116 HOH HOH A . 
E 3 HOH 12 117 117 HOH HOH A . 
E 3 HOH 13 120 120 HOH HOH A . 
E 3 HOH 14 122 122 HOH HOH A . 
E 3 HOH 15 123 123 HOH HOH A . 
E 3 HOH 16 124 124 HOH HOH A . 
E 3 HOH 17 125 125 HOH HOH A . 
E 3 HOH 18 126 126 HOH HOH A . 
E 3 HOH 19 127 127 HOH HOH A . 
E 3 HOH 20 128 128 HOH HOH A . 
E 3 HOH 21 132 132 HOH HOH A . 
E 3 HOH 22 133 133 HOH HOH A . 
E 3 HOH 23 135 135 HOH HOH A . 
E 3 HOH 24 136 136 HOH HOH A . 
E 3 HOH 25 137 137 HOH HOH A . 
E 3 HOH 26 143 143 HOH HOH A . 
F 3 HOH 1  105 105 HOH HOH B . 
F 3 HOH 2  107 107 HOH HOH B . 
F 3 HOH 3  109 109 HOH HOH B . 
F 3 HOH 4  110 110 HOH HOH B . 
F 3 HOH 5  111 111 HOH HOH B . 
F 3 HOH 6  113 113 HOH HOH B . 
F 3 HOH 7  118 118 HOH HOH B . 
F 3 HOH 8  119 119 HOH HOH B . 
F 3 HOH 9  121 121 HOH HOH B . 
F 3 HOH 10 129 129 HOH HOH B . 
F 3 HOH 11 130 130 HOH HOH B . 
F 3 HOH 12 131 131 HOH HOH B . 
F 3 HOH 13 134 134 HOH HOH B . 
F 3 HOH 14 138 138 HOH HOH B . 
F 3 HOH 15 139 139 HOH HOH B . 
F 3 HOH 16 140 140 HOH HOH B . 
F 3 HOH 17 141 141 HOH HOH B . 
F 3 HOH 18 142 142 HOH HOH B . 
# 
loop_
_software.name 
_software.classification 
_software.version 
_software.citation_id 
_software.pdbx_ordinal 
DENZO     'data reduction' .   ? 1 
SCALEPACK 'data scaling'   .   ? 2 
AMoRE     phasing          .   ? 3 
CNS       refinement       1.1 ? 4 
# 
_cell.entry_id           2BE0 
_cell.length_a           39.141 
_cell.length_b           39.141 
_cell.length_c           99.140 
_cell.angle_alpha        90.00 
_cell.angle_beta         90.00 
_cell.angle_gamma        90.00 
_cell.Z_PDB              8 
_cell.pdbx_unique_axis   ? 
_cell.length_a_esd       ? 
_cell.length_b_esd       ? 
_cell.length_c_esd       ? 
_cell.angle_alpha_esd    ? 
_cell.angle_beta_esd     ? 
_cell.angle_gamma_esd    ? 
# 
_symmetry.entry_id                         2BE0 
_symmetry.space_group_name_H-M             'P 41' 
_symmetry.pdbx_full_space_group_name_H-M   ? 
_symmetry.cell_setting                     ? 
_symmetry.Int_Tables_number                76 
_symmetry.space_group_name_Hall            ? 
# 
_exptl.entry_id          2BE0 
_exptl.method            'X-RAY DIFFRACTION' 
_exptl.crystals_number   1 
# 
_exptl_crystal.id                    1 
_exptl_crystal.density_meas          ? 
_exptl_crystal.density_Matthews      2.69 
_exptl_crystal.density_percent_sol   54.34 
_exptl_crystal.description           ? 
_exptl_crystal.F_000                 ? 
_exptl_crystal.preparation           ? 
# 
_exptl_crystal_grow.crystal_id      1 
_exptl_crystal_grow.method          'VAPOR DIFFUSION, HANGING DROP' 
_exptl_crystal_grow.temp            310 
_exptl_crystal_grow.temp_details    ? 
_exptl_crystal_grow.pH              6.4 
_exptl_crystal_grow.pdbx_details    
'6% MPD, 0.3M potassium chloride, 5% glycerol, 0.1M cacodylate, pH 6.4, VAPOR DIFFUSION, HANGING DROP, temperature 310K' 
_exptl_crystal_grow.pdbx_pH_range   . 
# 
loop_
_exptl_crystal_grow_comp.crystal_id 
_exptl_crystal_grow_comp.id 
_exptl_crystal_grow_comp.sol_id 
_exptl_crystal_grow_comp.name 
_exptl_crystal_grow_comp.volume 
_exptl_crystal_grow_comp.conc 
_exptl_crystal_grow_comp.details 
1 1 1 MPD                  ? ? ? 
1 2 1 'potassium chloride' ? ? ? 
1 3 1 glycerol             ? ? ? 
1 4 1 cacodylate           ? ? ? 
1 5 1 H2O                  ? ? ? 
1 6 2 MPD                  ? ? ? 
1 7 2 'potassium chloride' ? ? ? 
1 8 2 cacodylate           ? ? ? 
1 9 2 H2O                  ? ? ? 
# 
_diffrn.id                     1 
_diffrn.ambient_temp           110 
_diffrn.ambient_temp_details   ? 
_diffrn.crystal_id             1 
# 
_diffrn_detector.diffrn_id              1 
_diffrn_detector.detector               CCD 
_diffrn_detector.type                   'ADSC QUANTUM 4' 
_diffrn_detector.pdbx_collection_date   2004-02-13 
_diffrn_detector.details                ? 
# 
_diffrn_radiation.diffrn_id                        1 
_diffrn_radiation.wavelength_id                    1 
_diffrn_radiation.pdbx_monochromatic_or_laue_m_l   M 
_diffrn_radiation.monochromator                    ? 
_diffrn_radiation.pdbx_diffrn_protocol             'SINGLE WAVELENGTH' 
_diffrn_radiation.pdbx_scattering_type             x-ray 
# 
_diffrn_radiation_wavelength.id           1 
_diffrn_radiation_wavelength.wavelength   0.933 
_diffrn_radiation_wavelength.wt           1.0 
# 
_diffrn_source.diffrn_id                   1 
_diffrn_source.source                      SYNCHROTRON 
_diffrn_source.type                        'ESRF BEAMLINE ID14-2' 
_diffrn_source.pdbx_synchrotron_site       ESRF 
_diffrn_source.pdbx_synchrotron_beamline   ID14-2 
_diffrn_source.pdbx_wavelength             ? 
_diffrn_source.pdbx_wavelength_list        0.933 
# 
_reflns.entry_id                     2BE0 
_reflns.observed_criterion_sigma_I   5.0 
_reflns.observed_criterion_sigma_F   ? 
_reflns.d_resolution_low             50.0 
_reflns.d_resolution_high            2.63 
_reflns.number_obs                   46641 
_reflns.number_all                   46641 
_reflns.percent_possible_obs         99.0 
_reflns.pdbx_Rmerge_I_obs            0.06 
_reflns.pdbx_Rsym_value              ? 
_reflns.pdbx_netI_over_sigmaI        28 
_reflns.B_iso_Wilson_estimate        ? 
_reflns.pdbx_redundancy              10 
_reflns.R_free_details               ? 
_reflns.pdbx_chi_squared             ? 
_reflns.pdbx_scaling_rejects         ? 
_reflns.pdbx_diffrn_id               1 
_reflns.pdbx_ordinal                 1 
# 
_reflns_shell.d_res_high             2.63 
_reflns_shell.d_res_low              2.72 
_reflns_shell.percent_possible_all   100 
_reflns_shell.Rmerge_I_obs           0.26 
_reflns_shell.pdbx_Rsym_value        ? 
_reflns_shell.meanI_over_sigI_obs    9.4 
_reflns_shell.pdbx_redundancy        ? 
_reflns_shell.percent_possible_obs   ? 
_reflns_shell.number_unique_all      ? 
_reflns_shell.number_measured_all    ? 
_reflns_shell.number_measured_obs    ? 
_reflns_shell.number_unique_obs      ? 
_reflns_shell.pdbx_chi_squared       ? 
_reflns_shell.pdbx_diffrn_id         ? 
_reflns_shell.pdbx_ordinal           1 
# 
_refine.entry_id                                 2BE0 
_refine.ls_number_reflns_obs                     4291 
_refine.ls_number_reflns_all                     4453 
_refine.pdbx_ls_sigma_I                          ? 
_refine.pdbx_ls_sigma_F                          2.0 
_refine.pdbx_data_cutoff_high_absF               ? 
_refine.pdbx_data_cutoff_low_absF                ? 
_refine.pdbx_data_cutoff_high_rms_absF           ? 
_refine.ls_d_res_low                             30.0 
_refine.ls_d_res_high                            2.63 
_refine.ls_percent_reflns_obs                    ? 
_refine.ls_R_factor_obs                          ? 
_refine.ls_R_factor_all                          ? 
_refine.ls_R_factor_R_work                       0.2236 
_refine.ls_R_factor_R_free                       0.2665 
_refine.ls_R_factor_R_free_error                 ? 
_refine.ls_R_factor_R_free_error_details         ? 
_refine.ls_percent_reflns_R_free                 ? 
_refine.ls_number_reflns_R_free                  3842 
_refine.ls_number_parameters                     ? 
_refine.ls_number_restraints                     ? 
_refine.occupancy_min                            ? 
_refine.occupancy_max                            ? 
_refine.correlation_coeff_Fo_to_Fc               ? 
_refine.correlation_coeff_Fo_to_Fc_free          ? 
_refine.B_iso_mean                               ? 
_refine.aniso_B[1][1]                            ? 
_refine.aniso_B[2][2]                            ? 
_refine.aniso_B[3][3]                            ? 
_refine.aniso_B[1][2]                            ? 
_refine.aniso_B[1][3]                            ? 
_refine.aniso_B[2][3]                            ? 
_refine.solvent_model_details                    ? 
_refine.solvent_model_param_ksol                 ? 
_refine.solvent_model_param_bsol                 ? 
_refine.pdbx_solvent_vdw_probe_radii             ? 
_refine.pdbx_solvent_ion_probe_radii             ? 
_refine.pdbx_solvent_shrinkage_radii             ? 
_refine.pdbx_ls_cross_valid_method               ? 
_refine.details                                  
;G. PARKINSON, J. VOJTECHOVSKY, L. CLOWNEY,A.T. BRUNGER, H.M. BERMAN, NEW PARAMETERS FOR THE REFINEMENT OF NUCLEIC ACID CONTAINING STRUCTURES, ACTA CRYST. D, 52, 57-64 (1996)
;
_refine.pdbx_starting_model                      'PDB ENTRY 1J7T' 
_refine.pdbx_method_to_determine_struct          'MOLECULAR REPLACEMENT' 
_refine.pdbx_isotropic_thermal_model             ? 
_refine.pdbx_stereochemistry_target_values       ? 
_refine.pdbx_stereochem_target_val_spec_case     ? 
_refine.pdbx_R_Free_selection_details            RANDOM 
_refine.pdbx_overall_ESU_R                       ? 
_refine.pdbx_overall_ESU_R_Free                  ? 
_refine.overall_SU_ML                            ? 
_refine.overall_SU_B                             ? 
_refine.ls_redundancy_reflns_obs                 ? 
_refine.overall_SU_R_Cruickshank_DPI             ? 
_refine.overall_SU_R_free                        ? 
_refine.ls_wR_factor_R_free                      ? 
_refine.ls_wR_factor_R_work                      ? 
_refine.overall_FOM_free_R_set                   ? 
_refine.overall_FOM_work_R_set                   ? 
_refine.pdbx_refine_id                           'X-RAY DIFFRACTION' 
_refine.pdbx_overall_phase_error                 ? 
_refine.pdbx_diffrn_id                           1 
_refine.pdbx_TLS_residual_ADP_flag               ? 
_refine.pdbx_overall_SU_R_free_Cruickshank_DPI   ? 
_refine.pdbx_overall_SU_R_Blow_DPI               ? 
_refine.pdbx_overall_SU_R_free_Blow_DPI          ? 
# 
_refine_analyze.entry_id                        2BE0 
_refine_analyze.Luzzati_coordinate_error_obs    0.42 
_refine_analyze.Luzzati_sigma_a_obs             0.52 
_refine_analyze.Luzzati_d_res_low_obs           ? 
_refine_analyze.Luzzati_coordinate_error_free   ? 
_refine_analyze.Luzzati_sigma_a_free            ? 
_refine_analyze.Luzzati_d_res_low_free          ? 
_refine_analyze.number_disordered_residues      ? 
_refine_analyze.occupancy_sum_hydrogen          ? 
_refine_analyze.occupancy_sum_non_hydrogen      ? 
_refine_analyze.pdbx_refine_id                  'X-RAY DIFFRACTION' 
# 
_refine_hist.pdbx_refine_id                   'X-RAY DIFFRACTION' 
_refine_hist.cycle_id                         LAST 
_refine_hist.pdbx_number_atoms_protein        0 
_refine_hist.pdbx_number_atoms_nucleic_acid   898 
_refine_hist.pdbx_number_atoms_ligand         104 
_refine_hist.number_atoms_solvent             44 
_refine_hist.number_atoms_total               1046 
_refine_hist.d_res_high                       2.63 
_refine_hist.d_res_low                        30.0 
# 
loop_
_refine_ls_restr.type 
_refine_ls_restr.dev_ideal 
_refine_ls_restr.dev_ideal_target 
_refine_ls_restr.weight 
_refine_ls_restr.number 
_refine_ls_restr.pdbx_refine_id 
_refine_ls_restr.pdbx_restraint_function 
c_bond_d           0.006  ? ? ? 'X-RAY DIFFRACTION' ? 
c_angle_d          1.023  ? ? ? 'X-RAY DIFFRACTION' ? 
c_dihedral_angle_d 10.251 ? ? ? 'X-RAY DIFFRACTION' ? 
c_improper_angle_d 1.241  ? ? ? 'X-RAY DIFFRACTION' ? 
# 
loop_
_pdbx_xplor_file.serial_no 
_pdbx_xplor_file.param_file 
_pdbx_xplor_file.topol_file 
_pdbx_xplor_file.pdbx_refine_id 
1 dna-rna_rep.param ? 'X-RAY DIFFRACTION' 
2 water_rep.param   ? 'X-RAY DIFFRACTION' 
3 ion.param         ? 'X-RAY DIFFRACTION' 
4 JS5_39.param      ? 'X-RAY DIFFRACTION' 
# 
_struct.entry_id                  2BE0 
_struct.title                     'Complex Between Paromomycin Derivative JS5-39 and the 16S-Rrna A-Site.' 
_struct.pdbx_model_details        ? 
_struct.pdbx_CASP_flag            ? 
_struct.pdbx_model_type_details   ? 
# 
_struct_keywords.entry_id        2BE0 
_struct_keywords.pdbx_keywords   RNA/antibiotic 
_struct_keywords.text            'RNA-AMINOGLYCOSIDE INTERACTIONS, A SITE, UOU PAIRS, AA BULGES, RNA-antibiotic complex' 
# 
loop_
_struct_asym.id 
_struct_asym.pdbx_blank_PDB_chainid_flag 
_struct_asym.pdbx_modified 
_struct_asym.entity_id 
_struct_asym.details 
A N N 1 ? 
B N N 1 ? 
C N N 2 ? 
D N N 2 ? 
E N N 3 ? 
F N N 3 ? 
# 
_struct_ref.id                         1 
_struct_ref.entity_id                  1 
_struct_ref.db_name                    PDB 
_struct_ref.db_code                    2BE0 
_struct_ref.pdbx_db_accession          2BE0 
_struct_ref.pdbx_align_begin           ? 
_struct_ref.pdbx_seq_one_letter_code   ? 
_struct_ref.pdbx_db_isoform            ? 
# 
loop_
_struct_ref_seq.align_id 
_struct_ref_seq.ref_id 
_struct_ref_seq.pdbx_PDB_id_code 
_struct_ref_seq.pdbx_strand_id 
_struct_ref_seq.seq_align_beg 
_struct_ref_seq.pdbx_seq_align_beg_ins_code 
_struct_ref_seq.seq_align_end 
_struct_ref_seq.pdbx_seq_align_end_ins_code 
_struct_ref_seq.pdbx_db_accession 
_struct_ref_seq.db_align_beg 
_struct_ref_seq.pdbx_db_align_beg_ins_code 
_struct_ref_seq.db_align_end 
_struct_ref_seq.pdbx_db_align_end_ins_code 
_struct_ref_seq.pdbx_auth_seq_align_beg 
_struct_ref_seq.pdbx_auth_seq_align_end 
1 1 2BE0 A 1 ? 22 ? 2BE0 0  ? 21 ? 0  21 
2 1 2BE0 B 1 ? 22 ? 2BE0 21 ? 42 ? 21 42 
# 
_pdbx_struct_assembly.id                   1 
_pdbx_struct_assembly.details              author_defined_assembly 
_pdbx_struct_assembly.method_details       ? 
_pdbx_struct_assembly.oligomeric_details   dimeric 
_pdbx_struct_assembly.oligomeric_count     2 
# 
_pdbx_struct_assembly_gen.assembly_id       1 
_pdbx_struct_assembly_gen.oper_expression   1 
_pdbx_struct_assembly_gen.asym_id_list      A,B,C,D,E,F 
# 
_pdbx_struct_oper_list.id                   1 
_pdbx_struct_oper_list.type                 'identity operation' 
_pdbx_struct_oper_list.name                 1_555 
_pdbx_struct_oper_list.symmetry_operation   x,y,z 
_pdbx_struct_oper_list.matrix[1][1]         1.0000000000 
_pdbx_struct_oper_list.matrix[1][2]         0.0000000000 
_pdbx_struct_oper_list.matrix[1][3]         0.0000000000 
_pdbx_struct_oper_list.vector[1]            0.0000000000 
_pdbx_struct_oper_list.matrix[2][1]         0.0000000000 
_pdbx_struct_oper_list.matrix[2][2]         1.0000000000 
_pdbx_struct_oper_list.matrix[2][3]         0.0000000000 
_pdbx_struct_oper_list.vector[2]            0.0000000000 
_pdbx_struct_oper_list.matrix[3][1]         0.0000000000 
_pdbx_struct_oper_list.matrix[3][2]         0.0000000000 
_pdbx_struct_oper_list.matrix[3][3]         1.0000000000 
_pdbx_struct_oper_list.vector[3]            0.0000000000 
# 
_struct_biol.id                    1 
_struct_biol.details               'The biological assembly is the duplex' 
_struct_biol.pdbx_parent_biol_id   ? 
# 
loop_
_struct_conn.id 
_struct_conn.conn_type_id 
_struct_conn.pdbx_leaving_atom_flag 
_struct_conn.pdbx_PDB_id 
_struct_conn.ptnr1_label_asym_id 
_struct_conn.ptnr1_label_comp_id 
_struct_conn.ptnr1_label_seq_id 
_struct_conn.ptnr1_label_atom_id 
_struct_conn.pdbx_ptnr1_label_alt_id 
_struct_conn.pdbx_ptnr1_PDB_ins_code 
_struct_conn.pdbx_ptnr1_standard_comp_id 
_struct_conn.ptnr1_symmetry 
_struct_conn.ptnr2_label_asym_id 
_struct_conn.ptnr2_label_comp_id 
_struct_conn.ptnr2_label_seq_id 
_struct_conn.ptnr2_label_atom_id 
_struct_conn.pdbx_ptnr2_label_alt_id 
_struct_conn.pdbx_ptnr2_PDB_ins_code 
_struct_conn.ptnr1_auth_asym_id 
_struct_conn.ptnr1_auth_comp_id 
_struct_conn.ptnr1_auth_seq_id 
_struct_conn.ptnr2_auth_asym_id 
_struct_conn.ptnr2_auth_comp_id 
_struct_conn.ptnr2_auth_seq_id 
_struct_conn.ptnr2_symmetry 
_struct_conn.pdbx_ptnr3_label_atom_id 
_struct_conn.pdbx_ptnr3_label_seq_id 
_struct_conn.pdbx_ptnr3_label_comp_id 
_struct_conn.pdbx_ptnr3_label_asym_id 
_struct_conn.pdbx_ptnr3_label_alt_id 
_struct_conn.pdbx_ptnr3_PDB_ins_code 
_struct_conn.details 
_struct_conn.pdbx_dist_value 
_struct_conn.pdbx_value_order 
_struct_conn.pdbx_role 
hydrog1  hydrog ? ? A G 2  N1 ? ? ? 1_555 B C 22 N3 ? ? A G 1  B C 42 1_555 ? ? ? ? ? ? WATSON-CRICK ? ? ? 
hydrog2  hydrog ? ? A G 2  N2 ? ? ? 1_555 B C 22 O2 ? ? A G 1  B C 42 1_555 ? ? ? ? ? ? WATSON-CRICK ? ? ? 
hydrog3  hydrog ? ? A G 2  O6 ? ? ? 1_555 B C 22 N4 ? ? A G 1  B C 42 1_555 ? ? ? ? ? ? WATSON-CRICK ? ? ? 
hydrog4  hydrog ? ? A C 3  N3 ? ? ? 1_555 B G 21 N1 ? ? A C 2  B G 41 1_555 ? ? ? ? ? ? WATSON-CRICK ? ? ? 
hydrog5  hydrog ? ? A C 3  N4 ? ? ? 1_555 B G 21 O6 ? ? A C 2  B G 41 1_555 ? ? ? ? ? ? WATSON-CRICK ? ? ? 
hydrog6  hydrog ? ? A C 3  O2 ? ? ? 1_555 B G 21 N2 ? ? A C 2  B G 41 1_555 ? ? ? ? ? ? WATSON-CRICK ? ? ? 
hydrog7  hydrog ? ? A G 4  N1 ? ? ? 1_555 B C 20 N3 ? ? A G 3  B C 40 1_555 ? ? ? ? ? ? WATSON-CRICK ? ? ? 
hydrog8  hydrog ? ? A G 4  N2 ? ? ? 1_555 B C 20 O2 ? ? A G 3  B C 40 1_555 ? ? ? ? ? ? WATSON-CRICK ? ? ? 
hydrog9  hydrog ? ? A G 4  O6 ? ? ? 1_555 B C 20 N4 ? ? A G 3  B C 40 1_555 ? ? ? ? ? ? WATSON-CRICK ? ? ? 
hydrog10 hydrog ? ? A U 5  N3 ? ? ? 1_555 B U 19 O4 ? ? A U 4  B U 39 1_555 ? ? ? ? ? ? TYPE_16_PAIR ? ? ? 
hydrog11 hydrog ? ? A U 5  O2 ? ? ? 1_555 B U 19 N3 ? ? A U 4  B U 39 1_555 ? ? ? ? ? ? TYPE_16_PAIR ? ? ? 
hydrog12 hydrog ? ? A C 6  N3 ? ? ? 1_555 B G 18 N1 ? ? A C 5  B G 38 1_555 ? ? ? ? ? ? WATSON-CRICK ? ? ? 
hydrog13 hydrog ? ? A C 6  N4 ? ? ? 1_555 B G 18 O6 ? ? A C 5  B G 38 1_555 ? ? ? ? ? ? WATSON-CRICK ? ? ? 
hydrog14 hydrog ? ? A C 6  O2 ? ? ? 1_555 B G 18 N2 ? ? A C 5  B G 38 1_555 ? ? ? ? ? ? WATSON-CRICK ? ? ? 
hydrog15 hydrog ? ? A C 8  N3 ? ? ? 1_555 B G 15 N1 ? ? A C 7  B G 35 1_555 ? ? ? ? ? ? WATSON-CRICK ? ? ? 
hydrog16 hydrog ? ? A C 8  N4 ? ? ? 1_555 B G 15 O6 ? ? A C 7  B G 35 1_555 ? ? ? ? ? ? WATSON-CRICK ? ? ? 
hydrog17 hydrog ? ? A C 8  O2 ? ? ? 1_555 B G 15 N2 ? ? A C 7  B G 35 1_555 ? ? ? ? ? ? WATSON-CRICK ? ? ? 
hydrog18 hydrog ? ? A A 9  N1 ? ? ? 1_555 B U 14 N3 ? ? A A 8  B U 34 1_555 ? ? ? ? ? ? WATSON-CRICK ? ? ? 
hydrog19 hydrog ? ? A A 9  N6 ? ? ? 1_555 B U 14 O4 ? ? A A 8  B U 34 1_555 ? ? ? ? ? ? WATSON-CRICK ? ? ? 
hydrog20 hydrog ? ? A C 10 N3 ? ? ? 1_555 B G 13 N1 ? ? A C 9  B G 33 1_555 ? ? ? ? ? ? WATSON-CRICK ? ? ? 
hydrog21 hydrog ? ? A C 10 N4 ? ? ? 1_555 B G 13 O6 ? ? A C 9  B G 33 1_555 ? ? ? ? ? ? WATSON-CRICK ? ? ? 
hydrog22 hydrog ? ? A C 10 O2 ? ? ? 1_555 B G 13 N2 ? ? A C 9  B G 33 1_555 ? ? ? ? ? ? WATSON-CRICK ? ? ? 
hydrog23 hydrog ? ? A C 11 N3 ? ? ? 1_555 B G 12 N1 ? ? A C 10 B G 32 1_555 ? ? ? ? ? ? WATSON-CRICK ? ? ? 
hydrog24 hydrog ? ? A C 11 N4 ? ? ? 1_555 B G 12 O6 ? ? A C 10 B G 32 1_555 ? ? ? ? ? ? WATSON-CRICK ? ? ? 
hydrog25 hydrog ? ? A C 11 O2 ? ? ? 1_555 B G 12 N2 ? ? A C 10 B G 32 1_555 ? ? ? ? ? ? WATSON-CRICK ? ? ? 
hydrog26 hydrog ? ? A G 12 N1 ? ? ? 1_555 B C 11 N3 ? ? A G 11 B C 31 1_555 ? ? ? ? ? ? WATSON-CRICK ? ? ? 
hydrog27 hydrog ? ? A G 12 N2 ? ? ? 1_555 B C 11 O2 ? ? A G 11 B C 31 1_555 ? ? ? ? ? ? WATSON-CRICK ? ? ? 
hydrog28 hydrog ? ? A G 12 O6 ? ? ? 1_555 B C 11 N4 ? ? A G 11 B C 31 1_555 ? ? ? ? ? ? WATSON-CRICK ? ? ? 
hydrog29 hydrog ? ? A G 13 N1 ? ? ? 1_555 B C 10 N3 ? ? A G 12 B C 30 1_555 ? ? ? ? ? ? WATSON-CRICK ? ? ? 
hydrog30 hydrog ? ? A G 13 N2 ? ? ? 1_555 B C 10 O2 ? ? A G 12 B C 30 1_555 ? ? ? ? ? ? WATSON-CRICK ? ? ? 
hydrog31 hydrog ? ? A G 13 O6 ? ? ? 1_555 B C 10 N4 ? ? A G 12 B C 30 1_555 ? ? ? ? ? ? WATSON-CRICK ? ? ? 
hydrog32 hydrog ? ? A U 14 N3 ? ? ? 1_555 B A 9  N1 ? ? A U 13 B A 29 1_555 ? ? ? ? ? ? WATSON-CRICK ? ? ? 
hydrog33 hydrog ? ? A U 14 O4 ? ? ? 1_555 B A 9  N6 ? ? A U 13 B A 29 1_555 ? ? ? ? ? ? WATSON-CRICK ? ? ? 
hydrog34 hydrog ? ? A G 15 N1 ? ? ? 1_555 B C 8  N3 ? ? A G 14 B C 28 1_555 ? ? ? ? ? ? WATSON-CRICK ? ? ? 
hydrog35 hydrog ? ? A G 15 N2 ? ? ? 1_555 B C 8  O2 ? ? A G 14 B C 28 1_555 ? ? ? ? ? ? WATSON-CRICK ? ? ? 
hydrog36 hydrog ? ? A G 15 O6 ? ? ? 1_555 B C 8  N4 ? ? A G 14 B C 28 1_555 ? ? ? ? ? ? WATSON-CRICK ? ? ? 
hydrog37 hydrog ? ? A G 18 N1 ? ? ? 1_555 B C 6  N3 ? ? A G 17 B C 26 1_555 ? ? ? ? ? ? WATSON-CRICK ? ? ? 
hydrog38 hydrog ? ? A G 18 N2 ? ? ? 1_555 B C 6  O2 ? ? A G 17 B C 26 1_555 ? ? ? ? ? ? WATSON-CRICK ? ? ? 
hydrog39 hydrog ? ? A G 18 O6 ? ? ? 1_555 B C 6  N4 ? ? A G 17 B C 26 1_555 ? ? ? ? ? ? WATSON-CRICK ? ? ? 
hydrog40 hydrog ? ? A U 19 N3 ? ? ? 1_555 B U 5  O2 ? ? A U 18 B U 25 1_555 ? ? ? ? ? ? TYPE_16_PAIR ? ? ? 
hydrog41 hydrog ? ? A U 19 O4 ? ? ? 1_555 B U 5  N3 ? ? A U 18 B U 25 1_555 ? ? ? ? ? ? TYPE_16_PAIR ? ? ? 
hydrog42 hydrog ? ? A C 20 N3 ? ? ? 1_555 B G 4  N1 ? ? A C 19 B G 24 1_555 ? ? ? ? ? ? WATSON-CRICK ? ? ? 
hydrog43 hydrog ? ? A C 20 N4 ? ? ? 1_555 B G 4  O6 ? ? A C 19 B G 24 1_555 ? ? ? ? ? ? WATSON-CRICK ? ? ? 
hydrog44 hydrog ? ? A C 20 O2 ? ? ? 1_555 B G 4  N2 ? ? A C 19 B G 24 1_555 ? ? ? ? ? ? WATSON-CRICK ? ? ? 
hydrog45 hydrog ? ? A G 21 N1 ? ? ? 1_555 B C 3  N3 ? ? A G 20 B C 23 1_555 ? ? ? ? ? ? WATSON-CRICK ? ? ? 
hydrog46 hydrog ? ? A G 21 N2 ? ? ? 1_555 B C 3  O2 ? ? A G 20 B C 23 1_555 ? ? ? ? ? ? WATSON-CRICK ? ? ? 
hydrog47 hydrog ? ? A G 21 O6 ? ? ? 1_555 B C 3  N4 ? ? A G 20 B C 23 1_555 ? ? ? ? ? ? WATSON-CRICK ? ? ? 
hydrog48 hydrog ? ? A C 22 N3 ? ? ? 1_555 B G 2  N1 ? ? A C 21 B G 22 1_555 ? ? ? ? ? ? WATSON-CRICK ? ? ? 
hydrog49 hydrog ? ? A C 22 N4 ? ? ? 1_555 B G 2  O6 ? ? A C 21 B G 22 1_555 ? ? ? ? ? ? WATSON-CRICK ? ? ? 
hydrog50 hydrog ? ? A C 22 O2 ? ? ? 1_555 B G 2  N2 ? ? A C 21 B G 22 1_555 ? ? ? ? ? ? WATSON-CRICK ? ? ? 
# 
_struct_conn_type.id          hydrog 
_struct_conn_type.criteria    ? 
_struct_conn_type.reference   ? 
# 
loop_
_struct_site.id 
_struct_site.pdbx_evidence_code 
_struct_site.pdbx_auth_asym_id 
_struct_site.pdbx_auth_comp_id 
_struct_site.pdbx_auth_seq_id 
_struct_site.pdbx_auth_ins_code 
_struct_site.pdbx_num_residues 
_struct_site.details 
AC1 Software A JS5 50 ? 14 'BINDING SITE FOR RESIDUE JS5 A 50' 
AC2 Software B JS5 51 ? 13 'BINDING SITE FOR RESIDUE JS5 B 51' 
1   ?        ? ?   ?  ? ?  ?                                   
# 
loop_
_struct_site_gen.id 
_struct_site_gen.site_id 
_struct_site_gen.pdbx_num_res 
_struct_site_gen.label_comp_id 
_struct_site_gen.label_asym_id 
_struct_site_gen.label_seq_id 
_struct_site_gen.pdbx_auth_ins_code 
_struct_site_gen.auth_comp_id 
_struct_site_gen.auth_asym_id 
_struct_site_gen.auth_seq_id 
_struct_site_gen.label_atom_id 
_struct_site_gen.label_alt_id 
_struct_site_gen.symmetry 
_struct_site_gen.details 
1  AC1 14 U   A 14 ? U   A 13  . ? 1_555 ? 
2  AC1 14 G   A 15 ? G   A 14  . ? 1_555 ? 
3  AC1 14 A   A 16 ? A   A 15  . ? 1_555 ? 
4  AC1 14 A   A 17 ? A   A 16  . ? 1_555 ? 
5  AC1 14 G   A 18 ? G   A 17  . ? 1_555 ? 
6  AC1 14 U   A 19 ? U   A 18  . ? 1_555 ? 
7  AC1 14 HOH E .  ? HOH A 112 . ? 1_555 ? 
8  AC1 14 HOH E .  ? HOH A 124 . ? 1_555 ? 
9  AC1 14 HOH E .  ? HOH A 135 . ? 1_555 ? 
10 AC1 14 C   B 3  ? C   B 23  . ? 1_555 ? 
11 AC1 14 U   B 5  ? U   B 25  . ? 1_555 ? 
12 AC1 14 C   B 6  ? C   B 26  . ? 1_555 ? 
13 AC1 14 A   B 7  ? A   B 27  . ? 1_555 ? 
14 AC1 14 A   B 9  ? A   B 29  . ? 1_555 ? 
15 AC2 13 G   A 4  ? G   A 3   . ? 1_555 ? 
16 AC2 13 U   A 5  ? U   A 4   . ? 1_555 ? 
17 AC2 13 C   A 6  ? C   A 5   . ? 1_555 ? 
18 AC2 13 A   A 7  ? A   A 6   . ? 1_555 ? 
19 AC2 13 A   A 9  ? A   A 8   . ? 1_555 ? 
20 AC2 13 HOH E .  ? HOH A 126 . ? 1_555 ? 
21 AC2 13 U   B 14 ? U   B 34  . ? 1_555 ? 
22 AC2 13 G   B 15 ? G   B 35  . ? 1_555 ? 
23 AC2 13 A   B 16 ? A   B 36  . ? 1_555 ? 
24 AC2 13 A   B 17 ? A   B 37  . ? 1_555 ? 
25 AC2 13 G   B 18 ? G   B 38  . ? 1_555 ? 
26 AC2 13 U   B 19 ? U   B 39  . ? 1_555 ? 
27 AC2 13 HOH F .  ? HOH B 107 . ? 1_555 ? 
# 
loop_
_pdbx_validate_chiral.id 
_pdbx_validate_chiral.PDB_model_num 
_pdbx_validate_chiral.auth_atom_id 
_pdbx_validate_chiral.label_alt_id 
_pdbx_validate_chiral.auth_asym_id 
_pdbx_validate_chiral.auth_comp_id 
_pdbx_validate_chiral.auth_seq_id 
_pdbx_validate_chiral.PDB_ins_code 
_pdbx_validate_chiral.details 
_pdbx_validate_chiral.omega 
1 1 C15 ? A JS5 50 ? PLANAR . 
2 1 C15 ? B JS5 51 ? PLANAR . 
# 
_struct_site_keywords.site_id   1 
_struct_site_keywords.text      bis-intercalation 
# 
loop_
_pdbx_unobs_or_zero_occ_residues.id 
_pdbx_unobs_or_zero_occ_residues.PDB_model_num 
_pdbx_unobs_or_zero_occ_residues.polymer_flag 
_pdbx_unobs_or_zero_occ_residues.occupancy_flag 
_pdbx_unobs_or_zero_occ_residues.auth_asym_id 
_pdbx_unobs_or_zero_occ_residues.auth_comp_id 
_pdbx_unobs_or_zero_occ_residues.auth_seq_id 
_pdbx_unobs_or_zero_occ_residues.PDB_ins_code 
_pdbx_unobs_or_zero_occ_residues.label_asym_id 
_pdbx_unobs_or_zero_occ_residues.label_comp_id 
_pdbx_unobs_or_zero_occ_residues.label_seq_id 
1 1 Y 1 A C 0  ? A C 1 
2 1 Y 1 B C 21 ? B C 1 
# 
loop_
_chem_comp_atom.comp_id 
_chem_comp_atom.atom_id 
_chem_comp_atom.type_symbol 
_chem_comp_atom.pdbx_aromatic_flag 
_chem_comp_atom.pdbx_stereo_config 
_chem_comp_atom.pdbx_ordinal 
A   OP3    O N N 1   
A   P      P N N 2   
A   OP1    O N N 3   
A   OP2    O N N 4   
A   "O5'"  O N N 5   
A   "C5'"  C N N 6   
A   "C4'"  C N R 7   
A   "O4'"  O N N 8   
A   "C3'"  C N S 9   
A   "O3'"  O N N 10  
A   "C2'"  C N R 11  
A   "O2'"  O N N 12  
A   "C1'"  C N R 13  
A   N9     N Y N 14  
A   C8     C Y N 15  
A   N7     N Y N 16  
A   C5     C Y N 17  
A   C6     C Y N 18  
A   N6     N N N 19  
A   N1     N Y N 20  
A   C2     C Y N 21  
A   N3     N Y N 22  
A   C4     C Y N 23  
A   HOP3   H N N 24  
A   HOP2   H N N 25  
A   "H5'"  H N N 26  
A   "H5''" H N N 27  
A   "H4'"  H N N 28  
A   "H3'"  H N N 29  
A   "HO3'" H N N 30  
A   "H2'"  H N N 31  
A   "HO2'" H N N 32  
A   "H1'"  H N N 33  
A   H8     H N N 34  
A   H61    H N N 35  
A   H62    H N N 36  
A   H2     H N N 37  
C   OP3    O N N 38  
C   P      P N N 39  
C   OP1    O N N 40  
C   OP2    O N N 41  
C   "O5'"  O N N 42  
C   "C5'"  C N N 43  
C   "C4'"  C N R 44  
C   "O4'"  O N N 45  
C   "C3'"  C N S 46  
C   "O3'"  O N N 47  
C   "C2'"  C N R 48  
C   "O2'"  O N N 49  
C   "C1'"  C N R 50  
C   N1     N N N 51  
C   C2     C N N 52  
C   O2     O N N 53  
C   N3     N N N 54  
C   C4     C N N 55  
C   N4     N N N 56  
C   C5     C N N 57  
C   C6     C N N 58  
C   HOP3   H N N 59  
C   HOP2   H N N 60  
C   "H5'"  H N N 61  
C   "H5''" H N N 62  
C   "H4'"  H N N 63  
C   "H3'"  H N N 64  
C   "HO3'" H N N 65  
C   "H2'"  H N N 66  
C   "HO2'" H N N 67  
C   "H1'"  H N N 68  
C   H41    H N N 69  
C   H42    H N N 70  
C   H5     H N N 71  
C   H6     H N N 72  
G   OP3    O N N 73  
G   P      P N N 74  
G   OP1    O N N 75  
G   OP2    O N N 76  
G   "O5'"  O N N 77  
G   "C5'"  C N N 78  
G   "C4'"  C N R 79  
G   "O4'"  O N N 80  
G   "C3'"  C N S 81  
G   "O3'"  O N N 82  
G   "C2'"  C N R 83  
G   "O2'"  O N N 84  
G   "C1'"  C N R 85  
G   N9     N Y N 86  
G   C8     C Y N 87  
G   N7     N Y N 88  
G   C5     C Y N 89  
G   C6     C N N 90  
G   O6     O N N 91  
G   N1     N N N 92  
G   C2     C N N 93  
G   N2     N N N 94  
G   N3     N N N 95  
G   C4     C Y N 96  
G   HOP3   H N N 97  
G   HOP2   H N N 98  
G   "H5'"  H N N 99  
G   "H5''" H N N 100 
G   "H4'"  H N N 101 
G   "H3'"  H N N 102 
G   "HO3'" H N N 103 
G   "H2'"  H N N 104 
G   "HO2'" H N N 105 
G   "H1'"  H N N 106 
G   H8     H N N 107 
G   H1     H N N 108 
G   H21    H N N 109 
G   H22    H N N 110 
HOH O      O N N 111 
HOH H1     H N N 112 
HOH H2     H N N 113 
JS5 C11    C N S 114 
JS5 O11    O N N 115 
JS5 C21    C N R 116 
JS5 N21    N N N 117 
JS5 C31    C N R 118 
JS5 O31    O N N 119 
JS5 C41    C N S 120 
JS5 O41    O N N 121 
JS5 C51    C N R 122 
JS5 O51    O N N 123 
JS5 C61    C N N 124 
JS5 O61    O N N 125 
JS5 C12    C N R 126 
JS5 N12    N N N 127 
JS5 C22    C N N 128 
JS5 C32    C N S 129 
JS5 N32    N N N 130 
JS5 C42    C N R 131 
JS5 C52    C N R 132 
JS5 O52    O N N 133 
JS5 C62    C N S 134 
JS5 O62    O N N 135 
JS5 C13    C N S 136 
JS5 O13    O N N 137 
JS5 C23    C N R 138 
JS5 O23    O N N 139 
JS5 C33    C N R 140 
JS5 O33    O N N 141 
JS5 C43    C N R 142 
JS5 C53    C N N 143 
JS5 O53    O N N 144 
JS5 C63    C N N 145 
JS5 C73    C N N 146 
JS5 N73    N N N 147 
JS5 C83    C N N 148 
JS5 C15    C N R 149 
JS5 C25    C N N 150 
JS5 N25    N N N 151 
JS5 C35    C N N 152 
JS5 C45    C N N 153 
JS5 C55    C N N 154 
JS5 C14    C N R 155 
JS5 C24    C N R 156 
JS5 N24    N N N 157 
JS5 C34    C N R 158 
JS5 O34    O N N 159 
JS5 C44    C N S 160 
JS5 O44    O N N 161 
JS5 C54    C N S 162 
JS5 O54    O N N 163 
JS5 C64    C N N 164 
JS5 N64    N N N 165 
JS5 H11    H N N 166 
JS5 H21    H N N 167 
JS5 H211   H N N 168 
JS5 H212   H N N 169 
JS5 H31    H N N 170 
JS5 H3     H N N 171 
JS5 H41    H N N 172 
JS5 H2     H N N 173 
JS5 H51    H N N 174 
JS5 H611   H N N 175 
JS5 H612   H N N 176 
JS5 H61    H N N 177 
JS5 H12    H N N 178 
JS5 H121   H N N 179 
JS5 H122   H N N 180 
JS5 H221   H N N 181 
JS5 H222   H N N 182 
JS5 H32    H N N 183 
JS5 H321   H N N 184 
JS5 H322   H N N 185 
JS5 H42    H N N 186 
JS5 H52    H N N 187 
JS5 H62    H N N 188 
JS5 H1     H N N 189 
JS5 H13    H N N 190 
JS5 H23    H N N 191 
JS5 H33    H N N 192 
JS5 H43    H N N 193 
JS5 H531   H N N 194 
JS5 H532   H N N 195 
JS5 H53    H N N 196 
JS5 H631   H N N 197 
JS5 H632   H N N 198 
JS5 H731   H N N 199 
JS5 H732   H N N 200 
JS5 H73    H N N 201 
JS5 H831   H N N 202 
JS5 H832   H N N 203 
JS5 H15    H N N 204 
JS5 H251   H N N 205 
JS5 H252   H N N 206 
JS5 H25    H N N 207 
JS5 H351   H N N 208 
JS5 H352   H N N 209 
JS5 H451   H N N 210 
JS5 H452   H N N 211 
JS5 H551   H N N 212 
JS5 H552   H N N 213 
JS5 H14    H N N 214 
JS5 H24    H N N 215 
JS5 H241   H N N 216 
JS5 H242   H N N 217 
JS5 H34    H N N 218 
JS5 H4     H N N 219 
JS5 H44    H N N 220 
JS5 H5     H N N 221 
JS5 H54    H N N 222 
JS5 H11A   H N N 223 
JS5 H12A   H N N 224 
JS5 H641   H N N 225 
JS5 H642   H N N 226 
U   OP3    O N N 227 
U   P      P N N 228 
U   OP1    O N N 229 
U   OP2    O N N 230 
U   "O5'"  O N N 231 
U   "C5'"  C N N 232 
U   "C4'"  C N R 233 
U   "O4'"  O N N 234 
U   "C3'"  C N S 235 
U   "O3'"  O N N 236 
U   "C2'"  C N R 237 
U   "O2'"  O N N 238 
U   "C1'"  C N R 239 
U   N1     N N N 240 
U   C2     C N N 241 
U   O2     O N N 242 
U   N3     N N N 243 
U   C4     C N N 244 
U   O4     O N N 245 
U   C5     C N N 246 
U   C6     C N N 247 
U   HOP3   H N N 248 
U   HOP2   H N N 249 
U   "H5'"  H N N 250 
U   "H5''" H N N 251 
U   "H4'"  H N N 252 
U   "H3'"  H N N 253 
U   "HO3'" H N N 254 
U   "H2'"  H N N 255 
U   "HO2'" H N N 256 
U   "H1'"  H N N 257 
U   H3     H N N 258 
U   H5     H N N 259 
U   H6     H N N 260 
# 
loop_
_chem_comp_bond.comp_id 
_chem_comp_bond.atom_id_1 
_chem_comp_bond.atom_id_2 
_chem_comp_bond.value_order 
_chem_comp_bond.pdbx_aromatic_flag 
_chem_comp_bond.pdbx_stereo_config 
_chem_comp_bond.pdbx_ordinal 
A   OP3   P      sing N N 1   
A   OP3   HOP3   sing N N 2   
A   P     OP1    doub N N 3   
A   P     OP2    sing N N 4   
A   P     "O5'"  sing N N 5   
A   OP2   HOP2   sing N N 6   
A   "O5'" "C5'"  sing N N 7   
A   "C5'" "C4'"  sing N N 8   
A   "C5'" "H5'"  sing N N 9   
A   "C5'" "H5''" sing N N 10  
A   "C4'" "O4'"  sing N N 11  
A   "C4'" "C3'"  sing N N 12  
A   "C4'" "H4'"  sing N N 13  
A   "O4'" "C1'"  sing N N 14  
A   "C3'" "O3'"  sing N N 15  
A   "C3'" "C2'"  sing N N 16  
A   "C3'" "H3'"  sing N N 17  
A   "O3'" "HO3'" sing N N 18  
A   "C2'" "O2'"  sing N N 19  
A   "C2'" "C1'"  sing N N 20  
A   "C2'" "H2'"  sing N N 21  
A   "O2'" "HO2'" sing N N 22  
A   "C1'" N9     sing N N 23  
A   "C1'" "H1'"  sing N N 24  
A   N9    C8     sing Y N 25  
A   N9    C4     sing Y N 26  
A   C8    N7     doub Y N 27  
A   C8    H8     sing N N 28  
A   N7    C5     sing Y N 29  
A   C5    C6     sing Y N 30  
A   C5    C4     doub Y N 31  
A   C6    N6     sing N N 32  
A   C6    N1     doub Y N 33  
A   N6    H61    sing N N 34  
A   N6    H62    sing N N 35  
A   N1    C2     sing Y N 36  
A   C2    N3     doub Y N 37  
A   C2    H2     sing N N 38  
A   N3    C4     sing Y N 39  
C   OP3   P      sing N N 40  
C   OP3   HOP3   sing N N 41  
C   P     OP1    doub N N 42  
C   P     OP2    sing N N 43  
C   P     "O5'"  sing N N 44  
C   OP2   HOP2   sing N N 45  
C   "O5'" "C5'"  sing N N 46  
C   "C5'" "C4'"  sing N N 47  
C   "C5'" "H5'"  sing N N 48  
C   "C5'" "H5''" sing N N 49  
C   "C4'" "O4'"  sing N N 50  
C   "C4'" "C3'"  sing N N 51  
C   "C4'" "H4'"  sing N N 52  
C   "O4'" "C1'"  sing N N 53  
C   "C3'" "O3'"  sing N N 54  
C   "C3'" "C2'"  sing N N 55  
C   "C3'" "H3'"  sing N N 56  
C   "O3'" "HO3'" sing N N 57  
C   "C2'" "O2'"  sing N N 58  
C   "C2'" "C1'"  sing N N 59  
C   "C2'" "H2'"  sing N N 60  
C   "O2'" "HO2'" sing N N 61  
C   "C1'" N1     sing N N 62  
C   "C1'" "H1'"  sing N N 63  
C   N1    C2     sing N N 64  
C   N1    C6     sing N N 65  
C   C2    O2     doub N N 66  
C   C2    N3     sing N N 67  
C   N3    C4     doub N N 68  
C   C4    N4     sing N N 69  
C   C4    C5     sing N N 70  
C   N4    H41    sing N N 71  
C   N4    H42    sing N N 72  
C   C5    C6     doub N N 73  
C   C5    H5     sing N N 74  
C   C6    H6     sing N N 75  
G   OP3   P      sing N N 76  
G   OP3   HOP3   sing N N 77  
G   P     OP1    doub N N 78  
G   P     OP2    sing N N 79  
G   P     "O5'"  sing N N 80  
G   OP2   HOP2   sing N N 81  
G   "O5'" "C5'"  sing N N 82  
G   "C5'" "C4'"  sing N N 83  
G   "C5'" "H5'"  sing N N 84  
G   "C5'" "H5''" sing N N 85  
G   "C4'" "O4'"  sing N N 86  
G   "C4'" "C3'"  sing N N 87  
G   "C4'" "H4'"  sing N N 88  
G   "O4'" "C1'"  sing N N 89  
G   "C3'" "O3'"  sing N N 90  
G   "C3'" "C2'"  sing N N 91  
G   "C3'" "H3'"  sing N N 92  
G   "O3'" "HO3'" sing N N 93  
G   "C2'" "O2'"  sing N N 94  
G   "C2'" "C1'"  sing N N 95  
G   "C2'" "H2'"  sing N N 96  
G   "O2'" "HO2'" sing N N 97  
G   "C1'" N9     sing N N 98  
G   "C1'" "H1'"  sing N N 99  
G   N9    C8     sing Y N 100 
G   N9    C4     sing Y N 101 
G   C8    N7     doub Y N 102 
G   C8    H8     sing N N 103 
G   N7    C5     sing Y N 104 
G   C5    C6     sing N N 105 
G   C5    C4     doub Y N 106 
G   C6    O6     doub N N 107 
G   C6    N1     sing N N 108 
G   N1    C2     sing N N 109 
G   N1    H1     sing N N 110 
G   C2    N2     sing N N 111 
G   C2    N3     doub N N 112 
G   N2    H21    sing N N 113 
G   N2    H22    sing N N 114 
G   N3    C4     sing N N 115 
HOH O     H1     sing N N 116 
HOH O     H2     sing N N 117 
JS5 C11   O11    sing N N 118 
JS5 C11   C21    sing N N 119 
JS5 C11   O51    sing N N 120 
JS5 C11   H11    sing N N 121 
JS5 O11   C42    sing N N 122 
JS5 C21   N21    sing N N 123 
JS5 C21   C31    sing N N 124 
JS5 C21   H21    sing N N 125 
JS5 N21   H211   sing N N 126 
JS5 N21   H212   sing N N 127 
JS5 C31   O31    sing N N 128 
JS5 C31   C41    sing N N 129 
JS5 C31   H31    sing N N 130 
JS5 O31   H3     sing N N 131 
JS5 C41   O41    sing N N 132 
JS5 C41   C51    sing N N 133 
JS5 C41   H41    sing N N 134 
JS5 O41   H2     sing N N 135 
JS5 C51   O51    sing N N 136 
JS5 C51   C61    sing N N 137 
JS5 C51   H51    sing N N 138 
JS5 C61   O61    sing N N 139 
JS5 C61   H611   sing N N 140 
JS5 C61   H612   sing N N 141 
JS5 O61   H61    sing N N 142 
JS5 C12   N12    sing N N 143 
JS5 C12   C22    sing N N 144 
JS5 C12   C62    sing N N 145 
JS5 C12   H12    sing N N 146 
JS5 N12   H121   sing N N 147 
JS5 N12   H122   sing N N 148 
JS5 C22   C32    sing N N 149 
JS5 C22   H221   sing N N 150 
JS5 C22   H222   sing N N 151 
JS5 C32   N32    sing N N 152 
JS5 C32   C42    sing N N 153 
JS5 C32   H32    sing N N 154 
JS5 N32   H321   sing N N 155 
JS5 N32   H322   sing N N 156 
JS5 C42   C52    sing N N 157 
JS5 C42   H42    sing N N 158 
JS5 C52   O52    sing N N 159 
JS5 C52   C62    sing N N 160 
JS5 C52   H52    sing N N 161 
JS5 O52   C13    sing N N 162 
JS5 C62   O62    sing N N 163 
JS5 C62   H62    sing N N 164 
JS5 O62   H1     sing N N 165 
JS5 C13   O13    sing N N 166 
JS5 C13   C23    sing N N 167 
JS5 C13   H13    sing N N 168 
JS5 O13   C43    sing N N 169 
JS5 C23   O23    sing N N 170 
JS5 C23   C33    sing N N 171 
JS5 C23   H23    sing N N 172 
JS5 O23   C63    sing N N 173 
JS5 C33   O33    sing N N 174 
JS5 C33   C43    sing N N 175 
JS5 C33   H33    sing N N 176 
JS5 O33   C14    sing N N 177 
JS5 C43   C53    sing N N 178 
JS5 C43   H43    sing N N 179 
JS5 C53   O53    sing N N 180 
JS5 C53   H531   sing N N 181 
JS5 C53   H532   sing N N 182 
JS5 O53   H53    sing N N 183 
JS5 C63   C73    sing N N 184 
JS5 C63   H631   sing N N 185 
JS5 C63   H632   sing N N 186 
JS5 C73   N73    sing N N 187 
JS5 C73   H731   sing N N 188 
JS5 C73   H732   sing N N 189 
JS5 N73   C83    sing N N 190 
JS5 N73   H73    sing N N 191 
JS5 C83   C15    sing N N 192 
JS5 C83   H831   sing N N 193 
JS5 C83   H832   sing N N 194 
JS5 C15   C25    sing N N 195 
JS5 C15   C55    sing N N 196 
JS5 C15   H15    sing N N 197 
JS5 C25   N25    sing N N 198 
JS5 C25   H251   sing N N 199 
JS5 C25   H252   sing N N 200 
JS5 N25   C35    sing N N 201 
JS5 N25   H25    sing N N 202 
JS5 C35   C45    sing N N 203 
JS5 C35   H351   sing N N 204 
JS5 C35   H352   sing N N 205 
JS5 C45   C55    sing N N 206 
JS5 C45   H451   sing N N 207 
JS5 C45   H452   sing N N 208 
JS5 C55   H551   sing N N 209 
JS5 C55   H552   sing N N 210 
JS5 C14   C24    sing N N 211 
JS5 C14   O54    sing N N 212 
JS5 C14   H14    sing N N 213 
JS5 C24   N24    sing N N 214 
JS5 C24   C34    sing N N 215 
JS5 C24   H24    sing N N 216 
JS5 N24   H241   sing N N 217 
JS5 N24   H242   sing N N 218 
JS5 C34   O34    sing N N 219 
JS5 C34   C44    sing N N 220 
JS5 C34   H34    sing N N 221 
JS5 O34   H4     sing N N 222 
JS5 C44   O44    sing N N 223 
JS5 C44   C54    sing N N 224 
JS5 C44   H44    sing N N 225 
JS5 O44   H5     sing N N 226 
JS5 C54   O54    sing N N 227 
JS5 C54   C64    sing N N 228 
JS5 C54   H54    sing N N 229 
JS5 C64   N64    sing N N 230 
JS5 C64   H11A   sing N N 231 
JS5 C64   H12A   sing N N 232 
JS5 N64   H641   sing N N 233 
JS5 N64   H642   sing N N 234 
U   OP3   P      sing N N 235 
U   OP3   HOP3   sing N N 236 
U   P     OP1    doub N N 237 
U   P     OP2    sing N N 238 
U   P     "O5'"  sing N N 239 
U   OP2   HOP2   sing N N 240 
U   "O5'" "C5'"  sing N N 241 
U   "C5'" "C4'"  sing N N 242 
U   "C5'" "H5'"  sing N N 243 
U   "C5'" "H5''" sing N N 244 
U   "C4'" "O4'"  sing N N 245 
U   "C4'" "C3'"  sing N N 246 
U   "C4'" "H4'"  sing N N 247 
U   "O4'" "C1'"  sing N N 248 
U   "C3'" "O3'"  sing N N 249 
U   "C3'" "C2'"  sing N N 250 
U   "C3'" "H3'"  sing N N 251 
U   "O3'" "HO3'" sing N N 252 
U   "C2'" "O2'"  sing N N 253 
U   "C2'" "C1'"  sing N N 254 
U   "C2'" "H2'"  sing N N 255 
U   "O2'" "HO2'" sing N N 256 
U   "C1'" N1     sing N N 257 
U   "C1'" "H1'"  sing N N 258 
U   N1    C2     sing N N 259 
U   N1    C6     sing N N 260 
U   C2    O2     doub N N 261 
U   C2    N3     sing N N 262 
U   N3    C4     sing N N 263 
U   N3    H3     sing N N 264 
U   C4    O4     doub N N 265 
U   C4    C5     sing N N 266 
U   C5    C6     doub N N 267 
U   C5    H5     sing N N 268 
U   C6    H6     sing N N 269 
# 
loop_
_ndb_struct_conf_na.entry_id 
_ndb_struct_conf_na.feature 
2BE0 'double helix'         
2BE0 'a-form double helix'  
2BE0 'mismatched base pair' 
2BE0 'internal loop'        
# 
loop_
_ndb_struct_na_base_pair.model_number 
_ndb_struct_na_base_pair.i_label_asym_id 
_ndb_struct_na_base_pair.i_label_comp_id 
_ndb_struct_na_base_pair.i_label_seq_id 
_ndb_struct_na_base_pair.i_symmetry 
_ndb_struct_na_base_pair.j_label_asym_id 
_ndb_struct_na_base_pair.j_label_comp_id 
_ndb_struct_na_base_pair.j_label_seq_id 
_ndb_struct_na_base_pair.j_symmetry 
_ndb_struct_na_base_pair.shear 
_ndb_struct_na_base_pair.stretch 
_ndb_struct_na_base_pair.stagger 
_ndb_struct_na_base_pair.buckle 
_ndb_struct_na_base_pair.propeller 
_ndb_struct_na_base_pair.opening 
_ndb_struct_na_base_pair.pair_number 
_ndb_struct_na_base_pair.pair_name 
_ndb_struct_na_base_pair.i_auth_asym_id 
_ndb_struct_na_base_pair.i_auth_seq_id 
_ndb_struct_na_base_pair.i_PDB_ins_code 
_ndb_struct_na_base_pair.j_auth_asym_id 
_ndb_struct_na_base_pair.j_auth_seq_id 
_ndb_struct_na_base_pair.j_PDB_ins_code 
_ndb_struct_na_base_pair.hbond_type_28 
_ndb_struct_na_base_pair.hbond_type_12 
1 A G 2  1_555 B C 22 1_555 -0.126 -0.247 -0.123 -6.536 -2.910  -2.103 1  A_G1:C42_B  A 1  ? B 42 ? 19 1 
1 A C 3  1_555 B G 21 1_555 -0.113 -0.199 0.178  0.138  -5.548  -4.437 2  A_C2:G41_B  A 2  ? B 41 ? 19 1 
1 A G 4  1_555 B C 20 1_555 0.071  -0.058 0.057  -4.505 -11.582 3.368  3  A_G3:C40_B  A 3  ? B 40 ? 19 1 
1 A U 5  1_555 B U 19 1_555 2.049  -1.730 0.284  -4.921 -5.744  5.972  4  A_U4:U39_B  A 4  ? B 39 ? 16 1 
1 A C 6  1_555 B G 18 1_555 0.223  -0.052 -0.143 -5.677 -6.020  2.595  5  A_C5:G38_B  A 5  ? B 38 ? 19 1 
1 A C 8  1_555 B G 15 1_555 0.413  -0.048 0.212  7.154  -19.675 4.582  6  A_C7:G35_B  A 7  ? B 35 ? 19 1 
1 A A 9  1_555 B U 14 1_555 0.187  -0.234 0.377  6.093  -12.348 3.017  7  A_A8:U34_B  A 8  ? B 34 ? 20 1 
1 A C 10 1_555 B G 13 1_555 0.258  -0.151 0.124  2.672  -14.137 1.169  8  A_C9:G33_B  A 9  ? B 33 ? 19 1 
1 A C 11 1_555 B G 12 1_555 0.076  -0.015 0.144  0.117  -8.722  2.955  9  A_C10:G32_B A 10 ? B 32 ? 19 1 
1 A G 12 1_555 B C 11 1_555 -0.195 -0.067 0.099  0.272  -7.967  3.322  10 A_G11:C31_B A 11 ? B 31 ? 19 1 
1 A G 13 1_555 B C 10 1_555 -0.339 -0.103 0.178  -2.297 -14.375 2.354  11 A_G12:C30_B A 12 ? B 30 ? 19 1 
1 A U 14 1_555 B A 9  1_555 -0.069 -0.185 0.367  -5.095 -14.706 4.320  12 A_U13:A29_B A 13 ? B 29 ? 20 1 
1 A G 15 1_555 B C 8  1_555 -0.352 -0.049 0.139  -6.608 -17.015 4.300  13 A_G14:C28_B A 14 ? B 28 ? 19 1 
1 A G 18 1_555 B C 6  1_555 -0.205 -0.026 -0.366 1.664  -6.366  1.066  14 A_G17:C26_B A 17 ? B 26 ? 19 1 
1 A U 19 1_555 B U 5  1_555 -2.252 -1.665 0.326  -2.756 -5.669  6.437  15 A_U18:U25_B A 18 ? B 25 ? 16 1 
1 A C 20 1_555 B G 4  1_555 -0.021 -0.131 -0.202 9.120  -14.505 2.941  16 A_C19:G24_B A 19 ? B 24 ? 19 1 
1 A G 21 1_555 B C 3  1_555 -0.023 -0.220 0.047  -1.278 -4.034  -3.959 17 A_G20:C23_B A 20 ? B 23 ? 19 1 
1 A C 22 1_555 B G 2  1_555 0.198  -0.241 -0.049 3.075  -2.760  0.246  18 A_C21:G22_B A 21 ? B 22 ? 19 1 
# 
loop_
_ndb_struct_na_base_pair_step.model_number 
_ndb_struct_na_base_pair_step.i_label_asym_id_1 
_ndb_struct_na_base_pair_step.i_label_comp_id_1 
_ndb_struct_na_base_pair_step.i_label_seq_id_1 
_ndb_struct_na_base_pair_step.i_symmetry_1 
_ndb_struct_na_base_pair_step.j_label_asym_id_1 
_ndb_struct_na_base_pair_step.j_label_comp_id_1 
_ndb_struct_na_base_pair_step.j_label_seq_id_1 
_ndb_struct_na_base_pair_step.j_symmetry_1 
_ndb_struct_na_base_pair_step.i_label_asym_id_2 
_ndb_struct_na_base_pair_step.i_label_comp_id_2 
_ndb_struct_na_base_pair_step.i_label_seq_id_2 
_ndb_struct_na_base_pair_step.i_symmetry_2 
_ndb_struct_na_base_pair_step.j_label_asym_id_2 
_ndb_struct_na_base_pair_step.j_label_comp_id_2 
_ndb_struct_na_base_pair_step.j_label_seq_id_2 
_ndb_struct_na_base_pair_step.j_symmetry_2 
_ndb_struct_na_base_pair_step.shift 
_ndb_struct_na_base_pair_step.slide 
_ndb_struct_na_base_pair_step.rise 
_ndb_struct_na_base_pair_step.tilt 
_ndb_struct_na_base_pair_step.roll 
_ndb_struct_na_base_pair_step.twist 
_ndb_struct_na_base_pair_step.x_displacement 
_ndb_struct_na_base_pair_step.y_displacement 
_ndb_struct_na_base_pair_step.helical_rise 
_ndb_struct_na_base_pair_step.inclination 
_ndb_struct_na_base_pair_step.tip 
_ndb_struct_na_base_pair_step.helical_twist 
_ndb_struct_na_base_pair_step.step_number 
_ndb_struct_na_base_pair_step.step_name 
_ndb_struct_na_base_pair_step.i_auth_asym_id_1 
_ndb_struct_na_base_pair_step.i_auth_seq_id_1 
_ndb_struct_na_base_pair_step.i_PDB_ins_code_1 
_ndb_struct_na_base_pair_step.j_auth_asym_id_1 
_ndb_struct_na_base_pair_step.j_auth_seq_id_1 
_ndb_struct_na_base_pair_step.j_PDB_ins_code_1 
_ndb_struct_na_base_pair_step.i_auth_asym_id_2 
_ndb_struct_na_base_pair_step.i_auth_seq_id_2 
_ndb_struct_na_base_pair_step.i_PDB_ins_code_2 
_ndb_struct_na_base_pair_step.j_auth_asym_id_2 
_ndb_struct_na_base_pair_step.j_auth_seq_id_2 
_ndb_struct_na_base_pair_step.j_PDB_ins_code_2 
1 A G 2  1_555 B C 22 1_555 A C 3  1_555 B G 21 1_555 -0.179 -1.560 3.229 -2.406  0.887  29.379 -3.251 -0.151 3.186 1.744  4.733   
29.488 1  AA_G1C2:G41C42_BB   A 1  ? B 42 ? A 2  ? B 41 ? 
1 A C 3  1_555 B G 21 1_555 A G 4  1_555 B C 20 1_555 0.686  -2.065 3.234 0.991   10.252 31.860 -5.109 -1.046 2.488 18.094 -1.748  
33.443 2  AA_C2G3:C40G41_BB   A 2  ? B 41 ? A 3  ? B 40 ? 
1 A G 4  1_555 B C 20 1_555 A U 5  1_555 B U 19 1_555 0.389  -1.413 3.328 -1.394  -0.133 39.424 -2.077 -0.743 3.317 -0.197 2.066   
39.448 3  AA_G3U4:U39C40_BB   A 3  ? B 40 ? A 4  ? B 39 ? 
1 A U 5  1_555 B U 19 1_555 A C 6  1_555 B G 18 1_555 -0.303 -2.720 3.203 5.141   -0.886 26.825 -5.543 1.901  3.177 -1.886 -10.951 
27.318 4  AA_U4C5:G38U39_BB   A 4  ? B 39 ? A 5  ? B 38 ? 
1 A C 6  1_555 B G 18 1_555 A C 8  1_555 B G 15 1_555 1.817  -3.425 6.016 -12.306 21.718 76.773 -3.638 -1.966 4.784 17.070 9.672   
80.130 5  AA_C5C7:G35G38_BB   A 5  ? B 38 ? A 7  ? B 35 ? 
1 A C 8  1_555 B G 15 1_555 A A 9  1_555 B U 14 1_555 0.194  -1.706 3.006 -1.722  12.344 32.378 -4.437 -0.544 2.214 21.183 2.955   
34.634 6  AA_C7A8:U34G35_BB   A 7  ? B 35 ? A 8  ? B 34 ? 
1 A A 9  1_555 B U 14 1_555 A C 10 1_555 B G 13 1_555 -0.290 -1.516 3.116 1.992   7.016  34.173 -3.487 0.756  2.740 11.772 -3.342  
34.920 7  AA_A8C9:G33U34_BB   A 8  ? B 34 ? A 9  ? B 33 ? 
1 A C 10 1_555 B G 13 1_555 A C 11 1_555 B G 12 1_555 -0.100 -1.618 3.268 0.299   5.064  32.162 -3.736 0.229  2.984 9.071  -0.535  
32.549 8  AA_C9C10:G32G33_BB  A 9  ? B 33 ? A 10 ? B 32 ? 
1 A C 11 1_555 B G 12 1_555 A G 12 1_555 B C 11 1_555 0.068  -1.789 3.252 0.848   5.258  25.448 -5.338 0.069  2.831 11.773 -1.900  
25.990 9  AA_C10G11:C31G32_BB A 10 ? B 32 ? A 11 ? B 31 ? 
1 A G 12 1_555 B C 11 1_555 A G 13 1_555 B C 10 1_555 0.288  -1.623 3.213 -1.058  5.675  33.225 -3.666 -0.658 2.894 9.832  1.833   
33.709 10 AA_G11G12:C30C31_BB A 11 ? B 31 ? A 12 ? B 30 ? 
1 A G 13 1_555 B C 10 1_555 A U 14 1_555 B A 9  1_555 0.330  -1.381 3.133 -1.717  7.798  35.104 -3.249 -0.757 2.755 12.725 2.802   
35.973 11 AA_G12U13:A29C30_BB A 12 ? B 30 ? A 13 ? B 29 ? 
1 A U 14 1_555 B A 9  1_555 A G 15 1_555 B C 8  1_555 -0.299 -1.751 2.949 1.946   11.053 31.869 -4.475 0.772  2.214 19.393 -3.414  
33.740 12 AA_U13G14:C28A29_BB A 13 ? B 29 ? A 14 ? B 28 ? 
1 A G 15 1_555 B C 8  1_555 A G 18 1_555 B C 6  1_555 -1.746 -3.429 6.217 13.412  23.474 76.103 -3.758 1.981  4.857 18.500 -10.570 
80.072 13 AA_G14G17:C26C28_BB A 14 ? B 28 ? A 17 ? B 26 ? 
1 A G 18 1_555 B C 6  1_555 A U 19 1_555 B U 5  1_555 0.365  -2.783 3.308 -7.696  0.360  27.050 -5.814 -2.544 3.053 0.750  16.046  
28.106 14 AA_G17U18:U25C26_BB A 17 ? B 26 ? A 18 ? B 25 ? 
1 A U 19 1_555 B U 5  1_555 A C 20 1_555 B G 4  1_555 -0.388 -1.264 3.035 5.132   -3.866 40.192 -1.416 1.093  3.069 -5.583 -7.410  
40.681 15 AA_U18C19:G24U25_BB A 18 ? B 25 ? A 19 ? B 24 ? 
1 A C 20 1_555 B G 4  1_555 A G 21 1_555 B C 3  1_555 -0.497 -2.147 3.388 -2.138  14.886 31.129 -5.701 0.540  2.193 25.928 3.723   
34.491 16 AA_C19G20:C23G24_BB A 19 ? B 24 ? A 20 ? B 23 ? 
1 A G 21 1_555 B C 3  1_555 A C 22 1_555 B G 2  1_555 0.331  -1.625 3.255 0.963   0.607  28.710 -3.411 -0.452 3.230 1.224  -1.942  
28.732 17 AA_G20C21:G22C23_BB A 20 ? B 23 ? A 21 ? B 22 ? 
# 
_pdbx_initial_refinement_model.id               1 
_pdbx_initial_refinement_model.entity_id_list   ? 
_pdbx_initial_refinement_model.type             'experimental model' 
_pdbx_initial_refinement_model.source_name      PDB 
_pdbx_initial_refinement_model.accession_code   1J7T 
_pdbx_initial_refinement_model.details          'PDB ENTRY 1J7T' 
# 
_atom_sites.entry_id                    2BE0 
_atom_sites.fract_transf_matrix[1][1]   0.01555747 
_atom_sites.fract_transf_matrix[1][2]   0.00017130 
_atom_sites.fract_transf_matrix[1][3]   0.02026542 
_atom_sites.fract_transf_matrix[2][1]   0.02012847 
_atom_sites.fract_transf_matrix[2][2]   0.00284230 
_atom_sites.fract_transf_matrix[2][3]   -0.01547635 
_atom_sites.fract_transf_matrix[3][1]   -0.00093107 
_atom_sites.fract_transf_matrix[3][2]   0.01002416 
_atom_sites.fract_transf_matrix[3][3]   0.00063004 
_atom_sites.fract_transf_vector[1]      0.914710 
_atom_sites.fract_transf_vector[2]      0.419803 
_atom_sites.fract_transf_vector[3]      0.001815 
# 
loop_
_atom_type.symbol 
C 
N 
O 
P 
# 
loop_
_atom_site.group_PDB 
_atom_site.id 
_atom_site.type_symbol 
_atom_site.label_atom_id 
_atom_site.label_alt_id 
_atom_site.label_comp_id 
_atom_site.label_asym_id 
_atom_site.label_entity_id 
_atom_site.label_seq_id 
_atom_site.pdbx_PDB_ins_code 
_atom_site.Cartn_x 
_atom_site.Cartn_y 
_atom_site.Cartn_z 
_atom_site.occupancy 
_atom_site.B_iso_or_equiv 
_atom_site.pdbx_formal_charge 
_atom_site.auth_seq_id 
_atom_site.auth_comp_id 
_atom_site.auth_asym_id 
_atom_site.auth_atom_id 
_atom_site.pdbx_PDB_model_num 
ATOM   1    P P     . G   A 1 2  ? -9.009  -10.372 22.872  1.00 86.95 ? 1   G   A P     1 
ATOM   2    O OP1   . G   A 1 2  ? -9.812  -11.478 23.560  1.00 77.91 ? 1   G   A OP1   1 
ATOM   3    O OP2   . G   A 1 2  ? -9.316  -10.207 21.384  1.00 77.59 ? 1   G   A OP2   1 
ATOM   4    O "O5'" . G   A 1 2  ? -9.521  -8.988  23.563  1.00 86.95 ? 1   G   A "O5'" 1 
ATOM   5    C "C5'" . G   A 1 2  ? -10.923 -8.753  23.794  1.00 86.95 ? 1   G   A "C5'" 1 
ATOM   6    C "C4'" . G   A 1 2  ? -11.224 -7.274  23.735  1.00 86.95 ? 1   G   A "C4'" 1 
ATOM   7    O "O4'" . G   A 1 2  ? -10.663 -6.595  24.890  1.00 85.76 ? 1   G   A "O4'" 1 
ATOM   8    C "C3'" . G   A 1 2  ? -10.631 -6.540  22.549  1.00 86.95 ? 1   G   A "C3'" 1 
ATOM   9    O "O3'" . G   A 1 2  ? -11.465 -6.715  21.414  1.00 86.95 ? 1   G   A "O3'" 1 
ATOM   10   C "C2'" . G   A 1 2  ? -10.615 -5.102  23.052  1.00 85.60 ? 1   G   A "C2'" 1 
ATOM   11   O "O2'" . G   A 1 2  ? -11.889 -4.492  22.983  1.00 86.39 ? 1   G   A "O2'" 1 
ATOM   12   C "C1'" . G   A 1 2  ? -10.229 -5.301  24.518  1.00 83.69 ? 1   G   A "C1'" 1 
ATOM   13   N N9    . G   A 1 2  ? -8.790  -5.231  24.743  1.00 70.27 ? 1   G   A N9    1 
ATOM   14   C C8    . G   A 1 2  ? -7.908  -6.282  24.753  1.00 69.61 ? 1   G   A C8    1 
ATOM   15   N N7    . G   A 1 2  ? -6.673  -5.913  24.959  1.00 68.44 ? 1   G   A N7    1 
ATOM   16   C C5    . G   A 1 2  ? -6.745  -4.535  25.094  1.00 66.99 ? 1   G   A C5    1 
ATOM   17   C C6    . G   A 1 2  ? -5.725  -3.588  25.317  1.00 66.63 ? 1   G   A C6    1 
ATOM   18   O O6    . G   A 1 2  ? -4.512  -3.785  25.451  1.00 65.19 ? 1   G   A O6    1 
ATOM   19   N N1    . G   A 1 2  ? -6.235  -2.295  25.380  1.00 65.77 ? 1   G   A N1    1 
ATOM   20   C C2    . G   A 1 2  ? -7.559  -1.960  25.257  1.00 66.76 ? 1   G   A C2    1 
ATOM   21   N N2    . G   A 1 2  ? -7.854  -0.658  25.356  1.00 66.66 ? 1   G   A N2    1 
ATOM   22   N N3    . G   A 1 2  ? -8.522  -2.838  25.048  1.00 67.96 ? 1   G   A N3    1 
ATOM   23   C C4    . G   A 1 2  ? -8.045  -4.099  24.974  1.00 68.59 ? 1   G   A C4    1 
ATOM   24   P P     . C   A 1 3  ? -11.066 -6.029  20.021  1.00 86.80 ? 2   C   A P     1 
ATOM   25   O OP1   . C   A 1 3  ? -12.046 -6.481  19.002  1.00 77.81 ? 2   C   A OP1   1 
ATOM   26   O OP2   . C   A 1 3  ? -9.609  -6.228  19.788  1.00 77.33 ? 2   C   A OP2   1 
ATOM   27   O "O5'" . C   A 1 3  ? -11.343 -4.486  20.275  1.00 86.40 ? 2   C   A "O5'" 1 
ATOM   28   C "C5'" . C   A 1 3  ? -10.777 -3.514  19.427  1.00 83.93 ? 2   C   A "C5'" 1 
ATOM   29   C "C4'" . C   A 1 3  ? -10.899 -2.148  20.045  1.00 82.47 ? 2   C   A "C4'" 1 
ATOM   30   O "O4'" . C   A 1 3  ? -10.463 -2.166  21.434  1.00 82.00 ? 2   C   A "O4'" 1 
ATOM   31   C "C3'" . C   A 1 3  ? -9.983  -1.157  19.368  1.00 81.91 ? 2   C   A "C3'" 1 
ATOM   32   O "O3'" . C   A 1 3  ? -10.611 -0.644  18.215  1.00 80.64 ? 2   C   A "O3'" 1 
ATOM   33   C "C2'" . C   A 1 3  ? -9.726  -0.151  20.473  1.00 81.84 ? 2   C   A "C2'" 1 
ATOM   34   O "O2'" . C   A 1 3  ? -10.833 0.698   20.690  1.00 82.06 ? 2   C   A "O2'" 1 
ATOM   35   C "C1'" . C   A 1 3  ? -9.558  -1.094  21.663  1.00 81.50 ? 2   C   A "C1'" 1 
ATOM   36   N N1    . C   A 1 3  ? -8.208  -1.679  21.750  1.00 70.25 ? 2   C   A N1    1 
ATOM   37   C C2    . C   A 1 3  ? -7.105  -0.854  22.012  1.00 70.42 ? 2   C   A C2    1 
ATOM   38   O O2    . C   A 1 3  ? -7.273  0.365   22.137  1.00 72.23 ? 2   C   A O2    1 
ATOM   39   N N3    . C   A 1 3  ? -5.880  -1.409  22.110  1.00 69.77 ? 2   C   A N3    1 
ATOM   40   C C4    . C   A 1 3  ? -5.726  -2.719  21.942  1.00 68.82 ? 2   C   A C4    1 
ATOM   41   N N4    . C   A 1 3  ? -4.501  -3.215  22.049  1.00 68.85 ? 2   C   A N4    1 
ATOM   42   C C5    . C   A 1 3  ? -6.822  -3.577  21.662  1.00 68.95 ? 2   C   A C5    1 
ATOM   43   C C6    . C   A 1 3  ? -8.033  -3.022  21.577  1.00 70.00 ? 2   C   A C6    1 
ATOM   44   P P     . G   A 1 4  ? -9.892  -0.824  16.800  1.00 80.00 ? 3   G   A P     1 
ATOM   45   O OP1   . G   A 1 4  ? -10.904 -0.551  15.753  1.00 76.46 ? 3   G   A OP1   1 
ATOM   46   O OP2   . G   A 1 4  ? -9.215  -2.142  16.831  1.00 77.50 ? 3   G   A OP2   1 
ATOM   47   O "O5'" . G   A 1 4  ? -8.784  0.324   16.816  1.00 78.78 ? 3   G   A "O5'" 1 
ATOM   48   C "C5'" . G   A 1 4  ? -9.127  1.653   17.212  1.00 73.20 ? 3   G   A "C5'" 1 
ATOM   49   C "C4'" . G   A 1 4  ? -7.901  2.426   17.651  1.00 69.62 ? 3   G   A "C4'" 1 
ATOM   50   O "O4'" . G   A 1 4  ? -7.379  1.891   18.897  1.00 68.90 ? 3   G   A "O4'" 1 
ATOM   51   C "C3'" . G   A 1 4  ? -6.698  2.356   16.735  1.00 69.37 ? 3   G   A "C3'" 1 
ATOM   52   O "O3'" . G   A 1 4  ? -6.814  3.167   15.584  1.00 69.93 ? 3   G   A "O3'" 1 
ATOM   53   C "C2'" . G   A 1 4  ? -5.580  2.810   17.660  1.00 67.68 ? 3   G   A "C2'" 1 
ATOM   54   O "O2'" . G   A 1 4  ? -5.556  4.204   17.872  1.00 67.74 ? 3   G   A "O2'" 1 
ATOM   55   C "C1'" . G   A 1 4  ? -5.972  2.104   18.954  1.00 66.24 ? 3   G   A "C1'" 1 
ATOM   56   N N9    . G   A 1 4  ? -5.300  0.811   19.061  1.00 59.20 ? 3   G   A N9    1 
ATOM   57   C C8    . G   A 1 4  ? -5.858  -0.432  18.925  1.00 58.54 ? 3   G   A C8    1 
ATOM   58   N N7    . G   A 1 4  ? -4.990  -1.399  19.058  1.00 58.48 ? 3   G   A N7    1 
ATOM   59   C C5    . G   A 1 4  ? -3.785  -0.750  19.296  1.00 57.44 ? 3   G   A C5    1 
ATOM   60   C C6    . G   A 1 4  ? -2.474  -1.276  19.511  1.00 58.02 ? 3   G   A C6    1 
ATOM   61   O O6    . G   A 1 4  ? -2.104  -2.462  19.538  1.00 59.04 ? 3   G   A O6    1 
ATOM   62   N N1    . G   A 1 4  ? -1.548  -0.259  19.706  1.00 56.76 ? 3   G   A N1    1 
ATOM   63   C C2    . G   A 1 4  ? -1.837  1.075   19.699  1.00 55.29 ? 3   G   A C2    1 
ATOM   64   N N2    . G   A 1 4  ? -0.815  1.895   19.915  1.00 53.24 ? 3   G   A N2    1 
ATOM   65   N N3    . G   A 1 4  ? -3.041  1.571   19.496  1.00 54.90 ? 3   G   A N3    1 
ATOM   66   C C4    . G   A 1 4  ? -3.959  0.612   19.304  1.00 56.67 ? 3   G   A C4    1 
ATOM   67   P P     . U   A 1 5  ? -6.099  2.695   14.229  1.00 64.27 ? 4   U   A P     1 
ATOM   68   O OP1   . U   A 1 5  ? -6.347  3.724   13.192  1.00 73.60 ? 4   U   A OP1   1 
ATOM   69   O OP2   . U   A 1 5  ? -6.541  1.305   13.984  1.00 73.28 ? 4   U   A OP2   1 
ATOM   70   O "O5'" . U   A 1 5  ? -4.550  2.711   14.614  1.00 60.18 ? 4   U   A "O5'" 1 
ATOM   71   C "C5'" . U   A 1 5  ? -3.923  3.924   15.003  1.00 58.23 ? 4   U   A "C5'" 1 
ATOM   72   C "C4'" . U   A 1 5  ? -2.458  3.708   15.306  1.00 59.06 ? 4   U   A "C4'" 1 
ATOM   73   O "O4'" . U   A 1 5  ? -2.307  2.853   16.464  1.00 59.75 ? 4   U   A "O4'" 1 
ATOM   74   C "C3'" . U   A 1 5  ? -1.618  3.041   14.230  1.00 59.20 ? 4   U   A "C3'" 1 
ATOM   75   O "O3'" . U   A 1 5  ? -1.192  3.996   13.270  1.00 60.37 ? 4   U   A "O3'" 1 
ATOM   76   C "C2'" . U   A 1 5  ? -0.438  2.498   15.028  1.00 59.44 ? 4   U   A "C2'" 1 
ATOM   77   O "O2'" . U   A 1 5  ? 0.599   3.421   15.257  1.00 60.12 ? 4   U   A "O2'" 1 
ATOM   78   C "C1'" . U   A 1 5  ? -1.100  2.108   16.351  1.00 58.76 ? 4   U   A "C1'" 1 
ATOM   79   N N1    . U   A 1 5  ? -1.432  0.678   16.361  1.00 67.60 ? 4   U   A N1    1 
ATOM   80   C C2    . U   A 1 5  ? -0.403  -0.219  16.579  1.00 67.82 ? 4   U   A C2    1 
ATOM   81   O O2    . U   A 1 5  ? 0.742   0.127   16.823  1.00 67.86 ? 4   U   A O2    1 
ATOM   82   N N3    . U   A 1 5  ? -0.764  -1.541  16.500  1.00 69.00 ? 4   U   A N3    1 
ATOM   83   C C4    . U   A 1 5  ? -2.025  -2.040  16.240  1.00 69.14 ? 4   U   A C4    1 
ATOM   84   O O4    . U   A 1 5  ? -2.179  -3.246  16.114  1.00 71.12 ? 4   U   A O4    1 
ATOM   85   C C5    . U   A 1 5  ? -3.038  -1.046  16.062  1.00 68.83 ? 4   U   A C5    1 
ATOM   86   C C6    . U   A 1 5  ? -2.713  0.247   16.129  1.00 67.32 ? 4   U   A C6    1 
ATOM   87   P P     . C   A 1 6  ? -0.527  3.506   11.894  1.00 57.67 ? 5   C   A P     1 
ATOM   88   O OP1   . C   A 1 6  ? -0.265  4.697   11.044  1.00 57.66 ? 5   C   A OP1   1 
ATOM   89   O OP2   . C   A 1 6  ? -1.360  2.410   11.360  1.00 58.47 ? 5   C   A OP2   1 
ATOM   90   O "O5'" . C   A 1 6  ? 0.906   2.988   12.334  1.00 55.24 ? 5   C   A "O5'" 1 
ATOM   91   C "C5'" . C   A 1 6  ? 1.897   3.925   12.694  1.00 53.98 ? 5   C   A "C5'" 1 
ATOM   92   C "C4'" . C   A 1 6  ? 3.154   3.228   13.113  1.00 53.69 ? 5   C   A "C4'" 1 
ATOM   93   O "O4'" . C   A 1 6  ? 2.871   2.368   14.247  1.00 53.18 ? 5   C   A "O4'" 1 
ATOM   94   C "C3'" . C   A 1 6  ? 3.730   2.277   12.092  1.00 53.60 ? 5   C   A "C3'" 1 
ATOM   95   O "O3'" . C   A 1 6  ? 4.480   2.954   11.108  1.00 54.99 ? 5   C   A "O3'" 1 
ATOM   96   C "C2'" . C   A 1 6  ? 4.606   1.403   12.968  1.00 53.36 ? 5   C   A "C2'" 1 
ATOM   97   O "O2'" . C   A 1 6  ? 5.772   2.066   13.388  1.00 53.24 ? 5   C   A "O2'" 1 
ATOM   98   C "C1'" . C   A 1 6  ? 3.689   1.207   14.171  1.00 51.52 ? 5   C   A "C1'" 1 
ATOM   99   N N1    . C   A 1 6  ? 2.825   0.024   13.996  1.00 47.08 ? 5   C   A N1    1 
ATOM   100  C C2    . C   A 1 6  ? 3.374   -1.247  14.238  1.00 44.32 ? 5   C   A C2    1 
ATOM   101  O O2    . C   A 1 6  ? 4.567   -1.331  14.568  1.00 42.28 ? 5   C   A O2    1 
ATOM   102  N N3    . C   A 1 6  ? 2.596   -2.339  14.098  1.00 42.40 ? 5   C   A N3    1 
ATOM   103  C C4    . C   A 1 6  ? 1.328   -2.206  13.715  1.00 44.57 ? 5   C   A C4    1 
ATOM   104  N N4    . C   A 1 6  ? 0.609   -3.311  13.566  1.00 45.74 ? 5   C   A N4    1 
ATOM   105  C C5    . C   A 1 6  ? 0.743   -0.927  13.459  1.00 45.09 ? 5   C   A C5    1 
ATOM   106  C C6    . C   A 1 6  ? 1.522   0.148   13.609  1.00 44.78 ? 5   C   A C6    1 
ATOM   107  P P     . A   A 1 7  ? 4.536   2.363   9.621   1.00 68.26 ? 6   A   A P     1 
ATOM   108  O OP1   . A   A 1 7  ? 5.323   3.289   8.777   1.00 65.72 ? 6   A   A OP1   1 
ATOM   109  O OP2   . A   A 1 7  ? 3.137   2.015   9.233   1.00 63.43 ? 6   A   A OP2   1 
ATOM   110  O "O5'" . A   A 1 7  ? 5.422   1.046   9.770   1.00 66.66 ? 6   A   A "O5'" 1 
ATOM   111  C "C5'" . A   A 1 7  ? 6.780   1.157   10.166  1.00 67.37 ? 6   A   A "C5'" 1 
ATOM   112  C "C4'" . A   A 1 7  ? 7.367   -0.199  10.435  1.00 68.40 ? 6   A   A "C4'" 1 
ATOM   113  O "O4'" . A   A 1 7  ? 6.665   -0.837  11.535  1.00 68.94 ? 6   A   A "O4'" 1 
ATOM   114  C "C3'" . A   A 1 7  ? 7.236   -1.205  9.313   1.00 67.74 ? 6   A   A "C3'" 1 
ATOM   115  O "O3'" . A   A 1 7  ? 8.227   -1.004  8.326   1.00 67.73 ? 6   A   A "O3'" 1 
ATOM   116  C "C2'" . A   A 1 7  ? 7.457   -2.508  10.054  1.00 66.40 ? 6   A   A "C2'" 1 
ATOM   117  O "O2'" . A   A 1 7  ? 8.820   -2.699  10.350  1.00 64.96 ? 6   A   A "O2'" 1 
ATOM   118  C "C1'" . A   A 1 7  ? 6.678   -2.245  11.344  1.00 67.59 ? 6   A   A "C1'" 1 
ATOM   119  N N9    . A   A 1 7  ? 5.295   -2.714  11.243  1.00 64.11 ? 6   A   A N9    1 
ATOM   120  C C8    . A   A 1 7  ? 4.153   -2.000  10.979  1.00 64.70 ? 6   A   A C8    1 
ATOM   121  N N7    . A   A 1 7  ? 3.065   -2.733  10.942  1.00 63.92 ? 6   A   A N7    1 
ATOM   122  C C5    . A   A 1 7  ? 3.523   -4.016  11.201  1.00 63.22 ? 6   A   A C5    1 
ATOM   123  C C6    . A   A 1 7  ? 2.862   -5.258  11.302  1.00 61.36 ? 6   A   A C6    1 
ATOM   124  N N6    . A   A 1 7  ? 1.548   -5.417  11.154  1.00 57.66 ? 6   A   A N6    1 
ATOM   125  N N1    . A   A 1 7  ? 3.616   -6.343  11.569  1.00 62.53 ? 6   A   A N1    1 
ATOM   126  C C2    . A   A 1 7  ? 4.944   -6.189  11.731  1.00 63.60 ? 6   A   A C2    1 
ATOM   127  N N3    . A   A 1 7  ? 5.677   -5.081  11.667  1.00 63.67 ? 6   A   A N3    1 
ATOM   128  C C4    . A   A 1 7  ? 4.895   -4.018  11.392  1.00 63.98 ? 6   A   A C4    1 
ATOM   129  P P     . C   A 1 8  ? 7.858   -1.246  6.786   1.00 68.00 ? 7   C   A P     1 
ATOM   130  O OP1   . C   A 1 8  ? 9.028   -0.847  5.974   1.00 59.79 ? 7   C   A OP1   1 
ATOM   131  O OP2   . C   A 1 8  ? 6.536   -0.633  6.526   1.00 58.20 ? 7   C   A OP2   1 
ATOM   132  O "O5'" . C   A 1 8  ? 7.712   -2.825  6.691   1.00 68.54 ? 7   C   A "O5'" 1 
ATOM   133  C "C5'" . C   A 1 8  ? 8.825   -3.664  6.969   1.00 68.34 ? 7   C   A "C5'" 1 
ATOM   134  C "C4'" . C   A 1 8  ? 8.388   -5.104  7.009   1.00 69.31 ? 7   C   A "C4'" 1 
ATOM   135  O "O4'" . C   A 1 8  ? 7.502   -5.317  8.145   1.00 68.77 ? 7   C   A "O4'" 1 
ATOM   136  C "C3'" . C   A 1 8  ? 7.561   -5.561  5.820   1.00 69.56 ? 7   C   A "C3'" 1 
ATOM   137  O "O3'" . C   A 1 8  ? 8.379   -5.838  4.688   1.00 70.54 ? 7   C   A "O3'" 1 
ATOM   138  C "C2'" . C   A 1 8  ? 6.867   -6.791  6.399   1.00 68.58 ? 7   C   A "C2'" 1 
ATOM   139  O "O2'" . C   A 1 8  ? 7.702   -7.933  6.481   1.00 69.32 ? 7   C   A "O2'" 1 
ATOM   140  C "C1'" . C   A 1 8  ? 6.536   -6.301  7.811   1.00 67.57 ? 7   C   A "C1'" 1 
ATOM   141  N N1    . C   A 1 8  ? 5.200   -5.689  7.870   1.00 58.82 ? 7   C   A N1    1 
ATOM   142  C C2    . C   A 1 8  ? 4.091   -6.534  7.861   1.00 58.45 ? 7   C   A C2    1 
ATOM   143  O O2    . C   A 1 8  ? 4.280   -7.757  7.851   1.00 59.61 ? 7   C   A O2    1 
ATOM   144  N N3    . C   A 1 8  ? 2.849   -6.002  7.866   1.00 58.23 ? 7   C   A N3    1 
ATOM   145  C C4    . C   A 1 8  ? 2.690   -4.677  7.890   1.00 57.04 ? 7   C   A C4    1 
ATOM   146  N N4    . C   A 1 8  ? 1.440   -4.200  7.889   1.00 56.50 ? 7   C   A N4    1 
ATOM   147  C C5    . C   A 1 8  ? 3.806   -3.785  7.918   1.00 55.82 ? 7   C   A C5    1 
ATOM   148  C C6    . C   A 1 8  ? 5.033   -4.330  7.911   1.00 57.00 ? 7   C   A C6    1 
ATOM   149  P P     . A   A 1 9  ? 7.982   -5.230  3.251   1.00 71.79 ? 8   A   A P     1 
ATOM   150  O OP1   . A   A 1 9  ? 9.190   -5.212  2.394   1.00 62.68 ? 8   A   A OP1   1 
ATOM   151  O OP2   . A   A 1 9  ? 7.204   -3.984  3.454   1.00 64.48 ? 8   A   A OP2   1 
ATOM   152  O "O5'" . A   A 1 9  ? 6.987   -6.304  2.633   1.00 70.87 ? 8   A   A "O5'" 1 
ATOM   153  C "C5'" . A   A 1 9  ? 7.340   -7.677  2.583   1.00 68.50 ? 8   A   A "C5'" 1 
ATOM   154  C "C4'" . A   A 1 9  ? 6.093   -8.519  2.509   1.00 68.25 ? 8   A   A "C4'" 1 
ATOM   155  O "O4'" . A   A 1 9  ? 5.329   -8.385  3.739   1.00 67.88 ? 8   A   A "O4'" 1 
ATOM   156  C "C3'" . A   A 1 9  ? 5.101   -8.116  1.433   1.00 66.77 ? 8   A   A "C3'" 1 
ATOM   157  O "O3'" . A   A 1 9  ? 5.489   -8.647  0.172   1.00 65.94 ? 8   A   A "O3'" 1 
ATOM   158  C "C2'" . A   A 1 9  ? 3.822   -8.766  1.942   1.00 67.42 ? 8   A   A "C2'" 1 
ATOM   159  O "O2'" . A   A 1 9  ? 3.761   -10.141 1.637   1.00 67.93 ? 8   A   A "O2'" 1 
ATOM   160  C "C1'" . A   A 1 9  ? 3.955   -8.579  3.460   1.00 66.73 ? 8   A   A "C1'" 1 
ATOM   161  N N9    . A   A 1 9  ? 3.195   -7.433  3.965   1.00 57.84 ? 8   A   A N9    1 
ATOM   162  C C8    . A   A 1 9  ? 3.644   -6.183  4.322   1.00 56.83 ? 8   A   A C8    1 
ATOM   163  N N7    . A   A 1 9  ? 2.687   -5.370  4.707   1.00 55.67 ? 8   A   A N7    1 
ATOM   164  C C5    . A   A 1 9  ? 1.534   -6.138  4.604   1.00 55.02 ? 8   A   A C5    1 
ATOM   165  C C6    . A   A 1 9  ? 0.175   -5.859  4.851   1.00 55.47 ? 8   A   A C6    1 
ATOM   166  N N6    . A   A 1 9  ? -0.281  -4.674  5.256   1.00 55.45 ? 8   A   A N6    1 
ATOM   167  N N1    . A   A 1 9  ? -0.714  -6.853  4.651   1.00 55.74 ? 8   A   A N1    1 
ATOM   168  C C2    . A   A 1 9  ? -0.272  -8.030  4.224   1.00 55.21 ? 8   A   A C2    1 
ATOM   169  N N3    . A   A 1 9  ? 0.969   -8.412  3.947   1.00 55.45 ? 8   A   A N3    1 
ATOM   170  C C4    . A   A 1 9  ? 1.835   -7.412  4.159   1.00 55.86 ? 8   A   A C4    1 
ATOM   171  P P     . C   A 1 10 ? 5.075   -7.884  -1.181  1.00 66.35 ? 9   C   A P     1 
ATOM   172  O OP1   . C   A 1 10 ? 5.922   -8.413  -2.279  1.00 67.72 ? 9   C   A OP1   1 
ATOM   173  O OP2   . C   A 1 10 ? 5.019   -6.418  -0.952  1.00 69.70 ? 9   C   A OP2   1 
ATOM   174  O "O5'" . C   A 1 10 ? 3.567   -8.338  -1.424  1.00 64.69 ? 9   C   A "O5'" 1 
ATOM   175  C "C5'" . C   A 1 10 ? 3.245   -9.678  -1.733  1.00 58.75 ? 9   C   A "C5'" 1 
ATOM   176  C "C4'" . C   A 1 10 ? 1.767   -9.884  -1.596  1.00 56.36 ? 9   C   A "C4'" 1 
ATOM   177  O "O4'" . C   A 1 10 ? 1.391   -9.600  -0.228  1.00 57.40 ? 9   C   A "O4'" 1 
ATOM   178  C "C3'" . C   A 1 10 ? 0.917   -8.919  -2.394  1.00 54.55 ? 9   C   A "C3'" 1 
ATOM   179  O "O3'" . C   A 1 10 ? 0.743   -9.363  -3.720  1.00 54.26 ? 9   C   A "O3'" 1 
ATOM   180  C "C2'" . C   A 1 10 ? -0.398  -8.947  -1.647  1.00 56.83 ? 9   C   A "C2'" 1 
ATOM   181  O "O2'" . C   A 1 10 ? -1.216  -10.036 -1.991  1.00 57.18 ? 9   C   A "O2'" 1 
ATOM   182  C "C1'" . C   A 1 10 ? 0.077   -9.071  -0.201  1.00 56.94 ? 9   C   A "C1'" 1 
ATOM   183  N N1    . C   A 1 10 ? 0.095   -7.762  0.468   1.00 60.63 ? 9   C   A N1    1 
ATOM   184  C C2    . C   A 1 10 ? -1.113  -7.252  0.921   1.00 59.25 ? 9   C   A C2    1 
ATOM   185  O O2    . C   A 1 10 ? -2.134  -7.922  0.733   1.00 57.76 ? 9   C   A O2    1 
ATOM   186  N N3    . C   A 1 10 ? -1.143  -6.047  1.527   1.00 60.37 ? 9   C   A N3    1 
ATOM   187  C C4    . C   A 1 10 ? -0.018  -5.348  1.673   1.00 60.29 ? 9   C   A C4    1 
ATOM   188  N N4    . C   A 1 10 ? -0.097  -4.155  2.258   1.00 61.83 ? 9   C   A N4    1 
ATOM   189  C C5    . C   A 1 10 ? 1.238   -5.844  1.221   1.00 59.88 ? 9   C   A C5    1 
ATOM   190  C C6    . C   A 1 10 ? 1.252   -7.050  0.633   1.00 59.88 ? 9   C   A C6    1 
ATOM   191  P P     . C   A 1 11 ? 0.441   -8.293  -4.866  1.00 43.24 ? 10  C   A P     1 
ATOM   192  O OP1   . C   A 1 11 ? 0.545   -8.953  -6.188  1.00 52.54 ? 10  C   A OP1   1 
ATOM   193  O OP2   . C   A 1 11 ? 1.302   -7.111  -4.577  1.00 55.13 ? 10  C   A OP2   1 
ATOM   194  O "O5'" . C   A 1 11 ? -1.085  -7.908  -4.606  1.00 41.82 ? 10  C   A "O5'" 1 
ATOM   195  C "C5'" . C   A 1 11 ? -2.131  -8.729  -5.082  1.00 42.63 ? 10  C   A "C5'" 1 
ATOM   196  C "C4'" . C   A 1 11 ? -3.475  -8.198  -4.628  1.00 44.31 ? 10  C   A "C4'" 1 
ATOM   197  O "O4'" . C   A 1 11 ? -3.472  -8.017  -3.189  1.00 48.32 ? 10  C   A "O4'" 1 
ATOM   198  C "C3'" . C   A 1 11 ? -3.907  -6.841  -5.135  1.00 43.44 ? 10  C   A "C3'" 1 
ATOM   199  O "O3'" . C   A 1 11 ? -4.482  -6.985  -6.412  1.00 46.51 ? 10  C   A "O3'" 1 
ATOM   200  C "C2'" . C   A 1 11 ? -4.983  -6.484  -4.128  1.00 43.70 ? 10  C   A "C2'" 1 
ATOM   201  O "O2'" . C   A 1 11 ? -6.178  -7.213  -4.300  1.00 45.45 ? 10  C   A "O2'" 1 
ATOM   202  C "C1'" . C   A 1 11 ? -4.341  -6.958  -2.837  1.00 44.59 ? 10  C   A "C1'" 1 
ATOM   203  N N1    . C   A 1 11 ? -3.543  -5.895  -2.220  1.00 52.50 ? 10  C   A N1    1 
ATOM   204  C C2    . C   A 1 11 ? -4.202  -4.887  -1.524  1.00 52.12 ? 10  C   A C2    1 
ATOM   205  O O2    . C   A 1 11 ? -5.439  -4.916  -1.467  1.00 51.05 ? 10  C   A O2    1 
ATOM   206  N N3    . C   A 1 11 ? -3.478  -3.906  -0.937  1.00 52.26 ? 10  C   A N3    1 
ATOM   207  C C4    . C   A 1 11 ? -2.148  -3.909  -1.036  1.00 53.18 ? 10  C   A C4    1 
ATOM   208  N N4    . C   A 1 11 ? -1.468  -2.926  -0.429  1.00 53.78 ? 10  C   A N4    1 
ATOM   209  C C5    . C   A 1 11 ? -1.451  -4.923  -1.753  1.00 52.05 ? 10  C   A C5    1 
ATOM   210  C C6    . C   A 1 11 ? -2.182  -5.889  -2.321  1.00 51.10 ? 10  C   A C6    1 
ATOM   211  P P     . G   A 1 12 ? -4.219  -5.876  -7.533  1.00 57.01 ? 11  G   A P     1 
ATOM   212  O OP1   . G   A 1 12 ? -4.768  -6.389  -8.820  1.00 48.96 ? 11  G   A OP1   1 
ATOM   213  O OP2   . G   A 1 12 ? -2.797  -5.447  -7.454  1.00 48.51 ? 11  G   A OP2   1 
ATOM   214  O "O5'" . G   A 1 12 ? -5.212  -4.725  -7.084  1.00 56.72 ? 11  G   A "O5'" 1 
ATOM   215  C "C5'" . G   A 1 12 ? -6.606  -4.969  -7.131  1.00 58.14 ? 11  G   A "C5'" 1 
ATOM   216  C "C4'" . G   A 1 12 ? -7.355  -3.963  -6.303  1.00 58.14 ? 11  G   A "C4'" 1 
ATOM   217  O "O4'" . G   A 1 12 ? -6.832  -3.964  -4.949  1.00 57.24 ? 11  G   A "O4'" 1 
ATOM   218  C "C3'" . G   A 1 12 ? -7.219  -2.505  -6.685  1.00 56.38 ? 11  G   A "C3'" 1 
ATOM   219  O "O3'" . G   A 1 12 ? -7.991  -2.167  -7.826  1.00 56.99 ? 11  G   A "O3'" 1 
ATOM   220  C "C2'" . G   A 1 12 ? -7.755  -1.851  -5.427  1.00 57.29 ? 11  G   A "C2'" 1 
ATOM   221  O "O2'" . G   A 1 12 ? -9.154  -2.023  -5.308  1.00 54.73 ? 11  G   A "O2'" 1 
ATOM   222  C "C1'" . G   A 1 12 ? -7.068  -2.701  -4.359  1.00 57.39 ? 11  G   A "C1'" 1 
ATOM   223  N N9    . G   A 1 12 ? -5.795  -2.140  -3.916  1.00 50.93 ? 11  G   A N9    1 
ATOM   224  C C8    . G   A 1 12 ? -4.528  -2.582  -4.209  1.00 50.80 ? 11  G   A C8    1 
ATOM   225  N N7    . G   A 1 12 ? -3.590  -1.864  -3.644  1.00 51.24 ? 11  G   A N7    1 
ATOM   226  C C5    . G   A 1 12 ? -4.285  -0.890  -2.938  1.00 51.67 ? 11  G   A C5    1 
ATOM   227  C C6    . G   A 1 12 ? -3.811  0.185   -2.116  1.00 50.99 ? 11  G   A C6    1 
ATOM   228  O O6    . G   A 1 12 ? -2.637  0.481   -1.821  1.00 46.85 ? 11  G   A O6    1 
ATOM   229  N N1    . G   A 1 12 ? -4.868  0.937   -1.609  1.00 50.98 ? 11  G   A N1    1 
ATOM   230  C C2    . G   A 1 12 ? -6.199  0.682   -1.840  1.00 52.18 ? 11  G   A C2    1 
ATOM   231  N N2    . G   A 1 12 ? -7.075  1.499   -1.262  1.00 55.45 ? 11  G   A N2    1 
ATOM   232  N N3    . G   A 1 12 ? -6.646  -0.312  -2.587  1.00 52.73 ? 11  G   A N3    1 
ATOM   233  C C4    . G   A 1 12 ? -5.646  -1.048  -3.102  1.00 51.50 ? 11  G   A C4    1 
ATOM   234  P P     . G   A 1 13 ? -7.465  -1.008  -8.810  1.00 56.55 ? 12  G   A P     1 
ATOM   235  O OP1   . G   A 1 13 ? -8.237  -1.115  -10.076 1.00 56.45 ? 12  G   A OP1   1 
ATOM   236  O OP2   . G   A 1 13 ? -5.976  -1.042  -8.843  1.00 54.42 ? 12  G   A OP2   1 
ATOM   237  O "O5'" . G   A 1 13 ? -7.899  0.342   -8.082  1.00 55.88 ? 12  G   A "O5'" 1 
ATOM   238  C "C5'" . G   A 1 13 ? -9.256  0.575   -7.749  1.00 53.64 ? 12  G   A "C5'" 1 
ATOM   239  C "C4'" . G   A 1 13 ? -9.354  1.655   -6.710  1.00 53.41 ? 12  G   A "C4'" 1 
ATOM   240  O "O4'" . G   A 1 13 ? -8.611  1.260   -5.522  1.00 52.69 ? 12  G   A "O4'" 1 
ATOM   241  C "C3'" . G   A 1 13 ? -8.732  2.996   -7.079  1.00 51.41 ? 12  G   A "C3'" 1 
ATOM   242  O "O3'" . G   A 1 13 ? -9.607  3.736   -7.910  1.00 47.94 ? 12  G   A "O3'" 1 
ATOM   243  C "C2'" . G   A 1 13 ? -8.571  3.628   -5.708  1.00 52.63 ? 12  G   A "C2'" 1 
ATOM   244  O "O2'" . G   A 1 13 ? -9.816  4.055   -5.205  1.00 52.52 ? 12  G   A "O2'" 1 
ATOM   245  C "C1'" . G   A 1 13 ? -8.095  2.425   -4.886  1.00 53.46 ? 12  G   A "C1'" 1 
ATOM   246  N N9    . G   A 1 13 ? -6.638  2.315   -4.836  1.00 53.45 ? 12  G   A N9    1 
ATOM   247  C C8    . G   A 1 13 ? -5.856  1.387   -5.470  1.00 52.89 ? 12  G   A C8    1 
ATOM   248  N N7    . G   A 1 13 ? -4.581  1.543   -5.236  1.00 52.46 ? 12  G   A N7    1 
ATOM   249  C C5    . G   A 1 13 ? -4.517  2.641   -4.394  1.00 52.18 ? 12  G   A C5    1 
ATOM   250  C C6    . G   A 1 13 ? -3.387  3.302   -3.811  1.00 51.29 ? 12  G   A C6    1 
ATOM   251  O O6    . G   A 1 13 ? -2.184  3.025   -3.923  1.00 48.42 ? 12  G   A O6    1 
ATOM   252  N N1    . G   A 1 13 ? -3.780  4.396   -3.039  1.00 51.30 ? 12  G   A N1    1 
ATOM   253  C C2    . G   A 1 13 ? -5.083  4.805   -2.859  1.00 52.00 ? 12  G   A C2    1 
ATOM   254  N N2    . G   A 1 13 ? -5.264  5.892   -2.103  1.00 52.93 ? 12  G   A N2    1 
ATOM   255  N N3    . G   A 1 13 ? -6.133  4.196   -3.387  1.00 51.95 ? 12  G   A N3    1 
ATOM   256  C C4    . G   A 1 13 ? -5.780  3.133   -4.138  1.00 52.59 ? 12  G   A C4    1 
ATOM   257  P P     . U   A 1 14 ? -9.007  4.608   -9.118  1.00 51.03 ? 13  U   A P     1 
ATOM   258  O OP1   . U   A 1 14 ? -10.155 5.048   -9.947  1.00 50.59 ? 13  U   A OP1   1 
ATOM   259  O OP2   . U   A 1 14 ? -7.843  3.966   -9.784  1.00 50.97 ? 13  U   A OP2   1 
ATOM   260  O "O5'" . U   A 1 14 ? -8.420  5.881   -8.367  1.00 52.46 ? 13  U   A "O5'" 1 
ATOM   261  C "C5'" . U   A 1 14 ? -9.241  6.676   -7.532  1.00 51.42 ? 13  U   A "C5'" 1 
ATOM   262  C "C4'" . U   A 1 14 ? -8.388  7.610   -6.721  1.00 52.86 ? 13  U   A "C4'" 1 
ATOM   263  O "O4'" . U   A 1 14 ? -7.641  6.848   -5.737  1.00 51.36 ? 13  U   A "O4'" 1 
ATOM   264  C "C3'" . U   A 1 14 ? -7.297  8.351   -7.482  1.00 52.85 ? 13  U   A "C3'" 1 
ATOM   265  O "O3'" . U   A 1 14 ? -7.788  9.485   -8.187  1.00 52.32 ? 13  U   A "O3'" 1 
ATOM   266  C "C2'" . U   A 1 14 ? -6.395  8.769   -6.339  1.00 53.88 ? 13  U   A "C2'" 1 
ATOM   267  O "O2'" . U   A 1 14 ? -6.982  9.836   -5.631  1.00 53.79 ? 13  U   A "O2'" 1 
ATOM   268  C "C1'" . U   A 1 14 ? -6.414  7.505   -5.474  1.00 53.66 ? 13  U   A "C1'" 1 
ATOM   269  N N1    . U   A 1 14 ? -5.310  6.597   -5.816  1.00 54.10 ? 13  U   A N1    1 
ATOM   270  C C2    . U   A 1 14 ? -4.057  6.940   -5.371  1.00 54.52 ? 13  U   A C2    1 
ATOM   271  O O2    . U   A 1 14 ? -3.851  7.933   -4.723  1.00 56.92 ? 13  U   A O2    1 
ATOM   272  N N3    . U   A 1 14 ? -3.053  6.080   -5.720  1.00 55.00 ? 13  U   A N3    1 
ATOM   273  C C4    . U   A 1 14 ? -3.174  4.933   -6.464  1.00 54.40 ? 13  U   A C4    1 
ATOM   274  O O4    . U   A 1 14 ? -2.185  4.232   -6.647  1.00 54.51 ? 13  U   A O4    1 
ATOM   275  C C5    . U   A 1 14 ? -4.506  4.644   -6.898  1.00 54.25 ? 13  U   A C5    1 
ATOM   276  C C6    . U   A 1 14 ? -5.507  5.465   -6.559  1.00 53.82 ? 13  U   A C6    1 
ATOM   277  P P     . G   A 1 15 ? -6.910  10.136  -9.375  1.00 53.04 ? 14  G   A P     1 
ATOM   278  O OP1   . G   A 1 15 ? -7.707  11.264  -9.924  1.00 58.80 ? 14  G   A OP1   1 
ATOM   279  O OP2   . G   A 1 15 ? -6.388  9.100   -10.296 1.00 58.11 ? 14  G   A OP2   1 
ATOM   280  O "O5'" . G   A 1 15 ? -5.665  10.777  -8.630  1.00 53.22 ? 14  G   A "O5'" 1 
ATOM   281  C "C5'" . G   A 1 15 ? -5.851  11.886  -7.769  1.00 51.25 ? 14  G   A "C5'" 1 
ATOM   282  C "C4'" . G   A 1 15 ? -4.522  12.402  -7.306  1.00 50.88 ? 14  G   A "C4'" 1 
ATOM   283  O "O4'" . G   A 1 15 ? -3.899  11.426  -6.432  1.00 50.65 ? 14  G   A "O4'" 1 
ATOM   284  C "C3'" . G   A 1 15 ? -3.519  12.623  -8.417  1.00 50.58 ? 14  G   A "C3'" 1 
ATOM   285  O "O3'" . G   A 1 15 ? -3.719  13.895  -9.007  1.00 52.08 ? 14  G   A "O3'" 1 
ATOM   286  C "C2'" . G   A 1 15 ? -2.205  12.552  -7.654  1.00 51.87 ? 14  G   A "C2'" 1 
ATOM   287  O "O2'" . G   A 1 15 ? -1.953  13.733  -6.946  1.00 52.79 ? 14  G   A "O2'" 1 
ATOM   288  C "C1'" . G   A 1 15 ? -2.494  11.434  -6.647  1.00 52.59 ? 14  G   A "C1'" 1 
ATOM   289  N N9    . G   A 1 15 ? -2.077  10.116  -7.125  1.00 57.22 ? 14  G   A N9    1 
ATOM   290  C C8    . G   A 1 15 ? -2.849  9.172   -7.767  1.00 57.58 ? 14  G   A C8    1 
ATOM   291  N N7    . G   A 1 15 ? -2.188  8.085   -8.068  1.00 56.19 ? 14  G   A N7    1 
ATOM   292  C C5    . G   A 1 15 ? -0.904  8.323   -7.593  1.00 56.16 ? 14  G   A C5    1 
ATOM   293  C C6    . G   A 1 15 ? 0.253   7.500   -7.612  1.00 55.49 ? 14  G   A C6    1 
ATOM   294  O O6    . G   A 1 15 ? 0.380   6.356   -8.058  1.00 59.22 ? 14  G   A O6    1 
ATOM   295  N N1    . G   A 1 15 ? 1.339   8.133   -7.028  1.00 55.87 ? 14  G   A N1    1 
ATOM   296  C C2    . G   A 1 15 ? 1.319   9.395   -6.490  1.00 55.54 ? 14  G   A C2    1 
ATOM   297  N N2    . G   A 1 15 ? 2.467   9.836   -5.985  1.00 54.46 ? 14  G   A N2    1 
ATOM   298  N N3    . G   A 1 15 ? 0.251   10.167  -6.454  1.00 55.77 ? 14  G   A N3    1 
ATOM   299  C C4    . G   A 1 15 ? -0.817  9.576   -7.018  1.00 56.60 ? 14  G   A C4    1 
ATOM   300  P P     . A   A 1 16 ? -3.093  14.217  -10.450 1.00 56.50 ? 15  A   A P     1 
ATOM   301  O OP1   . A   A 1 16 ? -3.377  15.636  -10.737 1.00 69.63 ? 15  A   A OP1   1 
ATOM   302  O OP2   . A   A 1 16 ? -3.505  13.187  -11.437 1.00 67.30 ? 15  A   A OP2   1 
ATOM   303  O "O5'" . A   A 1 16 ? -1.530  14.076  -10.201 1.00 58.61 ? 15  A   A "O5'" 1 
ATOM   304  C "C5'" . A   A 1 16 ? -0.746  15.207  -9.889  1.00 61.00 ? 15  A   A "C5'" 1 
ATOM   305  C "C4'" . A   A 1 16 ? -0.199  15.801  -11.155 1.00 63.72 ? 15  A   A "C4'" 1 
ATOM   306  O "O4'" . A   A 1 16 ? 0.098   17.200  -10.952 1.00 64.54 ? 15  A   A "O4'" 1 
ATOM   307  C "C3'" . A   A 1 16 ? 1.082   15.192  -11.700 1.00 63.81 ? 15  A   A "C3'" 1 
ATOM   308  O "O3'" . A   A 1 16 ? 0.765   14.073  -12.513 1.00 63.98 ? 15  A   A "O3'" 1 
ATOM   309  C "C2'" . A   A 1 16 ? 1.624   16.333  -12.548 1.00 64.10 ? 15  A   A "C2'" 1 
ATOM   310  O "O2'" . A   A 1 16 ? 0.934   16.405  -13.779 1.00 62.95 ? 15  A   A "O2'" 1 
ATOM   311  C "C1'" . A   A 1 16 ? 1.232   17.555  -11.713 1.00 65.16 ? 15  A   A "C1'" 1 
ATOM   312  N N9    . A   A 1 16 ? 2.251   18.042  -10.788 1.00 74.56 ? 15  A   A N9    1 
ATOM   313  C C8    . A   A 1 16 ? 2.662   17.476  -9.610  1.00 74.93 ? 15  A   A C8    1 
ATOM   314  N N7    . A   A 1 16 ? 3.565   18.180  -8.975  1.00 75.03 ? 15  A   A N7    1 
ATOM   315  C C5    . A   A 1 16 ? 3.767   19.277  -9.794  1.00 74.92 ? 15  A   A C5    1 
ATOM   316  C C6    . A   A 1 16 ? 4.598   20.397  -9.678  1.00 74.69 ? 15  A   A C6    1 
ATOM   317  N N6    . A   A 1 16 ? 5.406   20.613  -8.639  1.00 73.81 ? 15  A   A N6    1 
ATOM   318  N N1    . A   A 1 16 ? 4.571   21.304  -10.677 1.00 75.02 ? 15  A   A N1    1 
ATOM   319  C C2    . A   A 1 16 ? 3.753   21.089  -11.717 1.00 74.38 ? 15  A   A C2    1 
ATOM   320  N N3    . A   A 1 16 ? 2.922   20.076  -11.936 1.00 74.26 ? 15  A   A N3    1 
ATOM   321  C C4    . A   A 1 16 ? 2.976   19.197  -10.923 1.00 74.88 ? 15  A   A C4    1 
ATOM   322  P P     . A   A 1 17 ? 1.938   13.258  -13.251 1.00 64.43 ? 16  A   A P     1 
ATOM   323  O OP1   . A   A 1 17 ? 1.415   11.904  -13.537 1.00 67.52 ? 16  A   A OP1   1 
ATOM   324  O OP2   . A   A 1 17 ? 3.174   13.420  -12.447 1.00 67.88 ? 16  A   A OP2   1 
ATOM   325  O "O5'" . A   A 1 17 ? 2.122   13.985  -14.656 1.00 62.72 ? 16  A   A "O5'" 1 
ATOM   326  C "C5'" . A   A 1 17 ? 3.143   13.561  -15.534 1.00 63.73 ? 16  A   A "C5'" 1 
ATOM   327  C "C4'" . A   A 1 17 ? 4.100   14.689  -15.841 1.00 63.74 ? 16  A   A "C4'" 1 
ATOM   328  O "O4'" . A   A 1 17 ? 4.021   15.728  -14.845 1.00 64.27 ? 16  A   A "O4'" 1 
ATOM   329  C "C3'" . A   A 1 17 ? 5.561   14.291  -15.806 1.00 64.51 ? 16  A   A "C3'" 1 
ATOM   330  O "O3'" . A   A 1 17 ? 5.920   13.657  -17.023 1.00 64.06 ? 16  A   A "O3'" 1 
ATOM   331  C "C2'" . A   A 1 17 ? 6.251   15.639  -15.650 1.00 64.14 ? 16  A   A "C2'" 1 
ATOM   332  O "O2'" . A   A 1 17 ? 6.318   16.341  -16.869 1.00 67.57 ? 16  A   A "O2'" 1 
ATOM   333  C "C1'" . A   A 1 17 ? 5.272   16.381  -14.751 1.00 63.80 ? 16  A   A "C1'" 1 
ATOM   334  N N9    . A   A 1 17 ? 5.666   16.424  -13.352 1.00 66.98 ? 16  A   A N9    1 
ATOM   335  C C8    . A   A 1 17 ? 5.547   15.438  -12.415 1.00 67.78 ? 16  A   A C8    1 
ATOM   336  N N7    . A   A 1 17 ? 5.951   15.795  -11.223 1.00 68.88 ? 16  A   A N7    1 
ATOM   337  C C5    . A   A 1 17 ? 6.370   17.108  -11.389 1.00 66.75 ? 16  A   A C5    1 
ATOM   338  C C6    . A   A 1 17 ? 6.891   18.059  -10.494 1.00 66.08 ? 16  A   A C6    1 
ATOM   339  N N6    . A   A 1 17 ? 7.081   17.828  -9.195  1.00 64.62 ? 16  A   A N6    1 
ATOM   340  N N1    . A   A 1 17 ? 7.207   19.277  -10.985 1.00 66.01 ? 16  A   A N1    1 
ATOM   341  C C2    . A   A 1 17 ? 7.009   19.510  -12.286 1.00 65.92 ? 16  A   A C2    1 
ATOM   342  N N3    . A   A 1 17 ? 6.527   18.702  -13.222 1.00 65.95 ? 16  A   A N3    1 
ATOM   343  C C4    . A   A 1 17 ? 6.218   17.501  -12.701 1.00 66.60 ? 16  A   A C4    1 
ATOM   344  P P     . G   A 1 18 ? 5.982   12.057  -17.096 1.00 60.19 ? 17  G   A P     1 
ATOM   345  O OP1   . G   A 1 18 ? 6.374   11.740  -18.490 1.00 58.47 ? 17  G   A OP1   1 
ATOM   346  O OP2   . G   A 1 18 ? 4.736   11.488  -16.534 1.00 54.62 ? 17  G   A OP2   1 
ATOM   347  O "O5'" . G   A 1 18 ? 7.176   11.675  -16.121 1.00 60.30 ? 17  G   A "O5'" 1 
ATOM   348  C "C5'" . G   A 1 18 ? 8.458   12.260  -16.271 1.00 61.85 ? 17  G   A "C5'" 1 
ATOM   349  C "C4'" . G   A 1 18 ? 9.452   11.531  -15.406 1.00 62.92 ? 17  G   A "C4'" 1 
ATOM   350  O "O4'" . G   A 1 18 ? 8.957   11.526  -14.035 1.00 62.78 ? 17  G   A "O4'" 1 
ATOM   351  C "C3'" . G   A 1 18 ? 9.626   10.052  -15.719 1.00 63.82 ? 17  G   A "C3'" 1 
ATOM   352  O "O3'" . G   A 1 18 ? 10.577  9.830   -16.746 1.00 65.03 ? 17  G   A "O3'" 1 
ATOM   353  C "C2'" . G   A 1 18 ? 10.133  9.549   -14.387 1.00 63.96 ? 17  G   A "C2'" 1 
ATOM   354  O "O2'" . G   A 1 18 ? 11.416  10.079  -14.132 1.00 65.34 ? 17  G   A "O2'" 1 
ATOM   355  C "C1'" . G   A 1 18 ? 9.155   10.248  -13.455 1.00 62.83 ? 17  G   A "C1'" 1 
ATOM   356  N N9    . G   A 1 18 ? 7.866   9.566   -13.443 1.00 61.63 ? 17  G   A N9    1 
ATOM   357  C C8    . G   A 1 18 ? 6.637   10.136  -13.672 1.00 62.16 ? 17  G   A C8    1 
ATOM   358  N N7    . G   A 1 18 ? 5.657   9.281   -13.604 1.00 60.69 ? 17  G   A N7    1 
ATOM   359  C C5    . G   A 1 18 ? 6.269   8.071   -13.307 1.00 60.27 ? 17  G   A C5    1 
ATOM   360  C C6    . G   A 1 18 ? 5.707   6.779   -13.098 1.00 59.78 ? 17  G   A C6    1 
ATOM   361  O O6    . G   A 1 18 ? 4.509   6.441   -13.120 1.00 58.52 ? 17  G   A O6    1 
ATOM   362  N N1    . G   A 1 18 ? 6.692   5.833   -12.833 1.00 59.27 ? 17  G   A N1    1 
ATOM   363  C C2    . G   A 1 18 ? 8.035   6.094   -12.762 1.00 60.13 ? 17  G   A C2    1 
ATOM   364  N N2    . G   A 1 18 ? 8.820   5.048   -12.490 1.00 59.74 ? 17  G   A N2    1 
ATOM   365  N N3    . G   A 1 18 ? 8.570   7.292   -12.943 1.00 61.06 ? 17  G   A N3    1 
ATOM   366  C C4    . G   A 1 18 ? 7.635   8.227   -13.210 1.00 60.84 ? 17  G   A C4    1 
ATOM   367  P P     . U   A 1 19 ? 10.270  8.739   -17.878 1.00 79.77 ? 18  U   A P     1 
ATOM   368  O OP1   . U   A 1 19 ? 11.310  8.899   -18.927 1.00 66.55 ? 18  U   A OP1   1 
ATOM   369  O OP2   . U   A 1 19 ? 8.836   8.850   -18.240 1.00 64.71 ? 18  U   A OP2   1 
ATOM   370  O "O5'" . U   A 1 19 ? 10.483  7.336   -17.148 1.00 80.81 ? 18  U   A "O5'" 1 
ATOM   371  C "C5'" . U   A 1 19 ? 11.722  7.020   -16.512 1.00 79.65 ? 18  U   A "C5'" 1 
ATOM   372  C "C4'" . U   A 1 19 ? 11.795  5.541   -16.207 1.00 79.35 ? 18  U   A "C4'" 1 
ATOM   373  O "O4'" . U   A 1 19 ? 10.763  5.188   -15.250 1.00 79.42 ? 18  U   A "O4'" 1 
ATOM   374  C "C3'" . U   A 1 19 ? 11.541  4.611   -17.380 1.00 79.46 ? 18  U   A "C3'" 1 
ATOM   375  O "O3'" . U   A 1 19 ? 12.727  4.418   -18.136 1.00 78.94 ? 18  U   A "O3'" 1 
ATOM   376  C "C2'" . U   A 1 19 ? 11.123  3.328   -16.679 1.00 79.12 ? 18  U   A "C2'" 1 
ATOM   377  O "O2'" . U   A 1 19 ? 12.236  2.627   -16.174 1.00 79.96 ? 18  U   A "O2'" 1 
ATOM   378  C "C1'" . U   A 1 19 ? 10.300  3.878   -15.512 1.00 77.64 ? 18  U   A "C1'" 1 
ATOM   379  N N1    . U   A 1 19 ? 8.858   3.948   -15.781 1.00 61.93 ? 18  U   A N1    1 
ATOM   380  C C2    . U   A 1 19 ? 8.163   2.758   -15.840 1.00 61.75 ? 18  U   A C2    1 
ATOM   381  O O2    . U   A 1 19 ? 8.705   1.679   -15.744 1.00 63.26 ? 18  U   A O2    1 
ATOM   382  N N3    . U   A 1 19 ? 6.810   2.881   -16.024 1.00 60.35 ? 18  U   A N3    1 
ATOM   383  C C4    . U   A 1 19 ? 6.100   4.054   -16.165 1.00 59.26 ? 18  U   A C4    1 
ATOM   384  O O4    . U   A 1 19 ? 4.872   4.016   -16.190 1.00 58.24 ? 18  U   A O4    1 
ATOM   385  C C5    . U   A 1 19 ? 6.900   5.240   -16.136 1.00 59.21 ? 18  U   A C5    1 
ATOM   386  C C6    . U   A 1 19 ? 8.219   5.149   -15.949 1.00 60.06 ? 18  U   A C6    1 
ATOM   387  P P     . C   A 1 20 ? 12.637  4.248   -19.730 1.00 68.53 ? 19  C   A P     1 
ATOM   388  O OP1   . C   A 1 20 ? 14.019  4.348   -20.256 1.00 68.10 ? 19  C   A OP1   1 
ATOM   389  O OP2   . C   A 1 20 ? 11.589  5.161   -20.243 1.00 69.51 ? 19  C   A OP2   1 
ATOM   390  O "O5'" . C   A 1 20 ? 12.126  2.753   -19.926 1.00 68.91 ? 19  C   A "O5'" 1 
ATOM   391  C "C5'" . C   A 1 20 ? 12.872  1.661   -19.403 1.00 67.20 ? 19  C   A "C5'" 1 
ATOM   392  C "C4'" . C   A 1 20 ? 11.991  0.449   -19.251 1.00 66.02 ? 19  C   A "C4'" 1 
ATOM   393  O "O4'" . C   A 1 20 ? 10.940  0.737   -18.293 1.00 65.78 ? 19  C   A "O4'" 1 
ATOM   394  C "C3'" . C   A 1 20 ? 11.221  0.025   -20.489 1.00 66.10 ? 19  C   A "C3'" 1 
ATOM   395  O "O3'" . C   A 1 20 ? 12.027  -0.733  -21.374 1.00 66.94 ? 19  C   A "O3'" 1 
ATOM   396  C "C2'" . C   A 1 20 ? 10.102  -0.813  -19.887 1.00 65.54 ? 19  C   A "C2'" 1 
ATOM   397  O "O2'" . C   A 1 20 ? 10.502  -2.120  -19.526 1.00 64.65 ? 19  C   A "O2'" 1 
ATOM   398  C "C1'" . C   A 1 20 ? 9.776   -0.002  -18.632 1.00 65.42 ? 19  C   A "C1'" 1 
ATOM   399  N N1    . C   A 1 20 ? 8.676   0.936   -18.893 1.00 65.37 ? 19  C   A N1    1 
ATOM   400  C C2    . C   A 1 20 ? 7.375   0.468   -18.756 1.00 63.92 ? 19  C   A C2    1 
ATOM   401  O O2    . C   A 1 20 ? 7.205   -0.702  -18.421 1.00 63.02 ? 19  C   A O2    1 
ATOM   402  N N3    . C   A 1 20 ? 6.337   1.304   -18.998 1.00 64.00 ? 19  C   A N3    1 
ATOM   403  C C4    . C   A 1 20 ? 6.569   2.554   -19.380 1.00 63.52 ? 19  C   A C4    1 
ATOM   404  N N4    . C   A 1 20 ? 5.508   3.328   -19.621 1.00 63.28 ? 19  C   A N4    1 
ATOM   405  C C5    . C   A 1 20 ? 7.893   3.062   -19.532 1.00 62.94 ? 19  C   A C5    1 
ATOM   406  C C6    . C   A 1 20 ? 8.910   2.227   -19.274 1.00 63.80 ? 19  C   A C6    1 
ATOM   407  P P     . G   A 1 21 ? 11.594  -0.874  -22.913 1.00 74.45 ? 20  G   A P     1 
ATOM   408  O OP1   . G   A 1 21 ? 12.606  -1.764  -23.529 1.00 62.11 ? 20  G   A OP1   1 
ATOM   409  O OP2   . G   A 1 21 ? 11.331  0.463   -23.505 1.00 62.86 ? 20  G   A OP2   1 
ATOM   410  O "O5'" . G   A 1 21 ? 10.222  -1.676  -22.859 1.00 73.46 ? 20  G   A "O5'" 1 
ATOM   411  C "C5'" . G   A 1 21 ? 10.216  -3.047  -22.499 1.00 73.25 ? 20  G   A "C5'" 1 
ATOM   412  C "C4'" . G   A 1 21 ? 8.863   -3.642  -22.753 1.00 73.59 ? 20  G   A "C4'" 1 
ATOM   413  O "O4'" . G   A 1 21 ? 7.901   -3.060  -21.842 1.00 72.60 ? 20  G   A "O4'" 1 
ATOM   414  C "C3'" . G   A 1 21 ? 8.269   -3.368  -24.120 1.00 73.86 ? 20  G   A "C3'" 1 
ATOM   415  O "O3'" . G   A 1 21 ? 8.818   -4.251  -25.092 1.00 76.17 ? 20  G   A "O3'" 1 
ATOM   416  C "C2'" . G   A 1 21 ? 6.788   -3.619  -23.865 1.00 72.86 ? 20  G   A "C2'" 1 
ATOM   417  O "O2'" . G   A 1 21 ? 6.451   -4.989  -23.842 1.00 73.93 ? 20  G   A "O2'" 1 
ATOM   418  C "C1'" . G   A 1 21 ? 6.622   -3.057  -22.452 1.00 71.68 ? 20  G   A "C1'" 1 
ATOM   419  N N9    . G   A 1 21 ? 6.093   -1.700  -22.418 1.00 58.83 ? 20  G   A N9    1 
ATOM   420  C C8    . G   A 1 21 ? 6.802   -0.533  -22.275 1.00 58.93 ? 20  G   A C8    1 
ATOM   421  N N7    . G   A 1 21 ? 6.042   0.529   -22.266 1.00 57.65 ? 20  G   A N7    1 
ATOM   422  C C5    . G   A 1 21 ? 4.758   0.028   -22.415 1.00 56.88 ? 20  G   A C5    1 
ATOM   423  C C6    . G   A 1 21 ? 3.524   0.699   -22.468 1.00 56.76 ? 20  G   A C6    1 
ATOM   424  O O6    . G   A 1 21 ? 3.313   1.903   -22.402 1.00 56.63 ? 20  G   A O6    1 
ATOM   425  N N1    . G   A 1 21 ? 2.464   -0.185  -22.624 1.00 56.70 ? 20  G   A N1    1 
ATOM   426  C C2    . G   A 1 21 ? 2.583   -1.547  -22.722 1.00 57.41 ? 20  G   A C2    1 
ATOM   427  N N2    . G   A 1 21 ? 1.440   -2.235  -22.885 1.00 57.92 ? 20  G   A N2    1 
ATOM   428  N N3    . G   A 1 21 ? 3.735   -2.188  -22.670 1.00 57.39 ? 20  G   A N3    1 
ATOM   429  C C4    . G   A 1 21 ? 4.773   -1.343  -22.515 1.00 57.39 ? 20  G   A C4    1 
ATOM   430  P P     . C   A 1 22 ? 8.465   -4.045  -26.650 1.00 83.01 ? 21  C   A P     1 
ATOM   431  O OP1   . C   A 1 22 ? 9.416   -4.885  -27.424 1.00 73.80 ? 21  C   A OP1   1 
ATOM   432  O OP2   . C   A 1 22 ? 8.379   -2.592  -26.926 1.00 75.45 ? 21  C   A OP2   1 
ATOM   433  O "O5'" . C   A 1 22 ? 7.005   -4.676  -26.793 1.00 81.61 ? 21  C   A "O5'" 1 
ATOM   434  C "C5'" . C   A 1 22 ? 6.181   -4.402  -27.922 1.00 81.15 ? 21  C   A "C5'" 1 
ATOM   435  C "C4'" . C   A 1 22 ? 4.732   -4.575  -27.548 1.00 81.43 ? 21  C   A "C4'" 1 
ATOM   436  O "O4'" . C   A 1 22 ? 4.509   -3.891  -26.292 1.00 80.97 ? 21  C   A "O4'" 1 
ATOM   437  C "C3'" . C   A 1 22 ? 3.726   -3.966  -28.513 1.00 82.04 ? 21  C   A "C3'" 1 
ATOM   438  O "O3'" . C   A 1 22 ? 3.391   -4.793  -29.640 1.00 83.02 ? 21  C   A "O3'" 1 
ATOM   439  C "C2'" . C   A 1 22 ? 2.543   -3.654  -27.608 1.00 81.29 ? 21  C   A "C2'" 1 
ATOM   440  O "O2'" . C   A 1 22 ? 1.717   -4.766  -27.348 1.00 82.73 ? 21  C   A "O2'" 1 
ATOM   441  C "C1'" . C   A 1 22 ? 3.248   -3.251  -26.313 1.00 80.24 ? 21  C   A "C1'" 1 
ATOM   442  N N1    . C   A 1 22 ? 3.459   -1.800  -26.155 1.00 71.89 ? 21  C   A N1    1 
ATOM   443  C C2    . C   A 1 22 ? 2.344   -0.971  -26.100 1.00 70.69 ? 21  C   A C2    1 
ATOM   444  O O2    . C   A 1 22 ? 1.218   -1.480  -26.219 1.00 71.48 ? 21  C   A O2    1 
ATOM   445  N N3    . C   A 1 22 ? 2.517   0.358   -25.920 1.00 69.61 ? 21  C   A N3    1 
ATOM   446  C C4    . C   A 1 22 ? 3.745   0.862   -25.796 1.00 70.52 ? 21  C   A C4    1 
ATOM   447  N N4    . C   A 1 22 ? 3.864   2.183   -25.601 1.00 69.26 ? 21  C   A N4    1 
ATOM   448  C C5    . C   A 1 22 ? 4.906   0.039   -25.862 1.00 70.03 ? 21  C   A C5    1 
ATOM   449  C C6    . C   A 1 22 ? 4.718   -1.274  -26.046 1.00 71.64 ? 21  C   A C6    1 
ATOM   450  P P     . G   B 1 2  ? -4.167  9.095   -24.332 1.00 86.96 ? 22  G   B P     1 
ATOM   451  O OP1   . G   B 1 2  ? -4.736  10.048  -25.385 1.00 86.86 ? 22  G   B OP1   1 
ATOM   452  O OP2   . G   B 1 2  ? -4.889  9.159   -22.992 1.00 86.87 ? 22  G   B OP2   1 
ATOM   453  O "O5'" . G   B 1 2  ? -4.461  7.593   -24.897 1.00 86.96 ? 22  G   B "O5'" 1 
ATOM   454  C "C5'" . G   B 1 2  ? -5.750  7.245   -25.441 1.00 86.96 ? 22  G   B "C5'" 1 
ATOM   455  C "C4'" . G   B 1 2  ? -5.886  5.746   -25.549 1.00 86.96 ? 22  G   B "C4'" 1 
ATOM   456  O "O4'" . G   B 1 2  ? -4.999  5.229   -26.581 1.00 84.69 ? 22  G   B "O4'" 1 
ATOM   457  C "C3'" . G   B 1 2  ? -5.482  5.003   -24.295 1.00 86.47 ? 22  G   B "C3'" 1 
ATOM   458  O "O3'" . G   B 1 2  ? -6.573  4.962   -23.394 1.00 86.51 ? 22  G   B "O3'" 1 
ATOM   459  C "C2'" . G   B 1 2  ? -5.121  3.631   -24.841 1.00 85.38 ? 22  G   B "C2'" 1 
ATOM   460  O "O2'" . G   B 1 2  ? -6.267  2.852   -25.110 1.00 86.32 ? 22  G   B "O2'" 1 
ATOM   461  C "C1'" . G   B 1 2  ? -4.423  4.011   -26.148 1.00 82.84 ? 22  G   B "C1'" 1 
ATOM   462  N N9    . G   B 1 2  ? -2.992  4.243   -25.979 1.00 76.05 ? 22  G   B N9    1 
ATOM   463  C C8    . G   B 1 2  ? -2.378  5.452   -25.764 1.00 76.12 ? 22  G   B C8    1 
ATOM   464  N N7    . G   B 1 2  ? -1.082  5.353   -25.637 1.00 75.11 ? 22  G   B N7    1 
ATOM   465  C C5    . G   B 1 2  ? -0.825  3.997   -25.776 1.00 72.84 ? 22  G   B C5    1 
ATOM   466  C C6    . G   B 1 2  ? 0.395   3.288   -25.720 1.00 72.07 ? 22  G   B C6    1 
ATOM   467  O O6    . G   B 1 2  ? 1.535   3.729   -25.528 1.00 70.71 ? 22  G   B O6    1 
ATOM   468  N N1    . G   B 1 2  ? 0.201   1.925   -25.916 1.00 71.01 ? 22  G   B N1    1 
ATOM   469  C C2    . G   B 1 2  ? -1.007  1.325   -26.144 1.00 71.12 ? 22  G   B C2    1 
ATOM   470  N N2    . G   B 1 2  ? -0.985  0.001   -26.338 1.00 70.01 ? 22  G   B N2    1 
ATOM   471  N N3    . G   B 1 2  ? -2.156  1.975   -26.186 1.00 73.37 ? 22  G   B N3    1 
ATOM   472  C C4    . G   B 1 2  ? -1.992  3.298   -25.995 1.00 74.43 ? 22  G   B C4    1 
ATOM   473  P P     . C   B 1 3  ? -6.356  4.364   -21.926 1.00 86.55 ? 23  C   B P     1 
ATOM   474  O OP1   . C   B 1 3  ? -7.528  4.740   -21.097 1.00 82.85 ? 23  C   B OP1   1 
ATOM   475  O OP2   . C   B 1 3  ? -4.983  4.708   -21.468 1.00 80.82 ? 23  C   B OP2   1 
ATOM   476  O "O5'" . C   B 1 3  ? -6.440  2.798   -22.161 1.00 86.32 ? 23  C   B "O5'" 1 
ATOM   477  C "C5'" . C   B 1 3  ? -5.870  1.914   -21.227 1.00 83.69 ? 23  C   B "C5'" 1 
ATOM   478  C "C4'" . C   B 1 3  ? -5.544  0.610   -21.889 1.00 81.19 ? 23  C   B "C4'" 1 
ATOM   479  O "O4'" . C   B 1 3  ? -4.803  0.832   -23.118 1.00 79.51 ? 23  C   B "O4'" 1 
ATOM   480  C "C3'" . C   B 1 3  ? -4.629  -0.228  -21.034 1.00 80.64 ? 23  C   B "C3'" 1 
ATOM   481  O "O3'" . C   B 1 3  ? -5.411  -0.948  -20.109 1.00 79.80 ? 23  C   B "O3'" 1 
ATOM   482  C "C2'" . C   B 1 3  ? -3.912  -1.075  -22.065 1.00 79.98 ? 23  C   B "C2'" 1 
ATOM   483  O "O2'" . C   B 1 3  ? -4.727  -2.118  -22.558 1.00 82.01 ? 23  C   B "O2'" 1 
ATOM   484  C "C1'" . C   B 1 3  ? -3.683  -0.035  -23.160 1.00 79.36 ? 23  C   B "C1'" 1 
ATOM   485  N N1    . C   B 1 3  ? -2.488  0.792   -22.923 1.00 72.46 ? 23  C   B N1    1 
ATOM   486  C C2    . C   B 1 3  ? -1.226  0.190   -22.897 1.00 71.85 ? 23  C   B C2    1 
ATOM   487  O O2    . C   B 1 3  ? -1.135  -1.037  -23.051 1.00 74.19 ? 23  C   B O2    1 
ATOM   488  N N3    . C   B 1 3  ? -0.133  0.959   -22.696 1.00 70.38 ? 23  C   B N3    1 
ATOM   489  C C4    . C   B 1 3  ? -0.268  2.271   -22.511 1.00 68.52 ? 23  C   B C4    1 
ATOM   490  N N4    . C   B 1 3  ? 0.834   2.986   -22.314 1.00 67.36 ? 23  C   B N4    1 
ATOM   491  C C5    . C   B 1 3  ? -1.540  2.908   -22.520 1.00 69.36 ? 23  C   B C5    1 
ATOM   492  C C6    . C   B 1 3  ? -2.612  2.139   -22.730 1.00 71.50 ? 23  C   B C6    1 
ATOM   493  P P     . G   B 1 4  ? -5.188  -0.693  -18.551 1.00 82.62 ? 24  G   B P     1 
ATOM   494  O OP1   . G   B 1 4  ? -6.375  -1.215  -17.829 1.00 70.18 ? 24  G   B OP1   1 
ATOM   495  O OP2   . G   B 1 4  ? -4.817  0.732   -18.410 1.00 69.51 ? 24  G   B OP2   1 
ATOM   496  O "O5'" . G   B 1 4  ? -3.919  -1.599  -18.234 1.00 81.33 ? 24  G   B "O5'" 1 
ATOM   497  C "C5'" . G   B 1 4  ? -3.871  -2.948  -18.692 1.00 76.54 ? 24  G   B "C5'" 1 
ATOM   498  C "C4'" . G   B 1 4  ? -2.448  -3.444  -18.749 1.00 73.42 ? 24  G   B "C4'" 1 
ATOM   499  O "O4'" . G   B 1 4  ? -1.718  -2.781  -19.816 1.00 72.61 ? 24  G   B "O4'" 1 
ATOM   500  C "C3'" . G   B 1 4  ? -1.598  -3.150  -17.533 1.00 73.70 ? 24  G   B "C3'" 1 
ATOM   501  O "O3'" . G   B 1 4  ? -1.886  -4.009  -16.441 1.00 74.81 ? 24  G   B "O3'" 1 
ATOM   502  C "C2'" . G   B 1 4  ? -0.193  -3.344  -18.085 1.00 72.65 ? 24  G   B "C2'" 1 
ATOM   503  O "O2'" . G   B 1 4  ? 0.204   -4.694  -18.177 1.00 75.15 ? 24  G   B "O2'" 1 
ATOM   504  C "C1'" . G   B 1 4  ? -0.335  -2.743  -19.485 1.00 70.38 ? 24  G   B "C1'" 1 
ATOM   505  N N9    . G   B 1 4  ? 0.121   -1.356  -19.500 1.00 53.92 ? 24  G   B N9    1 
ATOM   506  C C8    . G   B 1 4  ? -0.648  -0.223  -19.585 1.00 52.98 ? 24  G   B C8    1 
ATOM   507  N N7    . G   B 1 4  ? 0.057   0.875   -19.533 1.00 53.14 ? 24  G   B N7    1 
ATOM   508  C C5    . G   B 1 4  ? 1.369   0.438   -19.411 1.00 52.67 ? 24  G   B C5    1 
ATOM   509  C C6    . G   B 1 4  ? 2.588   1.175   -19.295 1.00 52.46 ? 24  G   B C6    1 
ATOM   510  O O6    . G   B 1 4  ? 2.754   2.409   -19.273 1.00 52.23 ? 24  G   B O6    1 
ATOM   511  N N1    . G   B 1 4  ? 3.687   0.327   -19.193 1.00 51.39 ? 24  G   B N1    1 
ATOM   512  C C2    . G   B 1 4  ? 3.622   -1.044  -19.195 1.00 50.25 ? 24  G   B C2    1 
ATOM   513  N N2    . G   B 1 4  ? 4.779   -1.688  -19.090 1.00 49.49 ? 24  G   B N2    1 
ATOM   514  N N3    . G   B 1 4  ? 2.502   -1.732  -19.294 1.00 49.56 ? 24  G   B N3    1 
ATOM   515  C C4    . G   B 1 4  ? 1.426   -0.935  -19.400 1.00 51.85 ? 24  G   B C4    1 
ATOM   516  P P     . U   B 1 5  ? -1.678  -3.465  -14.941 1.00 67.52 ? 25  U   B P     1 
ATOM   517  O OP1   . U   B 1 5  ? -2.029  -4.562  -14.003 1.00 70.29 ? 25  U   B OP1   1 
ATOM   518  O OP2   . U   B 1 5  ? -2.402  -2.177  -14.848 1.00 69.07 ? 25  U   B OP2   1 
ATOM   519  O "O5'" . U   B 1 5  ? -0.103  -3.224  -14.862 1.00 62.86 ? 25  U   B "O5'" 1 
ATOM   520  C "C5'" . U   B 1 5  ? 0.793   -4.302  -15.089 1.00 61.97 ? 25  U   B "C5'" 1 
ATOM   521  C "C4'" . U   B 1 5  ? 2.230   -3.834  -15.025 1.00 62.79 ? 25  U   B "C4'" 1 
ATOM   522  O "O4'" . U   B 1 5  ? 2.525   -2.961  -16.146 1.00 63.75 ? 25  U   B "O4'" 1 
ATOM   523  C "C3'" . U   B 1 5  ? 2.641   -3.026  -13.802 1.00 63.45 ? 25  U   B "C3'" 1 
ATOM   524  O "O3'" . U   B 1 5  ? 2.940   -3.883  -12.711 1.00 64.68 ? 25  U   B "O3'" 1 
ATOM   525  C "C2'" . U   B 1 5  ? 3.882   -2.294  -14.305 1.00 63.49 ? 25  U   B "C2'" 1 
ATOM   526  O "O2'" . U   B 1 5  ? 5.065   -3.062  -14.255 1.00 63.46 ? 25  U   B "O2'" 1 
ATOM   527  C "C1'" . U   B 1 5  ? 3.506   -2.007  -15.762 1.00 63.23 ? 25  U   B "C1'" 1 
ATOM   528  N N1    . U   B 1 5  ? 2.926   -0.666  -15.895 1.00 63.75 ? 25  U   B N1    1 
ATOM   529  C C2    . U   B 1 5  ? 3.792   0.400   -15.928 1.00 63.22 ? 25  U   B C2    1 
ATOM   530  O O2    . U   B 1 5  ? 5.002   0.267   -15.911 1.00 62.44 ? 25  U   B O2    1 
ATOM   531  N N3    . U   B 1 5  ? 3.192   1.630   -15.981 1.00 64.48 ? 25  U   B N3    1 
ATOM   532  C C4    . U   B 1 5  ? 1.839   1.890   -16.012 1.00 66.32 ? 25  U   B C4    1 
ATOM   533  O O4    . U   B 1 5  ? 1.447   3.051   -15.963 1.00 69.04 ? 25  U   B O4    1 
ATOM   534  C C5    . U   B 1 5  ? 1.006   0.724   -16.011 1.00 64.88 ? 25  U   B C5    1 
ATOM   535  C C6    . U   B 1 5  ? 1.567   -0.482  -15.956 1.00 63.82 ? 25  U   B C6    1 
ATOM   536  P P     . C   B 1 6  ? 3.157   -3.265  -11.247 1.00 59.34 ? 26  C   B P     1 
ATOM   537  O OP1   . C   B 1 6  ? 3.370   -4.376  -10.286 1.00 60.58 ? 26  C   B OP1   1 
ATOM   538  O OP2   . C   B 1 6  ? 2.079   -2.291  -10.992 1.00 62.22 ? 26  C   B OP2   1 
ATOM   539  O "O5'" . C   B 1 6  ? 4.567   -2.549  -11.359 1.00 56.67 ? 26  C   B "O5'" 1 
ATOM   540  C "C5'" . C   B 1 6  ? 5.736   -3.336  -11.409 1.00 54.80 ? 26  C   B "C5'" 1 
ATOM   541  C "C4'" . C   B 1 6  ? 6.947   -2.464  -11.475 1.00 54.70 ? 26  C   B "C4'" 1 
ATOM   542  O "O4'" . C   B 1 6  ? 6.867   -1.631  -12.659 1.00 55.06 ? 26  C   B "O4'" 1 
ATOM   543  C "C3'" . C   B 1 6  ? 7.051   -1.461  -10.359 1.00 55.18 ? 26  C   B "C3'" 1 
ATOM   544  O "O3'" . C   B 1 6  ? 7.560   -2.039  -9.182  1.00 56.31 ? 26  C   B "O3'" 1 
ATOM   545  C "C2'" . C   B 1 6  ? 7.994   -0.439  -10.966 1.00 55.02 ? 26  C   B "C2'" 1 
ATOM   546  O "O2'" . C   B 1 6  ? 9.327   -0.887  -11.020 1.00 54.67 ? 26  C   B "O2'" 1 
ATOM   547  C "C1'" . C   B 1 6  ? 7.440   -0.358  -12.386 1.00 53.99 ? 26  C   B "C1'" 1 
ATOM   548  N N1    . C   B 1 6  ? 6.385   0.667   -12.507 1.00 52.27 ? 26  C   B N1    1 
ATOM   549  C C2    . C   B 1 6  ? 6.760   2.011   -12.702 1.00 50.81 ? 26  C   B C2    1 
ATOM   550  O O2    . C   B 1 6  ? 7.969   2.303   -12.741 1.00 50.25 ? 26  C   B O2    1 
ATOM   551  N N3    . C   B 1 6  ? 5.795   2.951   -12.835 1.00 49.35 ? 26  C   B N3    1 
ATOM   552  C C4    . C   B 1 6  ? 4.510   2.599   -12.761 1.00 50.80 ? 26  C   B C4    1 
ATOM   553  N N4    . C   B 1 6  ? 3.596   3.551   -12.888 1.00 49.78 ? 26  C   B N4    1 
ATOM   554  C C5    . C   B 1 6  ? 4.104   1.244   -12.550 1.00 51.51 ? 26  C   B C5    1 
ATOM   555  C C6    . C   B 1 6  ? 5.066   0.322   -12.431 1.00 50.73 ? 26  C   B C6    1 
ATOM   556  P P     . A   B 1 7  ? 7.156   -1.402  -7.772  1.00 65.16 ? 27  A   B P     1 
ATOM   557  O OP1   . A   B 1 7  ? 7.823   -2.172  -6.701  1.00 64.25 ? 27  A   B OP1   1 
ATOM   558  O OP2   . A   B 1 7  ? 5.673   -1.276  -7.781  1.00 60.74 ? 27  A   B OP2   1 
ATOM   559  O "O5'" . A   B 1 7  ? 7.838   0.037   -7.793  1.00 63.43 ? 27  A   B "O5'" 1 
ATOM   560  C "C5'" . A   B 1 7  ? 9.255   0.154   -7.837  1.00 63.33 ? 27  A   B "C5'" 1 
ATOM   561  C "C4'" . A   B 1 7  ? 9.673   1.605   -7.893  1.00 63.07 ? 27  A   B "C4'" 1 
ATOM   562  O "O4'" . A   B 1 7  ? 9.216   2.216   -9.130  1.00 63.14 ? 27  A   B "O4'" 1 
ATOM   563  C "C3'" . A   B 1 7  ? 9.104   2.510   -6.818  1.00 62.39 ? 27  A   B "C3'" 1 
ATOM   564  O "O3'" . A   B 1 7  ? 9.852   2.402   -5.623  1.00 62.51 ? 27  A   B "O3'" 1 
ATOM   565  C "C2'" . A   B 1 7  ? 9.297   3.877   -7.447  1.00 61.52 ? 27  A   B "C2'" 1 
ATOM   566  O "O2'" . A   B 1 7  ? 10.645  4.276   -7.372  1.00 61.37 ? 27  A   B "O2'" 1 
ATOM   567  C "C1'" . A   B 1 7  ? 8.929   3.588   -8.903  1.00 61.84 ? 27  A   B "C1'" 1 
ATOM   568  N N9    . A   B 1 7  ? 7.508   3.810   -9.174  1.00 59.93 ? 27  A   B N9    1 
ATOM   569  C C8    . A   B 1 7  ? 6.496   2.884   -9.172  1.00 59.67 ? 27  A   B C8    1 
ATOM   570  N N7    . A   B 1 7  ? 5.317   3.384   -9.452  1.00 59.30 ? 27  A   B N7    1 
ATOM   571  C C5    . A   B 1 7  ? 5.569   4.737   -9.652  1.00 58.78 ? 27  A   B C5    1 
ATOM   572  C C6    . A   B 1 7  ? 4.729   5.821   -9.985  1.00 55.95 ? 27  A   B C6    1 
ATOM   573  N N6    . A   B 1 7  ? 3.415   5.719   -10.171 1.00 51.77 ? 27  A   B N6    1 
ATOM   574  N N1    . A   B 1 7  ? 5.303   7.031   -10.120 1.00 56.88 ? 27  A   B N1    1 
ATOM   575  C C2    . A   B 1 7  ? 6.627   7.145   -9.928  1.00 58.37 ? 27  A   B C2    1 
ATOM   576  N N3    . A   B 1 7  ? 7.517   6.209   -9.612  1.00 58.87 ? 27  A   B N3    1 
ATOM   577  C C4    . A   B 1 7  ? 6.916   5.012   -9.485  1.00 59.74 ? 27  A   B C4    1 
ATOM   578  P P     . C   B 1 8  ? 9.130   2.652   -4.219  1.00 67.18 ? 28  C   B P     1 
ATOM   579  O OP1   . C   B 1 8  ? 10.191  2.538   -3.195  1.00 60.38 ? 28  C   B OP1   1 
ATOM   580  O OP2   . C   B 1 8  ? 7.912   1.813   -4.119  1.00 57.75 ? 28  C   B OP2   1 
ATOM   581  O "O5'" . C   B 1 8  ? 8.688   4.176   -4.294  1.00 67.61 ? 28  C   B "O5'" 1 
ATOM   582  C "C5'" . C   B 1 8  ? 9.669   5.207   -4.280  1.00 68.11 ? 28  C   B "C5'" 1 
ATOM   583  C "C4'" . C   B 1 8  ? 9.012   6.554   -4.411  1.00 68.52 ? 28  C   B "C4'" 1 
ATOM   584  O "O4'" . C   B 1 8  ? 8.399   6.672   -5.726  1.00 67.86 ? 28  C   B "O4'" 1 
ATOM   585  C "C3'" . C   B 1 8  ? 7.854   6.797   -3.460  1.00 69.02 ? 28  C   B "C3'" 1 
ATOM   586  O "O3'" . C   B 1 8  ? 8.304   7.147   -2.159  1.00 70.46 ? 28  C   B "O3'" 1 
ATOM   587  C "C2'" . C   B 1 8  ? 7.104   7.913   -4.177  1.00 67.55 ? 28  C   B "C2'" 1 
ATOM   588  O "O2'" . C   B 1 8  ? 7.719   9.181   -4.056  1.00 67.90 ? 28  C   B "O2'" 1 
ATOM   589  C "C1'" . C   B 1 8  ? 7.217   7.450   -5.630  1.00 65.81 ? 28  C   B "C1'" 1 
ATOM   590  N N1    . C   B 1 8  ? 6.074   6.624   -6.038  1.00 59.09 ? 28  C   B N1    1 
ATOM   591  C C2    . C   B 1 8  ? 4.869   7.269   -6.324  1.00 59.12 ? 28  C   B C2    1 
ATOM   592  O O2    . C   B 1 8  ? 4.826   8.506   -6.236  1.00 61.93 ? 28  C   B O2    1 
ATOM   593  N N3    . C   B 1 8  ? 3.792   6.538   -6.684  1.00 57.86 ? 28  C   B N3    1 
ATOM   594  C C4    . C   B 1 8  ? 3.886   5.211   -6.768  1.00 56.28 ? 28  C   B C4    1 
ATOM   595  N N4    . C   B 1 8  ? 2.790   4.532   -7.130  1.00 53.99 ? 28  C   B N4    1 
ATOM   596  C C5    . C   B 1 8  ? 5.108   4.521   -6.487  1.00 55.08 ? 28  C   B C5    1 
ATOM   597  C C6    . C   B 1 8  ? 6.169   5.261   -6.131  1.00 56.79 ? 28  C   B C6    1 
ATOM   598  P P     . A   B 1 9  ? 7.565   6.526   -0.875  1.00 74.00 ? 29  A   B P     1 
ATOM   599  O OP1   . A   B 1 9  ? 8.404   6.775   0.317   1.00 62.67 ? 29  A   B OP1   1 
ATOM   600  O OP2   . A   B 1 9  ? 7.143   5.139   -1.201  1.00 64.49 ? 29  A   B OP2   1 
ATOM   601  O "O5'" . A   B 1 9  ? 6.247   7.404   -0.739  1.00 73.86 ? 29  A   B "O5'" 1 
ATOM   602  C "C5'" . A   B 1 9  ? 6.327   8.817   -0.604  1.00 72.67 ? 29  A   B "C5'" 1 
ATOM   603  C "C4'" . A   B 1 9  ? 4.978   9.438   -0.868  1.00 72.61 ? 29  A   B "C4'" 1 
ATOM   604  O "O4'" . A   B 1 9  ? 4.609   9.243   -2.260  1.00 72.67 ? 29  A   B "O4'" 1 
ATOM   605  C "C3'" . A   B 1 9  ? 3.812   8.828   -0.110  1.00 71.30 ? 29  A   B "C3'" 1 
ATOM   606  O "O3'" . A   B 1 9  ? 3.732   9.338   1.212   1.00 70.10 ? 29  A   B "O3'" 1 
ATOM   607  C "C2'" . A   B 1 9  ? 2.635   9.302   -0.946  1.00 72.15 ? 29  A   B "C2'" 1 
ATOM   608  O "O2'" . A   B 1 9  ? 2.304   10.643  -0.674  1.00 72.65 ? 29  A   B "O2'" 1 
ATOM   609  C "C1'" . A   B 1 9  ? 3.199   9.186   -2.366  1.00 71.57 ? 29  A   B "C1'" 1 
ATOM   610  N N9    . A   B 1 9  ? 2.815   7.925   -3.000  1.00 60.41 ? 29  A   B N9    1 
ATOM   611  C C8    . A   B 1 9  ? 3.545   6.775   -3.168  1.00 59.66 ? 29  A   B C8    1 
ATOM   612  N N7    . A   B 1 9  ? 2.873   5.803   -3.735  1.00 58.87 ? 29  A   B N7    1 
ATOM   613  C C5    . A   B 1 9  ? 1.619   6.351   -3.971  1.00 59.07 ? 29  A   B C5    1 
ATOM   614  C C6    . A   B 1 9  ? 0.436   5.833   -4.547  1.00 59.56 ? 29  A   B C6    1 
ATOM   615  N N6    . A   B 1 9  ? 0.309   4.589   -5.004  1.00 58.14 ? 29  A   B N6    1 
ATOM   616  N N1    . A   B 1 9  ? -0.632  6.656   -4.629  1.00 59.56 ? 29  A   B N1    1 
ATOM   617  C C2    . A   B 1 9  ? -0.517  7.898   -4.168  1.00 58.68 ? 29  A   B C2    1 
ATOM   618  N N3    . A   B 1 9  ? 0.529   8.497   -3.608  1.00 59.63 ? 29  A   B N3    1 
ATOM   619  C C4    . A   B 1 9  ? 1.575   7.661   -3.536  1.00 59.66 ? 29  A   B C4    1 
ATOM   620  P P     . C   B 1 10 ? 3.155   8.409   2.393   1.00 62.64 ? 30  C   B P     1 
ATOM   621  O OP1   . C   B 1 10 ? 3.640   8.944   3.689   1.00 66.89 ? 30  C   B OP1   1 
ATOM   622  O OP2   . C   B 1 10 ? 3.395   6.983   2.056   1.00 67.62 ? 30  C   B OP2   1 
ATOM   623  O "O5'" . C   B 1 10 ? 1.580   8.623   2.320   1.00 60.71 ? 30  C   B "O5'" 1 
ATOM   624  C "C5'" . C   B 1 10 ? 1.000   9.878   2.614   1.00 55.24 ? 30  C   B "C5'" 1 
ATOM   625  C "C4'" . C   B 1 10 ? -0.397  9.915   2.083   1.00 52.75 ? 30  C   B "C4'" 1 
ATOM   626  O "O4'" . C   B 1 10 ? -0.348  9.655   0.663   1.00 52.39 ? 30  C   B "O4'" 1 
ATOM   627  C "C3'" . C   B 1 10 ? -1.287  8.817   2.617   1.00 51.02 ? 30  C   B "C3'" 1 
ATOM   628  O "O3'" . C   B 1 10 ? -1.881  9.193   3.836   1.00 49.93 ? 30  C   B "O3'" 1 
ATOM   629  C "C2'" . C   B 1 10 ? -2.335  8.686   1.536   1.00 52.26 ? 30  C   B "C2'" 1 
ATOM   630  O "O2'" . C   B 1 10 ? -3.382  9.618   1.645   1.00 53.14 ? 30  C   B "O2'" 1 
ATOM   631  C "C1'" . C   B 1 10 ? -1.496  8.920   0.277   1.00 52.98 ? 30  C   B "C1'" 1 
ATOM   632  N N1    . C   B 1 10 ? -1.063  7.642   -0.313  1.00 59.18 ? 30  C   B N1    1 
ATOM   633  C C2    . C   B 1 10 ? -1.990  6.915   -1.046  1.00 58.32 ? 30  C   B C2    1 
ATOM   634  O O2    . C   B 1 10 ? -3.131  7.361   -1.155  1.00 57.86 ? 30  C   B O2    1 
ATOM   635  N N3    . C   B 1 10 ? -1.627  5.741   -1.600  1.00 59.92 ? 30  C   B N3    1 
ATOM   636  C C4    . C   B 1 10 ? -0.390  5.278   -1.425  1.00 59.74 ? 30  C   B C4    1 
ATOM   637  N N4    . C   B 1 10 ? -0.083  4.106   -1.976  1.00 60.37 ? 30  C   B N4    1 
ATOM   638  C C5    . C   B 1 10 ? 0.583   5.996   -0.672  1.00 58.96 ? 30  C   B C5    1 
ATOM   639  C C6    . C   B 1 10 ? 0.209   7.168   -0.142  1.00 59.26 ? 30  C   B C6    1 
ATOM   640  P P     . C   B 1 11 ? -2.365  8.060   4.850   1.00 50.32 ? 31  C   B P     1 
ATOM   641  O OP1   . C   B 1 11 ? -2.798  8.722   6.101   1.00 53.76 ? 31  C   B OP1   1 
ATOM   642  O OP2   . C   B 1 11 ? -1.297  7.021   4.907   1.00 53.25 ? 31  C   B OP2   1 
ATOM   643  O "O5'" . C   B 1 11 ? -3.656  7.464   4.129   1.00 47.35 ? 31  C   B "O5'" 1 
ATOM   644  C "C5'" . C   B 1 11 ? -4.877  8.171   4.147   1.00 46.76 ? 31  C   B "C5'" 1 
ATOM   645  C "C4'" . C   B 1 11 ? -5.985  7.343   3.534   1.00 47.40 ? 31  C   B "C4'" 1 
ATOM   646  O "O4'" . C   B 1 11 ? -5.741  7.155   2.119   1.00 49.65 ? 31  C   B "O4'" 1 
ATOM   647  C "C3'" . C   B 1 11 ? -6.170  5.936   4.060   1.00 46.60 ? 31  C   B "C3'" 1 
ATOM   648  O "O3'" . C   B 1 11 ? -6.957  5.949   5.231   1.00 49.03 ? 31  C   B "O3'" 1 
ATOM   649  C "C2'" . C   B 1 11 ? -6.926  5.285   2.915   1.00 46.76 ? 31  C   B "C2'" 1 
ATOM   650  O "O2'" . C   B 1 11 ? -8.279  5.669   2.844   1.00 46.50 ? 31  C   B "O2'" 1 
ATOM   651  C "C1'" . C   B 1 11 ? -6.214  5.887   1.716   1.00 47.69 ? 31  C   B "C1'" 1 
ATOM   652  N N1    . C   B 1 11 ? -5.064  5.067   1.331   1.00 49.81 ? 31  C   B N1    1 
ATOM   653  C C2    . C   B 1 11 ? -5.287  3.979   0.493   1.00 48.32 ? 31  C   B C2    1 
ATOM   654  O O2    . C   B 1 11 ? -6.435  3.768   0.099   1.00 44.73 ? 31  C   B O2    1 
ATOM   655  N N3    . C   B 1 11 ? -4.248  3.187   0.137   1.00 49.53 ? 31  C   B N3    1 
ATOM   656  C C4    . C   B 1 11 ? -3.022  3.458   0.586   1.00 50.91 ? 31  C   B C4    1 
ATOM   657  N N4    . C   B 1 11 ? -2.026  2.655   0.201   1.00 52.73 ? 31  C   B N4    1 
ATOM   658  C C5    . C   B 1 11 ? -2.764  4.573   1.445   1.00 50.01 ? 31  C   B C5    1 
ATOM   659  C C6    . C   B 1 11 ? -3.805  5.345   1.786   1.00 49.02 ? 31  C   B C6    1 
ATOM   660  P P     . G   B 1 12 ? -6.881  4.717   6.251   1.00 53.16 ? 32  G   B P     1 
ATOM   661  O OP1   . G   B 1 12 ? -7.764  4.962   7.416   1.00 50.05 ? 32  G   B OP1   1 
ATOM   662  O OP2   . G   B 1 12 ? -5.425  4.467   6.467   1.00 49.88 ? 32  G   B OP2   1 
ATOM   663  O "O5'" . G   B 1 12 ? -7.577  3.550   5.428   1.00 51.77 ? 32  G   B "O5'" 1 
ATOM   664  C "C5'" . G   B 1 12 ? -8.972  3.602   5.184   1.00 52.85 ? 32  G   B "C5'" 1 
ATOM   665  C "C4'" . G   B 1 12 ? -9.391  2.490   4.248   1.00 52.85 ? 32  G   B "C4'" 1 
ATOM   666  O "O4'" . G   B 1 12 ? -8.628  2.586   3.012   1.00 53.27 ? 32  G   B "O4'" 1 
ATOM   667  C "C3'" . G   B 1 12 ? -9.116  1.067   4.698   1.00 51.15 ? 32  G   B "C3'" 1 
ATOM   668  O "O3'" . G   B 1 12 ? -10.086 0.597   5.621   1.00 51.74 ? 32  G   B "O3'" 1 
ATOM   669  C "C2'" . G   B 1 12 ? -9.213  0.342   3.371   1.00 51.61 ? 32  G   B "C2'" 1 
ATOM   670  O "O2'" . G   B 1 12 ? -10.550 0.314   2.923   1.00 50.95 ? 32  G   B "O2'" 1 
ATOM   671  C "C1'" . G   B 1 12 ? -8.435  1.294   2.471   1.00 52.08 ? 32  G   B "C1'" 1 
ATOM   672  N N9    . G   B 1 12 ? -7.000  1.010   2.416   1.00 50.55 ? 32  G   B N9    1 
ATOM   673  C C8    . G   B 1 12 ? -5.972  1.694   3.023   1.00 49.85 ? 32  G   B C8    1 
ATOM   674  N N7    . G   B 1 12 ? -4.792  1.189   2.757   1.00 49.97 ? 32  G   B N7    1 
ATOM   675  C C5    . G   B 1 12 ? -5.063  0.100   1.933   1.00 50.50 ? 32  G   B C5    1 
ATOM   676  C C6    . G   B 1 12 ? -4.178  -0.870  1.309   1.00 49.23 ? 32  G   B C6    1 
ATOM   677  O O6    . G   B 1 12 ? -2.925  -0.940  1.348   1.00 44.40 ? 32  G   B O6    1 
ATOM   678  N N1    . G   B 1 12 ? -4.900  -1.806  0.573   1.00 48.31 ? 32  G   B N1    1 
ATOM   679  C C2    . G   B 1 12 ? -6.266  -1.815  0.431   1.00 49.76 ? 32  G   B C2    1 
ATOM   680  N N2    . G   B 1 12 ? -6.787  -2.786  -0.310  1.00 51.64 ? 32  G   B N2    1 
ATOM   681  N N3    . G   B 1 12 ? -7.080  -0.929  0.979   1.00 51.61 ? 32  G   B N3    1 
ATOM   682  C C4    . G   B 1 12 ? -6.419  -0.017  1.714   1.00 50.55 ? 32  G   B C4    1 
ATOM   683  P P     . G   B 1 13 ? -9.648  -0.461  6.755   1.00 60.12 ? 33  G   B P     1 
ATOM   684  O OP1   . G   B 1 13 ? -10.736 -0.513  7.763   1.00 53.90 ? 33  G   B OP1   1 
ATOM   685  O OP2   . G   B 1 13 ? -8.256  -0.170  7.185   1.00 52.76 ? 33  G   B OP2   1 
ATOM   686  O "O5'" . G   B 1 13 ? -9.628  -1.858  5.983   1.00 58.14 ? 33  G   B "O5'" 1 
ATOM   687  C "C5'" . G   B 1 13 ? -10.799 -2.338  5.337   1.00 56.29 ? 33  G   B "C5'" 1 
ATOM   688  C "C4'" . G   B 1 13 ? -10.449 -3.426  4.361   1.00 56.65 ? 33  G   B "C4'" 1 
ATOM   689  O "O4'" . G   B 1 13 ? -9.515  -2.908  3.382   1.00 55.31 ? 33  G   B "O4'" 1 
ATOM   690  C "C3'" . G   B 1 13 ? -9.725  -4.640  4.932   1.00 55.39 ? 33  G   B "C3'" 1 
ATOM   691  O "O3'" . G   B 1 13 ? -10.647 -5.544  5.521   1.00 53.59 ? 33  G   B "O3'" 1 
ATOM   692  C "C2'" . G   B 1 13 ? -9.114  -5.228  3.674   1.00 54.93 ? 33  G   B "C2'" 1 
ATOM   693  O "O2'" . G   B 1 13 ? -10.094 -5.875  2.897   1.00 55.77 ? 33  G   B "O2'" 1 
ATOM   694  C "C1'" . G   B 1 13 ? -8.664  -3.959  2.944   1.00 56.60 ? 33  G   B "C1'" 1 
ATOM   695  N N9    . G   B 1 13 ? -7.285  -3.596  3.255   1.00 51.64 ? 33  G   B N9    1 
ATOM   696  C C8    . G   B 1 13 ? -6.866  -2.555  4.041   1.00 50.78 ? 33  G   B C8    1 
ATOM   697  N N7    . G   B 1 13 ? -5.566  -2.483  4.146   1.00 50.11 ? 33  G   B N7    1 
ATOM   698  C C5    . G   B 1 13 ? -5.097  -3.537  3.376   1.00 50.22 ? 33  G   B C5    1 
ATOM   699  C C6    . G   B 1 13 ? -3.752  -3.980  3.116   1.00 50.02 ? 33  G   B C6    1 
ATOM   700  O O6    . G   B 1 13 ? -2.683  -3.502  3.531   1.00 48.21 ? 33  G   B O6    1 
ATOM   701  N N1    . G   B 1 13 ? -3.738  -5.110  2.296   1.00 48.70 ? 33  G   B N1    1 
ATOM   702  C C2    . G   B 1 13 ? -4.860  -5.738  1.803   1.00 49.09 ? 33  G   B C2    1 
ATOM   703  N N2    . G   B 1 13 ? -4.645  -6.821  1.056   1.00 49.91 ? 33  G   B N2    1 
ATOM   704  N N3    . G   B 1 13 ? -6.103  -5.335  2.033   1.00 49.20 ? 33  G   B N3    1 
ATOM   705  C C4    . G   B 1 13 ? -6.147  -4.238  2.820   1.00 50.38 ? 33  G   B C4    1 
ATOM   706  P P     . U   B 1 14 ? -10.218 -6.397  6.812   1.00 50.82 ? 34  U   B P     1 
ATOM   707  O OP1   . U   B 1 14 ? -11.465 -7.050  7.284   1.00 48.93 ? 34  U   B OP1   1 
ATOM   708  O OP2   . U   B 1 14 ? -9.393  -5.625  7.780   1.00 48.91 ? 34  U   B OP2   1 
ATOM   709  O "O5'" . U   B 1 14 ? -9.237  -7.493  6.200   1.00 51.35 ? 34  U   B "O5'" 1 
ATOM   710  C "C5'" . U   B 1 14 ? -9.665  -8.373  5.171   1.00 50.44 ? 34  U   B "C5'" 1 
ATOM   711  C "C4'" . U   B 1 14 ? -8.489  -9.154  4.657   1.00 52.61 ? 34  U   B "C4'" 1 
ATOM   712  O "O4'" . U   B 1 14 ? -7.628  -8.277  3.889   1.00 51.83 ? 34  U   B "O4'" 1 
ATOM   713  C "C3'" . U   B 1 14 ? -7.544  -9.720  5.712   1.00 53.35 ? 34  U   B "C3'" 1 
ATOM   714  O "O3'" . U   B 1 14 ? -8.011  -10.930 6.295   1.00 53.60 ? 34  U   B "O3'" 1 
ATOM   715  C "C2'" . U   B 1 14 ? -6.300  -9.976  4.885   1.00 53.50 ? 34  U   B "C2'" 1 
ATOM   716  O "O2'" . U   B 1 14 ? -6.427  -11.157 4.122   1.00 53.47 ? 34  U   B "O2'" 1 
ATOM   717  C "C1'" . U   B 1 14 ? -6.290  -8.739  3.982   1.00 53.14 ? 34  U   B "C1'" 1 
ATOM   718  N N1    . U   B 1 14 ? -5.462  -7.673  4.563   1.00 51.97 ? 34  U   B N1    1 
ATOM   719  C C2    . U   B 1 14 ? -4.099  -7.814  4.470   1.00 52.54 ? 34  U   B C2    1 
ATOM   720  O O2    . U   B 1 14 ? -3.579  -8.767  3.945   1.00 55.27 ? 34  U   B O2    1 
ATOM   721  N N3    . U   B 1 14 ? -3.364  -6.805  5.033   1.00 52.22 ? 34  U   B N3    1 
ATOM   722  C C4    . U   B 1 14 ? -3.850  -5.700  5.686   1.00 52.19 ? 34  U   B C4    1 
ATOM   723  O O4    . U   B 1 14 ? -3.062  -4.885  6.165   1.00 51.57 ? 34  U   B O4    1 
ATOM   724  C C5    . U   B 1 14 ? -5.278  -5.627  5.745   1.00 51.21 ? 34  U   B C5    1 
ATOM   725  C C6    . U   B 1 14 ? -6.015  -6.589  5.184   1.00 51.35 ? 34  U   B C6    1 
ATOM   726  P P     . G   B 1 15 ? -7.348  -11.467 7.661   1.00 51.34 ? 35  G   B P     1 
ATOM   727  O OP1   . G   B 1 15 ? -8.066  -12.717 7.990   1.00 59.10 ? 35  G   B OP1   1 
ATOM   728  O OP2   . G   B 1 15 ? -7.220  -10.412 8.690   1.00 57.57 ? 35  G   B OP2   1 
ATOM   729  O "O5'" . G   B 1 15 ? -5.867  -11.850 7.240   1.00 53.23 ? 35  G   B "O5'" 1 
ATOM   730  C "C5'" . G   B 1 15 ? -5.619  -12.994 6.445   1.00 51.07 ? 35  G   B "C5'" 1 
ATOM   731  C "C4'" . G   B 1 15 ? -4.151  -13.280 6.414   1.00 50.43 ? 35  G   B "C4'" 1 
ATOM   732  O "O4'" . G   B 1 15 ? -3.471  -12.201 5.713   1.00 50.33 ? 35  G   B "O4'" 1 
ATOM   733  C "C3'" . G   B 1 15 ? -3.501  -13.308 7.783   1.00 50.61 ? 35  G   B "C3'" 1 
ATOM   734  O "O3'" . G   B 1 15 ? -3.646  -14.578 8.398   1.00 51.44 ? 35  G   B "O3'" 1 
ATOM   735  C "C2'" . G   B 1 15 ? -2.053  -13.003 7.442   1.00 51.83 ? 35  G   B "C2'" 1 
ATOM   736  O "O2'" . G   B 1 15 ? -1.377  -14.128 6.951   1.00 52.81 ? 35  G   B "O2'" 1 
ATOM   737  C "C1'" . G   B 1 15 ? -2.211  -11.968 6.323   1.00 51.83 ? 35  G   B "C1'" 1 
ATOM   738  N N9    . G   B 1 15 ? -2.180  -10.603 6.847   1.00 57.21 ? 35  G   B N9    1 
ATOM   739  C C8    . G   B 1 15 ? -3.250  -9.827  7.237   1.00 58.20 ? 35  G   B C8    1 
ATOM   740  N N7    . G   B 1 15 ? -2.893  -8.654  7.687   1.00 56.86 ? 35  G   B N7    1 
ATOM   741  C C5    . G   B 1 15 ? -1.508  -8.651  7.580   1.00 57.17 ? 35  G   B C5    1 
ATOM   742  C C6    . G   B 1 15 ? -0.558  -7.644  7.900   1.00 56.28 ? 35  G   B C6    1 
ATOM   743  O O6    . G   B 1 15 ? -0.755  -6.515  8.351   1.00 58.30 ? 35  G   B O6    1 
ATOM   744  N N1    . G   B 1 15 ? 0.737   -8.061  7.635   1.00 57.02 ? 35  G   B N1    1 
ATOM   745  C C2    . G   B 1 15 ? 1.083   -9.284  7.119   1.00 57.31 ? 35  G   B C2    1 
ATOM   746  N N2    . G   B 1 15 ? 2.381   -9.504  6.923   1.00 58.80 ? 35  G   B N2    1 
ATOM   747  N N3    . G   B 1 15 ? 0.214   -10.227 6.813   1.00 57.56 ? 35  G   B N3    1 
ATOM   748  C C4    . G   B 1 15 ? -1.053  -9.847  7.065   1.00 57.38 ? 35  G   B C4    1 
ATOM   749  P P     . A   B 1 16 ? -3.380  -14.737 9.974   1.00 63.99 ? 36  A   B P     1 
ATOM   750  O OP1   . A   B 1 16 ? -3.538  -16.163 10.319  1.00 65.46 ? 36  A   B OP1   1 
ATOM   751  O OP2   . A   B 1 16 ? -4.159  -13.722 10.729  1.00 65.71 ? 36  A   B OP2   1 
ATOM   752  O "O5'" . A   B 1 16 ? -1.840  -14.351 10.117  1.00 65.12 ? 36  A   B "O5'" 1 
ATOM   753  C "C5'" . A   B 1 16 ? -0.835  -15.331 9.992   1.00 68.01 ? 36  A   B "C5'" 1 
ATOM   754  C "C4'" . A   B 1 16 ? -0.520  -15.901 11.346  1.00 69.47 ? 36  A   B "C4'" 1 
ATOM   755  O "O4'" . A   B 1 16 ? 0.025   -17.230 11.206  1.00 70.17 ? 36  A   B "O4'" 1 
ATOM   756  C "C3'" . A   B 1 16 ? 0.485   -15.142 12.193  1.00 69.58 ? 36  A   B "C3'" 1 
ATOM   757  O "O3'" . A   B 1 16 ? -0.188  -14.111 12.900  1.00 69.78 ? 36  A   B "O3'" 1 
ATOM   758  C "C2'" . A   B 1 16 ? 0.970   -16.228 13.146  1.00 70.48 ? 36  A   B "C2'" 1 
ATOM   759  O "O2'" . A   B 1 16 ? 0.047   -16.441 14.193  1.00 70.33 ? 36  A   B "O2'" 1 
ATOM   760  C "C1'" . A   B 1 16 ? 0.950   -17.467 12.247  1.00 70.83 ? 36  A   B "C1'" 1 
ATOM   761  N N9    . A   B 1 16 ? 2.229   -17.807 11.635  1.00 70.21 ? 36  A   B N9    1 
ATOM   762  C C8    . A   B 1 16 ? 2.823   -17.237 10.543  1.00 70.95 ? 36  A   B C8    1 
ATOM   763  N N7    . A   B 1 16 ? 3.957   -17.797 10.208  1.00 71.09 ? 36  A   B N7    1 
ATOM   764  C C5    . A   B 1 16 ? 4.122   -18.800 11.148  1.00 69.65 ? 36  A   B C5    1 
ATOM   765  C C6    . A   B 1 16 ? 5.121   -19.754 11.336  1.00 68.80 ? 36  A   B C6    1 
ATOM   766  N N6    . A   B 1 16 ? 6.186   -19.873 10.542  1.00 66.51 ? 36  A   B N6    1 
ATOM   767  N N1    . A   B 1 16 ? 4.993   -20.600 12.381  1.00 69.22 ? 36  A   B N1    1 
ATOM   768  C C2    . A   B 1 16 ? 3.919   -20.481 13.176  1.00 69.91 ? 36  A   B C2    1 
ATOM   769  N N3    . A   B 1 16 ? 2.908   -19.625 13.095  1.00 69.38 ? 36  A   B N3    1 
ATOM   770  C C4    . A   B 1 16 ? 3.073   -18.805 12.045  1.00 69.62 ? 36  A   B C4    1 
ATOM   771  P P     . A   B 1 17 ? 0.622   -13.171 13.924  1.00 66.76 ? 37  A   B P     1 
ATOM   772  O OP1   . A   B 1 17 ? -0.171  -11.933 14.059  1.00 66.28 ? 37  A   B OP1   1 
ATOM   773  O OP2   . A   B 1 17 ? 2.040   -13.102 13.482  1.00 66.13 ? 37  A   B OP2   1 
ATOM   774  O "O5'" . A   B 1 17 ? 0.544   -13.922 15.328  1.00 65.53 ? 37  A   B "O5'" 1 
ATOM   775  C "C5'" . A   B 1 17 ? 1.159   -13.363 16.470  1.00 66.86 ? 37  A   B "C5'" 1 
ATOM   776  C "C4'" . A   B 1 17 ? 2.247   -14.269 16.997  1.00 67.61 ? 37  A   B "C4'" 1 
ATOM   777  O "O4'" . A   B 1 17 ? 2.569   -15.318 16.059  1.00 68.90 ? 37  A   B "O4'" 1 
ATOM   778  C "C3'" . A   B 1 17 ? 3.574   -13.569 17.219  1.00 68.47 ? 37  A   B "C3'" 1 
ATOM   779  O "O3'" . A   B 1 17 ? 3.550   -12.908 18.478  1.00 67.05 ? 37  A   B "O3'" 1 
ATOM   780  C "C2'" . A   B 1 17 ? 4.570   -14.725 17.209  1.00 68.74 ? 37  A   B "C2'" 1 
ATOM   781  O "O2'" . A   B 1 17 ? 4.679   -15.367 18.455  1.00 72.37 ? 37  A   B "O2'" 1 
ATOM   782  C "C1'" . A   B 1 17 ? 3.922   -15.695 16.224  1.00 69.30 ? 37  A   B "C1'" 1 
ATOM   783  N N9    . A   B 1 17 ? 4.566   -15.709 14.917  1.00 70.94 ? 37  A   B N9    1 
ATOM   784  C C8    . A   B 1 17 ? 4.396   -14.833 13.882  1.00 71.80 ? 37  A   B C8    1 
ATOM   785  N N7    . A   B 1 17 ? 5.124   -15.113 12.830  1.00 73.34 ? 37  A   B N7    1 
ATOM   786  C C5    . A   B 1 17 ? 5.819   -16.256 13.199  1.00 71.33 ? 37  A   B C5    1 
ATOM   787  C C6    . A   B 1 17 ? 6.749   -17.061 12.519  1.00 70.86 ? 37  A   B C6    1 
ATOM   788  N N6    . A   B 1 17 ? 7.158   -16.833 11.271  1.00 70.66 ? 37  A   B N6    1 
ATOM   789  N N1    . A   B 1 17 ? 7.248   -18.131 13.173  1.00 70.74 ? 37  A   B N1    1 
ATOM   790  C C2    . A   B 1 17 ? 6.830   -18.371 14.418  1.00 70.66 ? 37  A   B C2    1 
ATOM   791  N N3    . A   B 1 17 ? 5.961   -17.694 15.160  1.00 70.74 ? 37  A   B N3    1 
ATOM   792  C C4    . A   B 1 17 ? 5.487   -16.634 14.483  1.00 71.14 ? 37  A   B C4    1 
ATOM   793  P P     . G   B 1 18 ? 3.261   -11.332 18.547  1.00 60.28 ? 38  G   B P     1 
ATOM   794  O OP1   . G   B 1 18 ? 3.160   -11.002 19.990  1.00 61.77 ? 38  G   B OP1   1 
ATOM   795  O OP2   . G   B 1 18 ? 2.133   -11.018 17.643  1.00 58.40 ? 38  G   B OP2   1 
ATOM   796  O "O5'" . G   B 1 18 ? 4.575   -10.677 17.931  1.00 59.15 ? 38  G   B "O5'" 1 
ATOM   797  C "C5'" . G   B 1 18 ? 5.871   -11.070 18.376  1.00 59.35 ? 38  G   B "C5'" 1 
ATOM   798  C "C4'" . G   B 1 18 ? 6.909   -10.091 17.877  1.00 60.07 ? 38  G   B "C4'" 1 
ATOM   799  O "O4'" . G   B 1 18 ? 6.888   -10.085 16.421  1.00 58.97 ? 38  G   B "O4'" 1 
ATOM   800  C "C3'" . G   B 1 18 ? 6.663   -8.636  18.262  1.00 61.18 ? 38  G   B "C3'" 1 
ATOM   801  O "O3'" . G   B 1 18 ? 7.213   -8.311  19.532  1.00 63.03 ? 38  G   B "O3'" 1 
ATOM   802  C "C2'" . G   B 1 18 ? 7.372   -7.901  17.142  1.00 60.04 ? 38  G   B "C2'" 1 
ATOM   803  O "O2'" . G   B 1 18 ? 8.774   -7.930  17.291  1.00 62.38 ? 38  G   B "O2'" 1 
ATOM   804  C "C1'" . G   B 1 18 ? 6.951   -8.752  15.949  1.00 58.33 ? 38  G   B "C1'" 1 
ATOM   805  N N9    . G   B 1 18 ? 5.606   -8.370  15.541  1.00 58.72 ? 38  G   B N9    1 
ATOM   806  C C8    . G   B 1 18 ? 4.501   -9.184  15.460  1.00 58.24 ? 38  G   B C8    1 
ATOM   807  N N7    . G   B 1 18 ? 3.420   -8.544  15.101  1.00 56.82 ? 38  G   B N7    1 
ATOM   808  C C5    . G   B 1 18 ? 3.842   -7.232  14.924  1.00 57.24 ? 38  G   B C5    1 
ATOM   809  C C6    . G   B 1 18 ? 3.114   -6.071  14.535  1.00 55.88 ? 38  G   B C6    1 
ATOM   810  O O6    . G   B 1 18 ? 1.911   -5.972  14.244  1.00 54.70 ? 38  G   B O6    1 
ATOM   811  N N1    . G   B 1 18 ? 3.936   -4.950  14.491  1.00 54.80 ? 38  G   B N1    1 
ATOM   812  C C2    . G   B 1 18 ? 5.276   -4.942  14.772  1.00 56.37 ? 38  G   B C2    1 
ATOM   813  N N2    . G   B 1 18 ? 5.903   -3.773  14.653  1.00 57.88 ? 38  G   B N2    1 
ATOM   814  N N3    . G   B 1 18 ? 5.961   -6.009  15.139  1.00 57.58 ? 38  G   B N3    1 
ATOM   815  C C4    . G   B 1 18 ? 5.189   -7.111  15.191  1.00 57.99 ? 38  G   B C4    1 
ATOM   816  P P     . U   B 1 19 ? 6.403   -7.338  20.514  1.00 75.72 ? 39  U   B P     1 
ATOM   817  O OP1   . U   B 1 19 ? 7.100   -7.340  21.824  1.00 62.78 ? 39  U   B OP1   1 
ATOM   818  O OP2   . U   B 1 19 ? 4.968   -7.709  20.447  1.00 61.36 ? 39  U   B OP2   1 
ATOM   819  O "O5'" . U   B 1 19 ? 6.586   -5.899  19.854  1.00 76.84 ? 39  U   B "O5'" 1 
ATOM   820  C "C5'" . U   B 1 19 ? 7.882   -5.417  19.504  1.00 76.32 ? 39  U   B "C5'" 1 
ATOM   821  C "C4'" . U   B 1 19 ? 7.819   -3.953  19.152  1.00 75.90 ? 39  U   B "C4'" 1 
ATOM   822  O "O4'" . U   B 1 19 ? 7.027   -3.775  17.953  1.00 76.15 ? 39  U   B "O4'" 1 
ATOM   823  C "C3'" . U   B 1 19 ? 7.135   -3.077  20.182  1.00 75.94 ? 39  U   B "C3'" 1 
ATOM   824  O "O3'" . U   B 1 19 ? 8.064   -2.684  21.172  1.00 75.42 ? 39  U   B "O3'" 1 
ATOM   825  C "C2'" . U   B 1 19 ? 6.686   -1.886  19.354  1.00 75.69 ? 39  U   B "C2'" 1 
ATOM   826  O "O2'" . U   B 1 19 ? 7.745   -0.982  19.140  1.00 77.59 ? 39  U   B "O2'" 1 
ATOM   827  C "C1'" . U   B 1 19 ? 6.303   -2.563  18.038  1.00 74.42 ? 39  U   B "C1'" 1 
ATOM   828  N N1    . U   B 1 19 ? 4.878   -2.884  17.909  1.00 60.36 ? 39  U   B N1    1 
ATOM   829  C C2    . U   B 1 19 ? 4.017   -1.847  17.647  1.00 60.40 ? 39  U   B C2    1 
ATOM   830  O O2    . U   B 1 19 ? 4.388   -0.699  17.605  1.00 60.91 ? 39  U   B O2    1 
ATOM   831  N N3    . U   B 1 19 ? 2.708   -2.207  17.445  1.00 59.88 ? 39  U   B N3    1 
ATOM   832  C C4    . U   B 1 19 ? 2.184   -3.485  17.497  1.00 59.08 ? 39  U   B C4    1 
ATOM   833  O O4    . U   B 1 19 ? 1.014   -3.673  17.156  1.00 57.81 ? 39  U   B O4    1 
ATOM   834  C C5    . U   B 1 19 ? 3.135   -4.505  17.831  1.00 58.08 ? 39  U   B C5    1 
ATOM   835  C C6    . U   B 1 19 ? 4.419   -4.177  18.021  1.00 58.51 ? 39  U   B C6    1 
ATOM   836  P P     . C   B 1 20 ? 7.592   -2.580  22.696  1.00 72.62 ? 40  C   B P     1 
ATOM   837  O OP1   . C   B 1 20 ? 8.821   -2.451  23.525  1.00 71.41 ? 40  C   B OP1   1 
ATOM   838  O OP2   . C   B 1 20 ? 6.636   -3.686  22.961  1.00 72.09 ? 40  C   B OP2   1 
ATOM   839  O "O5'" . C   B 1 20 ? 6.783   -1.209  22.750  1.00 72.48 ? 40  C   B "O5'" 1 
ATOM   840  C "C5'" . C   B 1 20 ? 7.421   0.011   22.409  1.00 72.32 ? 40  C   B "C5'" 1 
ATOM   841  C "C4'" . C   B 1 20 ? 6.399   1.047   22.024  1.00 72.14 ? 40  C   B "C4'" 1 
ATOM   842  O "O4'" . C   B 1 20 ? 5.732   0.649   20.797  1.00 71.47 ? 40  C   B "O4'" 1 
ATOM   843  C "C3'" . C   B 1 20 ? 5.249   1.248   22.992  1.00 72.62 ? 40  C   B "C3'" 1 
ATOM   844  O "O3'" . C   B 1 20 ? 5.627   2.056   24.097  1.00 74.21 ? 40  C   B "O3'" 1 
ATOM   845  C "C2'" . C   B 1 20 ? 4.229   1.941   22.100  1.00 72.10 ? 40  C   B "C2'" 1 
ATOM   846  O "O2'" . C   B 1 20 ? 4.527   3.306   21.878  1.00 71.32 ? 40  C   B "O2'" 1 
ATOM   847  C "C1'" . C   B 1 20 ? 4.403   1.153   20.801  1.00 71.31 ? 40  C   B "C1'" 1 
ATOM   848  N N1    . C   B 1 20 ? 3.458   0.024   20.742  1.00 69.90 ? 40  C   B N1    1 
ATOM   849  C C2    . C   B 1 20 ? 2.141   0.286   20.367  1.00 68.61 ? 40  C   B C2    1 
ATOM   850  O O2    . C   B 1 20 ? 1.828   1.440   20.079  1.00 68.28 ? 40  C   B O2    1 
ATOM   851  N N3    . C   B 1 20 ? 1.242   -0.725  20.336  1.00 68.57 ? 40  C   B N3    1 
ATOM   852  C C4    . C   B 1 20 ? 1.614   -1.957  20.664  1.00 68.03 ? 40  C   B C4    1 
ATOM   853  N N4    . C   B 1 20 ? 0.680   -2.906  20.632  1.00 67.97 ? 40  C   B N4    1 
ATOM   854  C C5    . C   B 1 20 ? 2.958   -2.261  21.041  1.00 67.73 ? 40  C   B C5    1 
ATOM   855  C C6    . C   B 1 20 ? 3.842   -1.251  21.063  1.00 68.80 ? 40  C   B C6    1 
ATOM   856  P P     . G   B 1 21 ? 4.786   1.979   25.467  1.00 84.84 ? 41  G   B P     1 
ATOM   857  O OP1   . G   B 1 21 ? 5.509   2.851   26.424  1.00 68.59 ? 41  G   B OP1   1 
ATOM   858  O OP2   . G   B 1 21 ? 4.510   0.566   25.825  1.00 68.10 ? 41  G   B OP2   1 
ATOM   859  O "O5'" . G   B 1 21 ? 3.407   2.684   25.110  1.00 84.22 ? 41  G   B "O5'" 1 
ATOM   860  C "C5'" . G   B 1 21 ? 3.385   4.041   24.698  1.00 82.98 ? 41  G   B "C5'" 1 
ATOM   861  C "C4'" . G   B 1 21 ? 1.969   4.494   24.501  1.00 82.24 ? 41  G   B "C4'" 1 
ATOM   862  O "O4'" . G   B 1 21 ? 1.394   3.814   23.358  1.00 82.14 ? 41  G   B "O4'" 1 
ATOM   863  C "C3'" . G   B 1 21 ? 1.028   4.151   25.636  1.00 82.01 ? 41  G   B "C3'" 1 
ATOM   864  O "O3'" . G   B 1 21 ? 1.156   5.096   26.691  1.00 83.98 ? 41  G   B "O3'" 1 
ATOM   865  C "C2'" . G   B 1 21 ? -0.327  4.214   24.944  1.00 81.09 ? 41  G   B "C2'" 1 
ATOM   866  O "O2'" . G   B 1 21 ? -0.789  5.536   24.768  1.00 80.84 ? 41  G   B "O2'" 1 
ATOM   867  C "C1'" . G   B 1 21 ? 0.006   3.619   23.574  1.00 80.77 ? 41  G   B "C1'" 1 
ATOM   868  N N9    . G   B 1 21 ? -0.277  2.191   23.464  1.00 61.62 ? 41  G   B N9    1 
ATOM   869  C C8    . G   B 1 21 ? 0.624   1.162   23.574  1.00 61.48 ? 41  G   B C8    1 
ATOM   870  N N7    . G   B 1 21 ? 0.080   -0.013  23.415  1.00 60.56 ? 41  G   B N7    1 
ATOM   871  C C5    . G   B 1 21 ? -1.262  0.255   23.189  1.00 59.91 ? 41  G   B C5    1 
ATOM   872  C C6    . G   B 1 21 ? -2.335  -0.621  22.944  1.00 59.69 ? 41  G   B C6    1 
ATOM   873  O O6    . G   B 1 21 ? -2.319  -1.845  22.884  1.00 60.03 ? 41  G   B O6    1 
ATOM   874  N N1    . G   B 1 21 ? -3.529  0.066   22.760  1.00 59.47 ? 41  G   B N1    1 
ATOM   875  C C2    . G   B 1 21 ? -3.669  1.426   22.814  1.00 60.05 ? 41  G   B C2    1 
ATOM   876  N N2    . G   B 1 21 ? -4.910  1.900   22.619  1.00 59.96 ? 41  G   B N2    1 
ATOM   877  N N3    . G   B 1 21 ? -2.667  2.261   23.045  1.00 59.24 ? 41  G   B N3    1 
ATOM   878  C C4    . G   B 1 21 ? -1.500  1.609   23.220  1.00 59.90 ? 41  G   B C4    1 
ATOM   879  P P     . C   B 1 22 ? 0.529   4.768   28.133  1.00 80.39 ? 42  C   B P     1 
ATOM   880  O OP1   . C   B 1 22 ? 1.106   5.745   29.089  1.00 70.80 ? 42  C   B OP1   1 
ATOM   881  O OP2   . C   B 1 22 ? 0.680   3.316   28.391  1.00 72.55 ? 42  C   B OP2   1 
ATOM   882  O "O5'" . C   B 1 22 ? -1.021  5.090   27.938  1.00 79.13 ? 42  C   B "O5'" 1 
ATOM   883  C "C5'" . C   B 1 22 ? -1.998  4.601   28.847  1.00 79.59 ? 42  C   B "C5'" 1 
ATOM   884  C "C4'" . C   B 1 22 ? -3.366  4.686   28.222  1.00 80.40 ? 42  C   B "C4'" 1 
ATOM   885  O "O4'" . C   B 1 22 ? -3.279  4.183   26.868  1.00 80.89 ? 42  C   B "O4'" 1 
ATOM   886  C "C3'" . C   B 1 22 ? -4.438  3.842   28.893  1.00 81.34 ? 42  C   B "C3'" 1 
ATOM   887  O "O3'" . C   B 1 22 ? -5.091  4.478   30.002  1.00 81.66 ? 42  C   B "O3'" 1 
ATOM   888  C "C2'" . C   B 1 22 ? -5.383  3.548   27.741  1.00 80.84 ? 42  C   B "C2'" 1 
ATOM   889  O "O2'" . C   B 1 22 ? -6.215  4.643   27.450  1.00 82.17 ? 42  C   B "O2'" 1 
ATOM   890  C "C1'" . C   B 1 22 ? -4.395  3.359   26.591  1.00 80.38 ? 42  C   B "C1'" 1 
ATOM   891  N N1    . C   B 1 22 ? -3.908  1.978   26.465  1.00 71.44 ? 42  C   B N1    1 
ATOM   892  C C2    . C   B 1 22 ? -4.805  0.984   26.073  1.00 70.64 ? 42  C   B C2    1 
ATOM   893  O O2    . C   B 1 22 ? -5.985  1.303   25.838  1.00 71.71 ? 42  C   B O2    1 
ATOM   894  N N3    . C   B 1 22 ? -4.364  -0.290  25.959  1.00 68.94 ? 42  C   B N3    1 
ATOM   895  C C4    . C   B 1 22 ? -3.086  -0.583  26.211  1.00 69.44 ? 42  C   B C4    1 
ATOM   896  N N4    . C   B 1 22 ? -2.698  -1.855  26.083  1.00 69.18 ? 42  C   B N4    1 
ATOM   897  C C5    . C   B 1 22 ? -2.150  0.412   26.605  1.00 69.11 ? 42  C   B C5    1 
ATOM   898  C C6    . C   B 1 22 ? -2.599  1.665   26.724  1.00 70.86 ? 42  C   B C6    1 
HETATM 899  C C11   . JS5 C 2 .  ? 0.937   8.322   -11.722 1.00 46.05 ? 50  JS5 A C11   1 
HETATM 900  O O11   . JS5 C 2 .  ? 1.040   8.771   -13.044 1.00 48.70 ? 50  JS5 A O11   1 
HETATM 901  C C21   . JS5 C 2 .  ? -0.299  9.004   -11.008 1.00 45.68 ? 50  JS5 A C21   1 
HETATM 902  N N21   . JS5 C 2 .  ? -1.508  8.768   -11.797 1.00 45.03 ? 50  JS5 A N21   1 
HETATM 903  C C31   . JS5 C 2 .  ? -0.013  10.569  -10.813 1.00 45.64 ? 50  JS5 A C31   1 
HETATM 904  O O31   . JS5 C 2 .  ? -1.137  11.169  -10.179 1.00 44.82 ? 50  JS5 A O31   1 
HETATM 905  C C41   . JS5 C 2 .  ? 1.280   10.729  -9.963  1.00 46.61 ? 50  JS5 A C41   1 
HETATM 906  O O41   . JS5 C 2 .  ? 1.602   12.161  -9.753  1.00 49.17 ? 50  JS5 A O41   1 
HETATM 907  C C51   . JS5 C 2 .  ? 2.504   10.036  -10.684 1.00 46.96 ? 50  JS5 A C51   1 
HETATM 908  O O51   . JS5 C 2 .  ? 2.127   8.642   -10.870 1.00 46.17 ? 50  JS5 A O51   1 
HETATM 909  C C61   . JS5 C 2 .  ? 3.687   10.199  -9.821  1.00 46.69 ? 50  JS5 A C61   1 
HETATM 910  O O61   . JS5 C 2 .  ? 4.752   9.628   -10.396 1.00 47.57 ? 50  JS5 A O61   1 
HETATM 911  C C12   . JS5 C 2 .  ? 2.711   7.434   -16.881 1.00 53.09 ? 50  JS5 A C12   1 
HETATM 912  N N12   . JS5 C 2 .  ? 3.612   6.758   -17.853 1.00 54.47 ? 50  JS5 A N12   1 
HETATM 913  C C22   . JS5 C 2 .  ? 3.582   8.370   -15.928 1.00 52.84 ? 50  JS5 A C22   1 
HETATM 914  C C32   . JS5 C 2 .  ? 2.634   9.129   -14.840 1.00 50.45 ? 50  JS5 A C32   1 
HETATM 915  N N32   . JS5 C 2 .  ? 3.403   9.975   -13.976 1.00 50.95 ? 50  JS5 A N32   1 
HETATM 916  C C42   . JS5 C 2 .  ? 1.854   8.070   -13.973 1.00 51.15 ? 50  JS5 A C42   1 
HETATM 917  C C52   . JS5 C 2 .  ? 1.025   7.171   -14.953 1.00 52.46 ? 50  JS5 A C52   1 
HETATM 918  O O52   . JS5 C 2 .  ? 0.356   6.284   -14.070 1.00 52.86 ? 50  JS5 A O52   1 
HETATM 919  C C62   . JS5 C 2 .  ? 1.981   6.414   -15.970 1.00 52.62 ? 50  JS5 A C62   1 
HETATM 920  O O62   . JS5 C 2 .  ? 1.234   5.626   -16.836 1.00 53.11 ? 50  JS5 A O62   1 
HETATM 921  C C13   . JS5 C 2 .  ? -1.005  5.946   -14.318 1.00 53.18 ? 50  JS5 A C13   1 
HETATM 922  O O13   . JS5 C 2 .  ? -1.861  6.332   -13.231 1.00 52.11 ? 50  JS5 A O13   1 
HETATM 923  C C23   . JS5 C 2 .  ? -1.185  4.437   -14.502 1.00 54.73 ? 50  JS5 A C23   1 
HETATM 924  O O23   . JS5 C 2 .  ? -2.410  4.356   -15.367 1.00 56.64 ? 50  JS5 A O23   1 
HETATM 925  C C33   . JS5 C 2 .  ? -1.236  4.049   -13.008 1.00 53.38 ? 50  JS5 A C33   1 
HETATM 926  O O33   . JS5 C 2 .  ? -1.717  2.755   -12.690 1.00 54.42 ? 50  JS5 A O33   1 
HETATM 927  C C43   . JS5 C 2 .  ? -2.053  5.190   -12.371 1.00 50.30 ? 50  JS5 A C43   1 
HETATM 928  C C53   . JS5 C 2 .  ? -1.543  5.597   -10.982 1.00 48.38 ? 50  JS5 A C53   1 
HETATM 929  O O53   . JS5 C 2 .  ? -0.399  4.920   -10.514 1.00 49.35 ? 50  JS5 A O53   1 
HETATM 930  C C63   . JS5 C 2 .  ? -3.785  3.932   -15.006 1.00 59.62 ? 50  JS5 A C63   1 
HETATM 931  C C73   . JS5 C 2 .  ? -4.672  4.064   -16.259 1.00 62.65 ? 50  JS5 A C73   1 
HETATM 932  N N73   . JS5 C 2 .  ? -5.656  5.187   -16.065 1.00 67.37 ? 50  JS5 A N73   1 
HETATM 933  C C83   . JS5 C 2 .  ? -6.540  5.561   -17.288 1.00 70.01 ? 50  JS5 A C83   1 
HETATM 934  C C15   . JS5 C 2 .  ? -8.089  5.822   -16.906 1.00 72.26 ? 50  JS5 A C15   1 
HETATM 935  C C25   . JS5 C 2 .  ? -9.020  6.028   -17.980 1.00 73.08 ? 50  JS5 A C25   1 
HETATM 936  N N25   . JS5 C 2 .  ? -10.398 6.263   -17.697 1.00 74.30 ? 50  JS5 A N25   1 
HETATM 937  C C35   . JS5 C 2 .  ? -10.921 6.305   -16.373 1.00 74.27 ? 50  JS5 A C35   1 
HETATM 938  C C45   . JS5 C 2 .  ? -10.049 6.109   -15.269 1.00 74.30 ? 50  JS5 A C45   1 
HETATM 939  C C55   . JS5 C 2 .  ? -8.601  5.861   -15.511 1.00 72.71 ? 50  JS5 A C55   1 
HETATM 940  C C14   . JS5 C 2 .  ? -0.904  1.842   -11.930 1.00 55.16 ? 50  JS5 A C14   1 
HETATM 941  C C24   . JS5 C 2 .  ? -1.292  0.353   -12.430 1.00 56.34 ? 50  JS5 A C24   1 
HETATM 942  N N24   . JS5 C 2 .  ? -2.752  0.134   -12.185 1.00 56.07 ? 50  JS5 A N24   1 
HETATM 943  C C34   . JS5 C 2 .  ? -0.434  -0.662  -11.623 1.00 57.04 ? 50  JS5 A C34   1 
HETATM 944  O O34   . JS5 C 2 .  ? 0.957   -0.330  -11.963 1.00 57.62 ? 50  JS5 A O34   1 
HETATM 945  C C44   . JS5 C 2 .  ? -0.724  -0.496  -10.028 1.00 57.34 ? 50  JS5 A C44   1 
HETATM 946  O O44   . JS5 C 2 .  ? -2.113  -0.828  -9.677  1.00 59.73 ? 50  JS5 A O44   1 
HETATM 947  C C54   . JS5 C 2 .  ? -0.405  1.002   -9.582  1.00 57.93 ? 50  JS5 A C54   1 
HETATM 948  O O54   . JS5 C 2 .  ? -1.222  1.947   -10.441 1.00 56.00 ? 50  JS5 A O54   1 
HETATM 949  C C64   . JS5 C 2 .  ? -0.728  1.098   -8.061  1.00 58.09 ? 50  JS5 A C64   1 
HETATM 950  N N64   . JS5 C 2 .  ? -0.463  2.427   -7.569  1.00 61.48 ? 50  JS5 A N64   1 
HETATM 951  C C11   . JS5 D 2 .  ? -0.924  -8.471  12.079  1.00 46.45 ? 51  JS5 B C11   1 
HETATM 952  O O11   . JS5 D 2 .  ? -1.010  -8.916  13.412  1.00 49.11 ? 51  JS5 B O11   1 
HETATM 953  C C21   . JS5 D 2 .  ? -1.811  -9.364  11.118  1.00 45.63 ? 51  JS5 B C21   1 
HETATM 954  N N21   . JS5 D 2 .  ? -3.187  -9.410  11.616  1.00 44.63 ? 51  JS5 B N21   1 
HETATM 955  C C31   . JS5 D 2 .  ? -1.169  -10.823 10.996  1.00 45.96 ? 51  JS5 B C31   1 
HETATM 956  O O31   . JS5 D 2 .  ? -1.982  -11.608 10.138  1.00 45.31 ? 51  JS5 B O31   1 
HETATM 957  C C41   . JS5 D 2 .  ? 0.282   -10.682 10.451  1.00 47.02 ? 51  JS5 B C41   1 
HETATM 958  O O41   . JS5 D 2 .  ? 0.933   -12.008 10.320  1.00 49.61 ? 51  JS5 B O41   1 
HETATM 959  C C51   . JS5 D 2 .  ? 1.149   -9.790  11.421  1.00 46.98 ? 51  JS5 B C51   1 
HETATM 960  O O51   . JS5 D 2 .  ? 0.460   -8.513  11.511  1.00 46.39 ? 51  JS5 B O51   1 
HETATM 961  C C61   . JS5 D 2 .  ? 2.498   -9.676  10.844  1.00 47.30 ? 51  JS5 B C61   1 
HETATM 962  O O61   . JS5 D 2 .  ? 3.266   -8.931  11.649  1.00 48.46 ? 51  JS5 B O61   1 
HETATM 963  C C12   . JS5 D 2 .  ? -0.637  -7.157  17.429  1.00 52.61 ? 51  JS5 B C12   1 
HETATM 964  N N12   . JS5 D 2 .  ? -0.147  -6.280  18.529  1.00 53.27 ? 51  JS5 B N12   1 
HETATM 965  C C22   . JS5 D 2 .  ? 0.597   -7.957  16.809  1.00 51.91 ? 51  JS5 B C22   1 
HETATM 966  C C32   . JS5 D 2 .  ? 0.102   -8.923  15.587  1.00 50.10 ? 51  JS5 B C32   1 
HETATM 967  N N32   . JS5 D 2 .  ? 1.203   -9.650  15.022  1.00 50.02 ? 51  JS5 B N32   1 
HETATM 968  C C42   . JS5 D 2 .  ? -0.592  -8.051  14.461  1.00 51.07 ? 51  JS5 B C42   1 
HETATM 969  C C52   . JS5 D 2 .  ? -1.787  -7.280  15.123  1.00 52.69 ? 51  JS5 B C52   1 
HETATM 970  O O52   . JS5 D 2 .  ? -2.336  -6.551  14.032  1.00 53.67 ? 51  JS5 B O52   1 
HETATM 971  C C62   . JS5 D 2 .  ? -1.267  -6.330  16.283  1.00 52.35 ? 51  JS5 B C62   1 
HETATM 972  O O62   . JS5 D 2 .  ? -2.338  -5.662  16.866  1.00 53.03 ? 51  JS5 B O62   1 
HETATM 973  C C13   . JS5 D 2 .  ? -3.746  -6.389  13.914  1.00 54.71 ? 51  JS5 B C13   1 
HETATM 974  O O13   . JS5 D 2 .  ? -4.244  -6.942  12.679  1.00 53.40 ? 51  JS5 B O13   1 
HETATM 975  C C23   . JS5 D 2 .  ? -4.143  -4.904  13.926  1.00 56.84 ? 51  JS5 B C23   1 
HETATM 976  O O23   . JS5 D 2 .  ? -5.535  -4.919  14.474  1.00 59.73 ? 51  JS5 B O23   1 
HETATM 977  C C33   . JS5 D 2 .  ? -3.910  -4.585  12.437  1.00 55.63 ? 51  JS5 B C33   1 
HETATM 978  O O33   . JS5 D 2 .  ? -4.502  -3.398  11.931  1.00 56.41 ? 51  JS5 B O33   1 
HETATM 979  C C43   . JS5 D 2 .  ? -4.377  -5.874  11.719  1.00 51.72 ? 51  JS5 B C43   1 
HETATM 980  C C53   . JS5 D 2 .  ? -3.489  -6.231  10.528  1.00 48.81 ? 51  JS5 B C53   1 
HETATM 981  O O53   . JS5 D 2 .  ? -2.398  -5.370  10.306  1.00 48.63 ? 51  JS5 B O53   1 
HETATM 982  C C63   . JS5 D 2 .  ? -6.806  -4.654  13.760  1.00 64.48 ? 51  JS5 B C63   1 
HETATM 983  C C73   . JS5 D 2 .  ? -7.941  -4.829  14.774  1.00 68.48 ? 51  JS5 B C73   1 
HETATM 984  N N73   . JS5 D 2 .  ? -8.490  -6.220  14.672  1.00 72.31 ? 51  JS5 B N73   1 
HETATM 985  C C83   . JS5 D 2 .  ? -10.011 -6.362  14.945  1.00 76.75 ? 51  JS5 B C83   1 
HETATM 986  C C15   . JS5 D 2 .  ? -10.657 -7.661  14.254  1.00 79.75 ? 51  JS5 B C15   1 
HETATM 987  C C25   . JS5 D 2 .  ? -10.256 -7.998  12.920  1.00 80.74 ? 51  JS5 B C25   1 
HETATM 988  N N25   . JS5 D 2 .  ? -10.813 -9.140  12.286  1.00 82.22 ? 51  JS5 B N25   1 
HETATM 989  C C35   . JS5 D 2 .  ? -11.767 -9.989  12.917  1.00 82.67 ? 51  JS5 B C35   1 
HETATM 990  C C45   . JS5 D 2 .  ? -12.201 -9.705  14.235  1.00 82.08 ? 51  JS5 B C45   1 
HETATM 991  C C55   . JS5 D 2 .  ? -11.649 -8.525  14.940  1.00 80.83 ? 51  JS5 B C55   1 
HETATM 992  C C14   . JS5 D 2 .  ? -3.674  -2.337  11.422  1.00 57.39 ? 51  JS5 B C14   1 
HETATM 993  C C24   . JS5 D 2 .  ? -4.318  -0.935  11.932  1.00 58.74 ? 51  JS5 B C24   1 
HETATM 994  N N24   . JS5 D 2 .  ? -5.722  -0.835  11.418  1.00 56.99 ? 51  JS5 B N24   1 
HETATM 995  C C34   . JS5 D 2 .  ? -3.438  0.226   11.375  1.00 60.03 ? 51  JS5 B C34   1 
HETATM 996  O O34   . JS5 D 2 .  ? -2.097  0.038   11.954  1.00 62.73 ? 51  JS5 B O34   1 
HETATM 997  C C44   . JS5 D 2 .  ? -3.392  0.159   9.751   1.00 60.27 ? 51  JS5 B C44   1 
HETATM 998  O O44   . JS5 D 2 .  ? -4.729  0.345   9.166   1.00 61.75 ? 51  JS5 B O44   1 
HETATM 999  C C54   . JS5 D 2 .  ? -2.799  -1.253  9.294   1.00 60.45 ? 51  JS5 B C54   1 
HETATM 1000 O O54   . JS5 D 2 .  ? -3.654  -2.350  9.894   1.00 59.11 ? 51  JS5 B O54   1 
HETATM 1001 C C64   . JS5 D 2 .  ? -2.790  -1.263  7.741   1.00 61.09 ? 51  JS5 B C64   1 
HETATM 1002 N N64   . JS5 D 2 .  ? -2.266  -2.511  7.245   1.00 65.99 ? 51  JS5 B N64   1 
HETATM 1003 O O     . HOH E 3 .  ? 0.141   -2.626  10.526  1.00 81.45 ? 100 HOH A O     1 
HETATM 1004 O O     . HOH E 3 .  ? 1.972   2.928   -10.211 1.00 70.68 ? 101 HOH A O     1 
HETATM 1005 O O     . HOH E 3 .  ? -11.577 -4.173  16.626  1.00 81.45 ? 102 HOH A O     1 
HETATM 1006 O O     . HOH E 3 .  ? 11.460  -0.279  -15.251 1.00 57.54 ? 103 HOH A O     1 
HETATM 1007 O O     . HOH E 3 .  ? -0.878  -2.329  -3.837  1.00 52.69 ? 104 HOH A O     1 
HETATM 1008 O O     . HOH E 3 .  ? 8.852   16.592  -17.362 1.00 45.58 ? 106 HOH A O     1 
HETATM 1009 O O     . HOH E 3 .  ? -0.769  0.343   -4.964  1.00 65.86 ? 108 HOH A O     1 
HETATM 1010 O O     . HOH E 3 .  ? -4.997  4.677   -12.101 1.00 81.45 ? 112 HOH A O     1 
HETATM 1011 O O     . HOH E 3 .  ? 10.787  8.781   -21.460 1.00 62.69 ? 114 HOH A O     1 
HETATM 1012 O O     . HOH E 3 .  ? 15.468  -3.567  -24.346 1.00 69.34 ? 115 HOH A O     1 
HETATM 1013 O O     . HOH E 3 .  ? -11.931 2.013   -5.012  1.00 76.73 ? 116 HOH A O     1 
HETATM 1014 O O     . HOH E 3 .  ? 8.421   15.094  -12.119 1.00 69.05 ? 117 HOH A O     1 
HETATM 1015 O O     . HOH E 3 .  ? -10.784 0.191   25.158  1.00 66.44 ? 120 HOH A O     1 
HETATM 1016 O O     . HOH E 3 .  ? -6.733  -13.221 23.320  1.00 65.42 ? 122 HOH A O     1 
HETATM 1017 O O     . HOH E 3 .  ? 6.132   6.295   -20.229 1.00 63.03 ? 123 HOH A O     1 
HETATM 1018 O O     . HOH E 3 .  ? -4.806  1.522   -13.446 1.00 62.52 ? 124 HOH A O     1 
HETATM 1019 O O     . HOH E 3 .  ? -0.033  -2.048  -6.646  1.00 59.43 ? 125 HOH A O     1 
HETATM 1020 O O     . HOH E 3 .  ? -1.636  -2.683  13.301  1.00 79.60 ? 126 HOH A O     1 
HETATM 1021 O O     . HOH E 3 .  ? -13.432 -5.847  15.674  1.00 79.60 ? 127 HOH A O     1 
HETATM 1022 O O     . HOH E 3 .  ? -1.614  -6.553  -28.271 1.00 73.92 ? 128 HOH A O     1 
HETATM 1023 O O     . HOH E 3 .  ? -9.279  -0.253  13.508  1.00 64.35 ? 132 HOH A O     1 
HETATM 1024 O O     . HOH E 3 .  ? -13.553 -1.024  16.473  1.00 60.95 ? 133 HOH A O     1 
HETATM 1025 O O     . HOH E 3 .  ? -6.149  7.167   -13.809 1.00 79.60 ? 135 HOH A O     1 
HETATM 1026 O O     . HOH E 3 .  ? -12.287 5.050   -5.105  1.00 69.55 ? 136 HOH A O     1 
HETATM 1027 O O     . HOH E 3 .  ? -0.886  10.997  -14.679 1.00 46.02 ? 137 HOH A O     1 
HETATM 1028 O O     . HOH E 3 .  ? 7.457   6.613   -22.566 1.00 71.25 ? 143 HOH A O     1 
HETATM 1029 O O     . HOH F 3 .  ? 6.623   1.772   17.826  1.00 70.40 ? 105 HOH B O     1 
HETATM 1030 O O     . HOH F 3 .  ? -2.094  -0.902  4.689   1.00 56.17 ? 107 HOH B O     1 
HETATM 1031 O O     . HOH F 3 .  ? -3.261  -6.946  -15.474 1.00 48.42 ? 109 HOH B O     1 
HETATM 1032 O O     . HOH F 3 .  ? -8.789  4.028   9.831   1.00 64.27 ? 110 HOH B O     1 
HETATM 1033 O O     . HOH F 3 .  ? -7.230  -13.911 11.256  1.00 46.98 ? 111 HOH B O     1 
HETATM 1034 O O     . HOH F 3 .  ? -3.697  -1.284  -26.869 1.00 52.68 ? 113 HOH B O     1 
HETATM 1035 O O     . HOH F 3 .  ? -5.735  8.199   -19.192 1.00 81.45 ? 118 HOH B O     1 
HETATM 1036 O O     . HOH F 3 .  ? -12.109 -3.476  1.868   1.00 80.38 ? 119 HOH B O     1 
HETATM 1037 O O     . HOH F 3 .  ? -9.581  -2.435  -0.072  1.00 60.57 ? 121 HOH B O     1 
HETATM 1038 O O     . HOH F 3 .  ? -5.231  0.242   6.074   1.00 72.23 ? 129 HOH B O     1 
HETATM 1039 O O     . HOH F 3 .  ? 2.539   -5.124  -7.549  1.00 62.32 ? 130 HOH B O     1 
HETATM 1040 O O     . HOH F 3 .  ? -3.663  11.825  5.798   1.00 64.80 ? 131 HOH B O     1 
HETATM 1041 O O     . HOH F 3 .  ? -8.227  3.173   25.530  1.00 56.23 ? 134 HOH B O     1 
HETATM 1042 O O     . HOH F 3 .  ? -5.716  -0.825  -14.872 1.00 55.12 ? 138 HOH B O     1 
HETATM 1043 O O     . HOH F 3 .  ? -8.792  -1.527  -19.078 1.00 56.22 ? 139 HOH B O     1 
HETATM 1044 O O     . HOH F 3 .  ? 2.774   2.719   -4.465  1.00 52.42 ? 140 HOH B O     1 
HETATM 1045 O O     . HOH F 3 .  ? -5.907  -6.585  -15.429 1.00 63.23 ? 141 HOH B O     1 
HETATM 1046 O O     . HOH F 3 .  ? -13.362 -7.381  5.553   1.00 77.36 ? 142 HOH B O     1 
# 
